data_3MSE
# 
_entry.id   3MSE 
# 
_audit_conform.dict_name       mmcif_pdbx.dic 
_audit_conform.dict_version    5.387 
_audit_conform.dict_location   http://mmcif.pdb.org/dictionaries/ascii/mmcif_pdbx.dic 
# 
loop_
_database_2.database_id 
_database_2.database_code 
_database_2.pdbx_database_accession 
_database_2.pdbx_DOI 
PDB   3MSE         pdb_00003mse 10.2210/pdb3mse/pdb 
RCSB  RCSB058939   ?            ?                   
WWPDB D_1000058939 ?            ?                   
# 
loop_
_pdbx_audit_revision_history.ordinal 
_pdbx_audit_revision_history.data_content_type 
_pdbx_audit_revision_history.major_revision 
_pdbx_audit_revision_history.minor_revision 
_pdbx_audit_revision_history.revision_date 
1 'Structure model' 1 0 2010-06-23 
2 'Structure model' 1 1 2011-07-13 
3 'Structure model' 1 2 2012-06-20 
4 'Structure model' 1 3 2017-11-08 
5 'Structure model' 1 4 2024-02-21 
# 
_pdbx_audit_revision_details.ordinal             1 
_pdbx_audit_revision_details.revision_ordinal    1 
_pdbx_audit_revision_details.data_content_type   'Structure model' 
_pdbx_audit_revision_details.provider            repository 
_pdbx_audit_revision_details.type                'Initial release' 
_pdbx_audit_revision_details.description         ? 
_pdbx_audit_revision_details.details             ? 
# 
loop_
_pdbx_audit_revision_group.ordinal 
_pdbx_audit_revision_group.revision_ordinal 
_pdbx_audit_revision_group.data_content_type 
_pdbx_audit_revision_group.group 
1 2 'Structure model' 'Version format compliance' 
2 3 'Structure model' 'Database references'       
3 4 'Structure model' 'Refinement description'    
4 5 'Structure model' 'Data collection'           
5 5 'Structure model' 'Database references'       
6 5 'Structure model' 'Derived calculations'      
# 
loop_
_pdbx_audit_revision_category.ordinal 
_pdbx_audit_revision_category.revision_ordinal 
_pdbx_audit_revision_category.data_content_type 
_pdbx_audit_revision_category.category 
1 4 'Structure model' software               
2 5 'Structure model' chem_comp_atom         
3 5 'Structure model' chem_comp_bond         
4 5 'Structure model' database_2             
5 5 'Structure model' pdbx_struct_conn_angle 
6 5 'Structure model' struct_conn            
7 5 'Structure model' struct_ref_seq_dif     
8 5 'Structure model' struct_site            
# 
loop_
_pdbx_audit_revision_item.ordinal 
_pdbx_audit_revision_item.revision_ordinal 
_pdbx_audit_revision_item.data_content_type 
_pdbx_audit_revision_item.item 
1  5 'Structure model' '_database_2.pdbx_DOI'                        
2  5 'Structure model' '_database_2.pdbx_database_accession'         
3  5 'Structure model' '_pdbx_struct_conn_angle.ptnr1_auth_comp_id'  
4  5 'Structure model' '_pdbx_struct_conn_angle.ptnr1_auth_seq_id'   
5  5 'Structure model' '_pdbx_struct_conn_angle.ptnr1_label_asym_id' 
6  5 'Structure model' '_pdbx_struct_conn_angle.ptnr1_label_atom_id' 
7  5 'Structure model' '_pdbx_struct_conn_angle.ptnr1_label_comp_id' 
8  5 'Structure model' '_pdbx_struct_conn_angle.ptnr1_label_seq_id'  
9  5 'Structure model' '_pdbx_struct_conn_angle.ptnr3_auth_comp_id'  
10 5 'Structure model' '_pdbx_struct_conn_angle.ptnr3_auth_seq_id'   
11 5 'Structure model' '_pdbx_struct_conn_angle.ptnr3_label_asym_id' 
12 5 'Structure model' '_pdbx_struct_conn_angle.ptnr3_label_atom_id' 
13 5 'Structure model' '_pdbx_struct_conn_angle.ptnr3_label_comp_id' 
14 5 'Structure model' '_pdbx_struct_conn_angle.ptnr3_label_seq_id'  
15 5 'Structure model' '_pdbx_struct_conn_angle.value'               
16 5 'Structure model' '_struct_conn.pdbx_dist_value'                
17 5 'Structure model' '_struct_conn.ptnr1_auth_comp_id'             
18 5 'Structure model' '_struct_conn.ptnr1_auth_seq_id'              
19 5 'Structure model' '_struct_conn.ptnr1_label_asym_id'            
20 5 'Structure model' '_struct_conn.ptnr1_label_atom_id'            
21 5 'Structure model' '_struct_conn.ptnr1_label_comp_id'            
22 5 'Structure model' '_struct_conn.ptnr1_label_seq_id'             
23 5 'Structure model' '_struct_conn.ptnr2_auth_comp_id'             
24 5 'Structure model' '_struct_conn.ptnr2_auth_seq_id'              
25 5 'Structure model' '_struct_conn.ptnr2_label_asym_id'            
26 5 'Structure model' '_struct_conn.ptnr2_label_atom_id'            
27 5 'Structure model' '_struct_conn.ptnr2_label_comp_id'            
28 5 'Structure model' '_struct_ref_seq_dif.details'                 
29 5 'Structure model' '_struct_site.pdbx_auth_asym_id'              
30 5 'Structure model' '_struct_site.pdbx_auth_comp_id'              
31 5 'Structure model' '_struct_site.pdbx_auth_seq_id'               
# 
_pdbx_database_status.entry_id                        3MSE 
_pdbx_database_status.deposit_site                    RCSB 
_pdbx_database_status.process_site                    RCSB 
_pdbx_database_status.recvd_initial_deposition_date   2010-04-29 
_pdbx_database_status.status_code                     REL 
_pdbx_database_status.status_code_sf                  REL 
_pdbx_database_status.status_code_mr                  ? 
_pdbx_database_status.SG_entry                        Y 
_pdbx_database_status.status_code_cs                  ? 
_pdbx_database_status.methods_development_category    ? 
_pdbx_database_status.pdb_format_compatible           Y 
_pdbx_database_status.status_code_nmr_data            ? 
# 
loop_
_audit_author.name 
_audit_author.pdbx_ordinal 
'Wernimont, A.K.'                      1  
'Artz, J.D.'                           2  
'Hutchinson, A.'                       3  
'Sullivan, H.'                         4  
'Weadge, J.'                           5  
'Tempel, W.'                           6  
'Bochkarev, A.'                        7  
'Arrowsmith, C.H.'                     8  
'Edwards, A.M.'                        9  
'Bountra, C.'                          10 
'Weigelt, J.'                          11 
'Hui, R.'                              12 
'Lin, Y.H.'                            13 
'Neculai, A.M.'                        14 
'Amani, M.'                            15 
'Structural Genomics Consortium (SGC)' 16 
# 
_citation.id                        primary 
_citation.title                     'Crystal structure of C-terminal domain of PF110239' 
_citation.journal_abbrev            'To be Published' 
_citation.journal_volume            ? 
_citation.page_first                ? 
_citation.page_last                 ? 
_citation.year                      ? 
_citation.journal_id_ASTM           ? 
_citation.country                   ? 
_citation.journal_id_ISSN           ? 
_citation.journal_id_CSD            0353 
_citation.book_publisher            ? 
_citation.pdbx_database_id_PubMed   ? 
_citation.pdbx_database_id_DOI      ? 
# 
loop_
_citation_author.citation_id 
_citation_author.name 
_citation_author.ordinal 
_citation_author.identifier_ORCID 
primary 'Wernimont, A.K.'                      1  ? 
primary 'Artz, J.D.'                           2  ? 
primary 'Hutchinson, A.'                       3  ? 
primary 'Sullivan, H.'                         4  ? 
primary 'Weadge, J.'                           5  ? 
primary 'Tempel, W.'                           6  ? 
primary 'Bochkarev, A.'                        7  ? 
primary 'Arrowsmith, C.H.'                     8  ? 
primary 'Edwards, A.M.'                        9  ? 
primary 'Bountra, C.'                          10 ? 
primary 'Weigelt, J.'                          11 ? 
primary 'Hui, R.'                              12 ? 
primary 'Lin, Y.H.'                            13 ? 
primary 'Neculai, A.M.'                        14 ? 
primary 'Amani, M.'                            15 ? 
primary 'Structural Genomics Consortium (SGC)' 16 ? 
# 
loop_
_entity.id 
_entity.type 
_entity.src_method 
_entity.pdbx_description 
_entity.formula_weight 
_entity.pdbx_number_of_molecules 
_entity.pdbx_ec 
_entity.pdbx_mutation 
_entity.pdbx_fragment 
_entity.details 
1 polymer     man 'Calcium-dependent protein kinase, putative' 20988.006 1  ? ? 
'C-TERMINAL DOMAIN OF PF110239 (UNP residues 1439:1617)' ? 
2 non-polymer syn 'CALCIUM ION'                                40.078    2  ? ? ? ? 
3 non-polymer syn 'SULFATE ION'                                96.063    2  ? ? ? ? 
4 water       nat water                                        18.015    58 ? ? ? ? 
# 
_entity_poly.entity_id                      1 
_entity_poly.type                           'polypeptide(L)' 
_entity_poly.nstd_linkage                   no 
_entity_poly.nstd_monomer                   no 
_entity_poly.pdbx_seq_one_letter_code       
;GISPNVLNNMKSYMKHSNIRNIIINIMAHELSVINNHIKYINELFYKLDTNHNGSLSHREIYTVLASVGIKKWDINRILQ
ALDINDRGNITYTEFMAGCYRWKNIESTFLKAAFNKIDKDEDGYISKSDIVSLVHDKVLDNNDIDNFFLSVHSIKKGIPR
EHIINKISFQEFKDYMLSTF
;
_entity_poly.pdbx_seq_one_letter_code_can   
;GISPNVLNNMKSYMKHSNIRNIIINIMAHELSVINNHIKYINELFYKLDTNHNGSLSHREIYTVLASVGIKKWDINRILQ
ALDINDRGNITYTEFMAGCYRWKNIESTFLKAAFNKIDKDEDGYISKSDIVSLVHDKVLDNNDIDNFFLSVHSIKKGIPR
EHIINKISFQEFKDYMLSTF
;
_entity_poly.pdbx_strand_id                 B 
_entity_poly.pdbx_target_identifier         ? 
# 
loop_
_pdbx_entity_nonpoly.entity_id 
_pdbx_entity_nonpoly.name 
_pdbx_entity_nonpoly.comp_id 
2 'CALCIUM ION' CA  
3 'SULFATE ION' SO4 
4 water         HOH 
# 
loop_
_entity_poly_seq.entity_id 
_entity_poly_seq.num 
_entity_poly_seq.mon_id 
_entity_poly_seq.hetero 
1 1   GLY n 
1 2   ILE n 
1 3   SER n 
1 4   PRO n 
1 5   ASN n 
1 6   VAL n 
1 7   LEU n 
1 8   ASN n 
1 9   ASN n 
1 10  MET n 
1 11  LYS n 
1 12  SER n 
1 13  TYR n 
1 14  MET n 
1 15  LYS n 
1 16  HIS n 
1 17  SER n 
1 18  ASN n 
1 19  ILE n 
1 20  ARG n 
1 21  ASN n 
1 22  ILE n 
1 23  ILE n 
1 24  ILE n 
1 25  ASN n 
1 26  ILE n 
1 27  MET n 
1 28  ALA n 
1 29  HIS n 
1 30  GLU n 
1 31  LEU n 
1 32  SER n 
1 33  VAL n 
1 34  ILE n 
1 35  ASN n 
1 36  ASN n 
1 37  HIS n 
1 38  ILE n 
1 39  LYS n 
1 40  TYR n 
1 41  ILE n 
1 42  ASN n 
1 43  GLU n 
1 44  LEU n 
1 45  PHE n 
1 46  TYR n 
1 47  LYS n 
1 48  LEU n 
1 49  ASP n 
1 50  THR n 
1 51  ASN n 
1 52  HIS n 
1 53  ASN n 
1 54  GLY n 
1 55  SER n 
1 56  LEU n 
1 57  SER n 
1 58  HIS n 
1 59  ARG n 
1 60  GLU n 
1 61  ILE n 
1 62  TYR n 
1 63  THR n 
1 64  VAL n 
1 65  LEU n 
1 66  ALA n 
1 67  SER n 
1 68  VAL n 
1 69  GLY n 
1 70  ILE n 
1 71  LYS n 
1 72  LYS n 
1 73  TRP n 
1 74  ASP n 
1 75  ILE n 
1 76  ASN n 
1 77  ARG n 
1 78  ILE n 
1 79  LEU n 
1 80  GLN n 
1 81  ALA n 
1 82  LEU n 
1 83  ASP n 
1 84  ILE n 
1 85  ASN n 
1 86  ASP n 
1 87  ARG n 
1 88  GLY n 
1 89  ASN n 
1 90  ILE n 
1 91  THR n 
1 92  TYR n 
1 93  THR n 
1 94  GLU n 
1 95  PHE n 
1 96  MET n 
1 97  ALA n 
1 98  GLY n 
1 99  CYS n 
1 100 TYR n 
1 101 ARG n 
1 102 TRP n 
1 103 LYS n 
1 104 ASN n 
1 105 ILE n 
1 106 GLU n 
1 107 SER n 
1 108 THR n 
1 109 PHE n 
1 110 LEU n 
1 111 LYS n 
1 112 ALA n 
1 113 ALA n 
1 114 PHE n 
1 115 ASN n 
1 116 LYS n 
1 117 ILE n 
1 118 ASP n 
1 119 LYS n 
1 120 ASP n 
1 121 GLU n 
1 122 ASP n 
1 123 GLY n 
1 124 TYR n 
1 125 ILE n 
1 126 SER n 
1 127 LYS n 
1 128 SER n 
1 129 ASP n 
1 130 ILE n 
1 131 VAL n 
1 132 SER n 
1 133 LEU n 
1 134 VAL n 
1 135 HIS n 
1 136 ASP n 
1 137 LYS n 
1 138 VAL n 
1 139 LEU n 
1 140 ASP n 
1 141 ASN n 
1 142 ASN n 
1 143 ASP n 
1 144 ILE n 
1 145 ASP n 
1 146 ASN n 
1 147 PHE n 
1 148 PHE n 
1 149 LEU n 
1 150 SER n 
1 151 VAL n 
1 152 HIS n 
1 153 SER n 
1 154 ILE n 
1 155 LYS n 
1 156 LYS n 
1 157 GLY n 
1 158 ILE n 
1 159 PRO n 
1 160 ARG n 
1 161 GLU n 
1 162 HIS n 
1 163 ILE n 
1 164 ILE n 
1 165 ASN n 
1 166 LYS n 
1 167 ILE n 
1 168 SER n 
1 169 PHE n 
1 170 GLN n 
1 171 GLU n 
1 172 PHE n 
1 173 LYS n 
1 174 ASP n 
1 175 TYR n 
1 176 MET n 
1 177 LEU n 
1 178 SER n 
1 179 THR n 
1 180 PHE n 
# 
_entity_src_gen.entity_id                          1 
_entity_src_gen.pdbx_src_id                        1 
_entity_src_gen.pdbx_alt_source_flag               sample 
_entity_src_gen.pdbx_seq_type                      ? 
_entity_src_gen.pdbx_beg_seq_num                   ? 
_entity_src_gen.pdbx_end_seq_num                   ? 
_entity_src_gen.gene_src_common_name               ? 
_entity_src_gen.gene_src_genus                     ? 
_entity_src_gen.pdbx_gene_src_gene                 PF11_0239 
_entity_src_gen.gene_src_species                   ? 
_entity_src_gen.gene_src_strain                    ? 
_entity_src_gen.gene_src_tissue                    ? 
_entity_src_gen.gene_src_tissue_fraction           ? 
_entity_src_gen.gene_src_details                   ? 
_entity_src_gen.pdbx_gene_src_fragment             ? 
_entity_src_gen.pdbx_gene_src_scientific_name      'Plasmodium falciparum' 
_entity_src_gen.pdbx_gene_src_ncbi_taxonomy_id     5833 
_entity_src_gen.pdbx_gene_src_variant              ? 
_entity_src_gen.pdbx_gene_src_cell_line            ? 
_entity_src_gen.pdbx_gene_src_atcc                 ? 
_entity_src_gen.pdbx_gene_src_organ                ? 
_entity_src_gen.pdbx_gene_src_organelle            ? 
_entity_src_gen.pdbx_gene_src_cell                 ? 
_entity_src_gen.pdbx_gene_src_cellular_location    ? 
_entity_src_gen.host_org_common_name               ? 
_entity_src_gen.pdbx_host_org_scientific_name      'Escherichia coli' 
_entity_src_gen.pdbx_host_org_ncbi_taxonomy_id     469008 
_entity_src_gen.host_org_genus                     ? 
_entity_src_gen.pdbx_host_org_gene                 ? 
_entity_src_gen.pdbx_host_org_organ                ? 
_entity_src_gen.host_org_species                   ? 
_entity_src_gen.pdbx_host_org_tissue               ? 
_entity_src_gen.pdbx_host_org_tissue_fraction      ? 
_entity_src_gen.pdbx_host_org_strain               bl21de3 
_entity_src_gen.pdbx_host_org_variant              ? 
_entity_src_gen.pdbx_host_org_cell_line            ? 
_entity_src_gen.pdbx_host_org_atcc                 ? 
_entity_src_gen.pdbx_host_org_culture_collection   ? 
_entity_src_gen.pdbx_host_org_cell                 ? 
_entity_src_gen.pdbx_host_org_organelle            ? 
_entity_src_gen.pdbx_host_org_cellular_location    ? 
_entity_src_gen.pdbx_host_org_vector_type          plasmid 
_entity_src_gen.pdbx_host_org_vector               ? 
_entity_src_gen.host_org_details                   ? 
_entity_src_gen.expression_system_id               ? 
_entity_src_gen.plasmid_name                       Pet15mlh 
_entity_src_gen.plasmid_details                    ? 
_entity_src_gen.pdbx_description                   ? 
# 
loop_
_chem_comp.id 
_chem_comp.type 
_chem_comp.mon_nstd_flag 
_chem_comp.name 
_chem_comp.pdbx_synonyms 
_chem_comp.formula 
_chem_comp.formula_weight 
ALA 'L-peptide linking' y ALANINE         ? 'C3 H7 N O2'     89.093  
ARG 'L-peptide linking' y ARGININE        ? 'C6 H15 N4 O2 1' 175.209 
ASN 'L-peptide linking' y ASPARAGINE      ? 'C4 H8 N2 O3'    132.118 
ASP 'L-peptide linking' y 'ASPARTIC ACID' ? 'C4 H7 N O4'     133.103 
CA  non-polymer         . 'CALCIUM ION'   ? 'Ca 2'           40.078  
CYS 'L-peptide linking' y CYSTEINE        ? 'C3 H7 N O2 S'   121.158 
GLN 'L-peptide linking' y GLUTAMINE       ? 'C5 H10 N2 O3'   146.144 
GLU 'L-peptide linking' y 'GLUTAMIC ACID' ? 'C5 H9 N O4'     147.129 
GLY 'peptide linking'   y GLYCINE         ? 'C2 H5 N O2'     75.067  
HIS 'L-peptide linking' y HISTIDINE       ? 'C6 H10 N3 O2 1' 156.162 
HOH non-polymer         . WATER           ? 'H2 O'           18.015  
ILE 'L-peptide linking' y ISOLEUCINE      ? 'C6 H13 N O2'    131.173 
LEU 'L-peptide linking' y LEUCINE         ? 'C6 H13 N O2'    131.173 
LYS 'L-peptide linking' y LYSINE          ? 'C6 H15 N2 O2 1' 147.195 
MET 'L-peptide linking' y METHIONINE      ? 'C5 H11 N O2 S'  149.211 
PHE 'L-peptide linking' y PHENYLALANINE   ? 'C9 H11 N O2'    165.189 
PRO 'L-peptide linking' y PROLINE         ? 'C5 H9 N O2'     115.130 
SER 'L-peptide linking' y SERINE          ? 'C3 H7 N O3'     105.093 
SO4 non-polymer         . 'SULFATE ION'   ? 'O4 S -2'        96.063  
THR 'L-peptide linking' y THREONINE       ? 'C4 H9 N O3'     119.119 
TRP 'L-peptide linking' y TRYPTOPHAN      ? 'C11 H12 N2 O2'  204.225 
TYR 'L-peptide linking' y TYROSINE        ? 'C9 H11 N O3'    181.189 
VAL 'L-peptide linking' y VALINE          ? 'C5 H11 N O2'    117.146 
# 
loop_
_pdbx_poly_seq_scheme.asym_id 
_pdbx_poly_seq_scheme.entity_id 
_pdbx_poly_seq_scheme.seq_id 
_pdbx_poly_seq_scheme.mon_id 
_pdbx_poly_seq_scheme.ndb_seq_num 
_pdbx_poly_seq_scheme.pdb_seq_num 
_pdbx_poly_seq_scheme.auth_seq_num 
_pdbx_poly_seq_scheme.pdb_mon_id 
_pdbx_poly_seq_scheme.auth_mon_id 
_pdbx_poly_seq_scheme.pdb_strand_id 
_pdbx_poly_seq_scheme.pdb_ins_code 
_pdbx_poly_seq_scheme.hetero 
A 1 1   GLY 1   0   ?   ?   ?   B . n 
A 1 2   ILE 2   1   1   ILE ILE B . n 
A 1 3   SER 3   2   2   SER SER B . n 
A 1 4   PRO 4   3   3   PRO PRO B . n 
A 1 5   ASN 5   4   4   ASN ASN B . n 
A 1 6   VAL 6   5   5   VAL VAL B . n 
A 1 7   LEU 7   6   6   LEU LEU B . n 
A 1 8   ASN 8   7   7   ASN ASN B . n 
A 1 9   ASN 9   8   8   ASN ASN B . n 
A 1 10  MET 10  9   9   MET MET B . n 
A 1 11  LYS 11  10  10  LYS LYS B . n 
A 1 12  SER 12  11  11  SER SER B . n 
A 1 13  TYR 13  12  12  TYR TYR B . n 
A 1 14  MET 14  13  13  MET MET B . n 
A 1 15  LYS 15  14  14  LYS LYS B . n 
A 1 16  HIS 16  15  15  HIS HIS B . n 
A 1 17  SER 17  16  16  SER SER B . n 
A 1 18  ASN 18  17  17  ASN ASN B . n 
A 1 19  ILE 19  18  18  ILE ILE B . n 
A 1 20  ARG 20  19  19  ARG ARG B . n 
A 1 21  ASN 21  20  20  ASN ASN B . n 
A 1 22  ILE 22  21  21  ILE ILE B . n 
A 1 23  ILE 23  22  22  ILE ILE B . n 
A 1 24  ILE 24  23  23  ILE ILE B . n 
A 1 25  ASN 25  24  24  ASN ASN B . n 
A 1 26  ILE 26  25  25  ILE ILE B . n 
A 1 27  MET 27  26  26  MET MET B . n 
A 1 28  ALA 28  27  27  ALA ALA B . n 
A 1 29  HIS 29  28  28  HIS HIS B . n 
A 1 30  GLU 30  29  29  GLU GLU B . n 
A 1 31  LEU 31  30  30  LEU LEU B . n 
A 1 32  SER 32  31  31  SER SER B . n 
A 1 33  VAL 33  32  32  VAL VAL B . n 
A 1 34  ILE 34  33  33  ILE ILE B . n 
A 1 35  ASN 35  34  34  ASN ASN B . n 
A 1 36  ASN 36  35  35  ASN ASN B . n 
A 1 37  HIS 37  36  36  HIS HIS B . n 
A 1 38  ILE 38  37  37  ILE ILE B . n 
A 1 39  LYS 39  38  38  LYS LYS B . n 
A 1 40  TYR 40  39  39  TYR TYR B . n 
A 1 41  ILE 41  40  40  ILE ILE B . n 
A 1 42  ASN 42  41  41  ASN ASN B . n 
A 1 43  GLU 43  42  42  GLU GLU B . n 
A 1 44  LEU 44  43  43  LEU LEU B . n 
A 1 45  PHE 45  44  44  PHE PHE B . n 
A 1 46  TYR 46  45  45  TYR TYR B . n 
A 1 47  LYS 47  46  46  LYS LYS B . n 
A 1 48  LEU 48  47  47  LEU LEU B . n 
A 1 49  ASP 49  48  48  ASP ASP B . n 
A 1 50  THR 50  49  49  THR THR B . n 
A 1 51  ASN 51  50  50  ASN ASN B . n 
A 1 52  HIS 52  51  51  HIS HIS B . n 
A 1 53  ASN 53  52  52  ASN ASN B . n 
A 1 54  GLY 54  53  53  GLY GLY B . n 
A 1 55  SER 55  54  54  SER SER B . n 
A 1 56  LEU 56  55  55  LEU LEU B . n 
A 1 57  SER 57  56  56  SER SER B . n 
A 1 58  HIS 58  57  57  HIS HIS B . n 
A 1 59  ARG 59  58  58  ARG ARG B . n 
A 1 60  GLU 60  59  59  GLU GLU B . n 
A 1 61  ILE 61  60  60  ILE ILE B . n 
A 1 62  TYR 62  61  61  TYR TYR B . n 
A 1 63  THR 63  62  62  THR THR B . n 
A 1 64  VAL 64  63  63  VAL VAL B . n 
A 1 65  LEU 65  64  64  LEU LEU B . n 
A 1 66  ALA 66  65  65  ALA ALA B . n 
A 1 67  SER 67  66  66  SER SER B . n 
A 1 68  VAL 68  67  67  VAL VAL B . n 
A 1 69  GLY 69  68  68  GLY GLY B . n 
A 1 70  ILE 70  69  69  ILE ILE B . n 
A 1 71  LYS 71  70  70  LYS LYS B . n 
A 1 72  LYS 72  71  71  LYS LYS B . n 
A 1 73  TRP 73  72  72  TRP TRP B . n 
A 1 74  ASP 74  73  73  ASP ASP B . n 
A 1 75  ILE 75  74  74  ILE ILE B . n 
A 1 76  ASN 76  75  75  ASN ASN B . n 
A 1 77  ARG 77  76  76  ARG ARG B . n 
A 1 78  ILE 78  77  77  ILE ILE B . n 
A 1 79  LEU 79  78  78  LEU LEU B . n 
A 1 80  GLN 80  79  79  GLN GLN B . n 
A 1 81  ALA 81  80  80  ALA ALA B . n 
A 1 82  LEU 82  81  81  LEU LEU B . n 
A 1 83  ASP 83  82  82  ASP ASP B . n 
A 1 84  ILE 84  83  83  ILE ILE B . n 
A 1 85  ASN 85  84  84  ASN ASN B . n 
A 1 86  ASP 86  85  85  ASP ASP B . n 
A 1 87  ARG 87  86  86  ARG ARG B . n 
A 1 88  GLY 88  87  87  GLY GLY B . n 
A 1 89  ASN 89  88  88  ASN ASN B . n 
A 1 90  ILE 90  89  89  ILE ILE B . n 
A 1 91  THR 91  90  90  THR THR B . n 
A 1 92  TYR 92  91  91  TYR TYR B . n 
A 1 93  THR 93  92  92  THR THR B . n 
A 1 94  GLU 94  93  93  GLU GLU B . n 
A 1 95  PHE 95  94  94  PHE PHE B . n 
A 1 96  MET 96  95  95  MET MET B . n 
A 1 97  ALA 97  96  96  ALA ALA B . n 
A 1 98  GLY 98  97  97  GLY GLY B . n 
A 1 99  CYS 99  98  98  CYS CYS B . n 
A 1 100 TYR 100 99  99  TYR TYR B . n 
A 1 101 ARG 101 100 100 ARG ARG B . n 
A 1 102 TRP 102 101 101 TRP TRP B . n 
A 1 103 LYS 103 102 102 LYS LYS B . n 
A 1 104 ASN 104 103 103 ASN ASN B . n 
A 1 105 ILE 105 104 104 ILE ILE B . n 
A 1 106 GLU 106 105 ?   ?   ?   B . n 
A 1 107 SER 107 106 ?   ?   ?   B . n 
A 1 108 THR 108 107 107 THR THR B . n 
A 1 109 PHE 109 108 108 PHE PHE B . n 
A 1 110 LEU 110 109 109 LEU LEU B . n 
A 1 111 LYS 111 110 110 LYS LYS B . n 
A 1 112 ALA 112 111 111 ALA ALA B . n 
A 1 113 ALA 113 112 112 ALA ALA B . n 
A 1 114 PHE 114 113 113 PHE PHE B . n 
A 1 115 ASN 115 114 114 ASN ASN B . n 
A 1 116 LYS 116 115 115 LYS LYS B . n 
A 1 117 ILE 117 116 116 ILE ILE B . n 
A 1 118 ASP 118 117 117 ASP ASP B . n 
A 1 119 LYS 119 118 118 LYS LYS B . n 
A 1 120 ASP 120 119 119 ASP ASP B . n 
A 1 121 GLU 121 120 120 GLU GLU B . n 
A 1 122 ASP 122 121 121 ASP ASP B . n 
A 1 123 GLY 123 122 122 GLY GLY B . n 
A 1 124 TYR 124 123 123 TYR TYR B . n 
A 1 125 ILE 125 124 124 ILE ILE B . n 
A 1 126 SER 126 125 125 SER SER B . n 
A 1 127 LYS 127 126 126 LYS LYS B . n 
A 1 128 SER 128 127 127 SER SER B . n 
A 1 129 ASP 129 128 128 ASP ASP B . n 
A 1 130 ILE 130 129 129 ILE ILE B . n 
A 1 131 VAL 131 130 130 VAL VAL B . n 
A 1 132 SER 132 131 131 SER SER B . n 
A 1 133 LEU 133 132 132 LEU LEU B . n 
A 1 134 VAL 134 133 133 VAL VAL B . n 
A 1 135 HIS 135 134 134 HIS HIS B . n 
A 1 136 ASP 136 135 135 ASP ASP B . n 
A 1 137 LYS 137 136 136 LYS LYS B . n 
A 1 138 VAL 138 137 137 VAL VAL B . n 
A 1 139 LEU 139 138 138 LEU LEU B . n 
A 1 140 ASP 140 139 139 ASP ASP B . n 
A 1 141 ASN 141 140 140 ASN ASN B . n 
A 1 142 ASN 142 141 141 ASN ASN B . n 
A 1 143 ASP 143 142 142 ASP ASP B . n 
A 1 144 ILE 144 143 143 ILE ILE B . n 
A 1 145 ASP 145 144 144 ASP ASP B . n 
A 1 146 ASN 146 145 145 ASN ASN B . n 
A 1 147 PHE 147 146 146 PHE PHE B . n 
A 1 148 PHE 148 147 147 PHE PHE B . n 
A 1 149 LEU 149 148 148 LEU LEU B . n 
A 1 150 SER 150 149 149 SER SER B . n 
A 1 151 VAL 151 150 150 VAL VAL B . n 
A 1 152 HIS 152 151 151 HIS HIS B . n 
A 1 153 SER 153 152 152 SER SER B . n 
A 1 154 ILE 154 153 153 ILE ILE B . n 
A 1 155 LYS 155 154 ?   ?   ?   B . n 
A 1 156 LYS 156 155 ?   ?   ?   B . n 
A 1 157 GLY 157 156 ?   ?   ?   B . n 
A 1 158 ILE 158 157 ?   ?   ?   B . n 
A 1 159 PRO 159 158 ?   ?   ?   B . n 
A 1 160 ARG 160 159 ?   ?   ?   B . n 
A 1 161 GLU 161 160 ?   ?   ?   B . n 
A 1 162 HIS 162 161 ?   ?   ?   B . n 
A 1 163 ILE 163 162 ?   ?   ?   B . n 
A 1 164 ILE 164 163 163 ILE ILE B . n 
A 1 165 ASN 165 164 164 ASN ASN B . n 
A 1 166 LYS 166 165 165 LYS LYS B . n 
A 1 167 ILE 167 166 166 ILE ILE B . n 
A 1 168 SER 168 167 167 SER SER B . n 
A 1 169 PHE 169 168 168 PHE PHE B . n 
A 1 170 GLN 170 169 169 GLN GLN B . n 
A 1 171 GLU 171 170 170 GLU GLU B . n 
A 1 172 PHE 172 171 171 PHE PHE B . n 
A 1 173 LYS 173 172 172 LYS LYS B . n 
A 1 174 ASP 174 173 173 ASP ASP B . n 
A 1 175 TYR 175 174 174 TYR TYR B . n 
A 1 176 MET 176 175 175 MET MET B . n 
A 1 177 LEU 177 176 176 LEU LEU B . n 
A 1 178 SER 178 177 177 SER SER B . n 
A 1 179 THR 179 178 178 THR THR B . n 
A 1 180 PHE 180 179 179 PHE PHE B . n 
# 
loop_
_pdbx_nonpoly_scheme.asym_id 
_pdbx_nonpoly_scheme.entity_id 
_pdbx_nonpoly_scheme.mon_id 
_pdbx_nonpoly_scheme.ndb_seq_num 
_pdbx_nonpoly_scheme.pdb_seq_num 
_pdbx_nonpoly_scheme.auth_seq_num 
_pdbx_nonpoly_scheme.pdb_mon_id 
_pdbx_nonpoly_scheme.auth_mon_id 
_pdbx_nonpoly_scheme.pdb_strand_id 
_pdbx_nonpoly_scheme.pdb_ins_code 
B 2 CA  1  180 1  CA  CA  B . 
C 3 SO4 1  181 1  SO4 SO4 B . 
D 3 SO4 1  182 2  SO4 SO4 B . 
E 2 CA  1  183 1  CA  CA  B . 
F 4 HOH 1  184 1  HOH HOH B . 
F 4 HOH 2  185 2  HOH HOH B . 
F 4 HOH 3  186 3  HOH HOH B . 
F 4 HOH 4  187 4  HOH HOH B . 
F 4 HOH 5  188 5  HOH HOH B . 
F 4 HOH 6  189 6  HOH HOH B . 
F 4 HOH 7  190 7  HOH HOH B . 
F 4 HOH 8  191 8  HOH HOH B . 
F 4 HOH 9  192 9  HOH HOH B . 
F 4 HOH 10 193 10 HOH HOH B . 
F 4 HOH 11 194 11 HOH HOH B . 
F 4 HOH 12 195 12 HOH HOH B . 
F 4 HOH 13 196 14 HOH HOH B . 
F 4 HOH 14 197 15 HOH HOH B . 
F 4 HOH 15 198 16 HOH HOH B . 
F 4 HOH 16 199 17 HOH HOH B . 
F 4 HOH 17 200 18 HOH HOH B . 
F 4 HOH 18 201 21 HOH HOH B . 
F 4 HOH 19 202 22 HOH HOH B . 
F 4 HOH 20 203 26 HOH HOH B . 
F 4 HOH 21 204 27 HOH HOH B . 
F 4 HOH 22 205 28 HOH HOH B . 
F 4 HOH 23 206 29 HOH HOH B . 
F 4 HOH 24 207 30 HOH HOH B . 
F 4 HOH 25 208 31 HOH HOH B . 
F 4 HOH 26 209 33 HOH HOH B . 
F 4 HOH 27 210 34 HOH HOH B . 
F 4 HOH 28 211 36 HOH HOH B . 
F 4 HOH 29 212 37 HOH HOH B . 
F 4 HOH 30 213 38 HOH HOH B . 
F 4 HOH 31 214 39 HOH HOH B . 
F 4 HOH 32 215 40 HOH HOH B . 
F 4 HOH 33 216 41 HOH HOH B . 
F 4 HOH 34 217 42 HOH HOH B . 
F 4 HOH 35 218 43 HOH HOH B . 
F 4 HOH 36 219 44 HOH HOH B . 
F 4 HOH 37 220 45 HOH HOH B . 
F 4 HOH 38 221 46 HOH HOH B . 
F 4 HOH 39 222 48 HOH HOH B . 
F 4 HOH 40 223 49 HOH HOH B . 
F 4 HOH 41 224 50 HOH HOH B . 
F 4 HOH 42 225 51 HOH HOH B . 
F 4 HOH 43 226 52 HOH HOH B . 
F 4 HOH 44 227 53 HOH HOH B . 
F 4 HOH 45 228 54 HOH HOH B . 
F 4 HOH 46 229 55 HOH HOH B . 
F 4 HOH 47 230 56 HOH HOH B . 
F 4 HOH 48 231 57 HOH HOH B . 
F 4 HOH 49 232 58 HOH HOH B . 
F 4 HOH 50 233 59 HOH HOH B . 
F 4 HOH 51 234 60 HOH HOH B . 
F 4 HOH 52 235 61 HOH HOH B . 
F 4 HOH 53 236 62 HOH HOH B . 
F 4 HOH 54 237 63 HOH HOH B . 
F 4 HOH 55 238 64 HOH HOH B . 
F 4 HOH 56 239 65 HOH HOH B . 
F 4 HOH 57 240 66 HOH HOH B . 
F 4 HOH 58 241 67 HOH HOH B . 
# 
loop_
_pdbx_unobs_or_zero_occ_atoms.id 
_pdbx_unobs_or_zero_occ_atoms.PDB_model_num 
_pdbx_unobs_or_zero_occ_atoms.polymer_flag 
_pdbx_unobs_or_zero_occ_atoms.occupancy_flag 
_pdbx_unobs_or_zero_occ_atoms.auth_asym_id 
_pdbx_unobs_or_zero_occ_atoms.auth_comp_id 
_pdbx_unobs_or_zero_occ_atoms.auth_seq_id 
_pdbx_unobs_or_zero_occ_atoms.PDB_ins_code 
_pdbx_unobs_or_zero_occ_atoms.auth_atom_id 
_pdbx_unobs_or_zero_occ_atoms.label_alt_id 
_pdbx_unobs_or_zero_occ_atoms.label_asym_id 
_pdbx_unobs_or_zero_occ_atoms.label_comp_id 
_pdbx_unobs_or_zero_occ_atoms.label_seq_id 
_pdbx_unobs_or_zero_occ_atoms.label_atom_id 
1 1 Y 1 B ASN 103 ? CG  ? A ASN 104 CG  
2 1 Y 1 B ASN 103 ? OD1 ? A ASN 104 OD1 
3 1 Y 1 B ASN 103 ? ND2 ? A ASN 104 ND2 
4 1 Y 1 B SER 152 ? OG  ? A SER 153 OG  
5 1 Y 1 B ILE 163 ? CG1 ? A ILE 164 CG1 
6 1 Y 1 B ILE 163 ? CG2 ? A ILE 164 CG2 
7 1 Y 1 B ILE 163 ? CD1 ? A ILE 164 CD1 
# 
loop_
_software.pdbx_ordinal 
_software.name 
_software.version 
_software.date 
_software.type 
_software.contact_author 
_software.contact_author_email 
_software.classification 
_software.location 
_software.language 
_software.citation_id 
1 DENZO       .     ?               package 'Zbyszek Otwinowski' hkl@hkl-xray.com      'data reduction'  http://www.hkl-xray.com/ 
?          ? 
2 SCALEPACK   .     ?               package 'Zbyszek Otwinowski' hkl@hkl-xray.com      'data scaling'    http://www.hkl-xray.com/ 
?          ? 
3 REFMAC      .     ?               program 'Garib N. Murshudov' garib@ysbl.york.ac.uk refinement        
http://www.ccp4.ac.uk/dist/html/refmac5.html Fortran_77 ? 
4 PDB_EXTRACT 3.100 'Jan. 22, 2010' package PDB                  help@deposit.rcsb.org 'data extraction' 
http://sw-tools.pdb.org/apps/PDB_EXTRACT/    C++        ? 
5 SBC-Collect .     ?               ?       ?                    ?                     'data collection' ? ?          ? 
6 SHELXS      .     ?               ?       ?                    ?                     phasing           ? ?          ? 
# 
_cell.length_a           101.757 
_cell.length_b           101.757 
_cell.length_c           44.895 
_cell.angle_alpha        90.000 
_cell.angle_beta         90.000 
_cell.angle_gamma        120.000 
_cell.entry_id           3MSE 
_cell.pdbx_unique_axis   ? 
_cell.Z_PDB              6 
_cell.length_a_esd       ? 
_cell.length_b_esd       ? 
_cell.length_c_esd       ? 
_cell.angle_alpha_esd    ? 
_cell.angle_beta_esd     ? 
_cell.angle_gamma_esd    ? 
# 
_symmetry.space_group_name_H-M             'P 31 2 1' 
_symmetry.entry_id                         3MSE 
_symmetry.Int_Tables_number                152 
_symmetry.pdbx_full_space_group_name_H-M   ? 
_symmetry.cell_setting                     ? 
_symmetry.space_group_name_Hall            ? 
# 
_exptl.crystals_number   2 
_exptl.entry_id          3MSE 
_exptl.method            'X-RAY DIFFRACTION' 
# 
_exptl_crystal.id                    1 
_exptl_crystal.density_Matthews      3.20 
_exptl_crystal.density_meas          ? 
_exptl_crystal.density_percent_sol   61.53 
_exptl_crystal.description           ? 
_exptl_crystal.F_000                 ? 
_exptl_crystal.preparation           ? 
# 
_exptl_crystal_grow.crystal_id      1 
_exptl_crystal_grow.method          'VAPOR DIFFUSION, HANGING DROP' 
_exptl_crystal_grow.pH              7.5 
_exptl_crystal_grow.temp            293 
_exptl_crystal_grow.temp_details    ? 
_exptl_crystal_grow.pdbx_details    
;30 % PEG 400, 0.2 M Ammonium sulfate, 0.05 M Hepes 7.5, 2 mM AMPPNP, 4 mM CaCL2, MgCl2, 6.25 mM TCEp, VAPOR DIFFUSION, HANGING DROP, temperature 293K
;
_exptl_crystal_grow.pdbx_pH_range   ? 
# 
loop_
_diffrn.id 
_diffrn.ambient_temp 
_diffrn.ambient_temp_details 
_diffrn.crystal_id 
1 100 ? 1 
2 100 ? 1 
# 
loop_
_diffrn_detector.diffrn_id 
_diffrn_detector.detector 
_diffrn_detector.type 
_diffrn_detector.pdbx_collection_date 
_diffrn_detector.details 
1 CCD 'ADSC QUANTUM 315'     2010-03-24 ? 
2 CCD 'MARMOSAIC 225 mm CCD' 2009-09-10 ? 
# 
loop_
_diffrn_radiation.diffrn_id 
_diffrn_radiation.wavelength_id 
_diffrn_radiation.pdbx_diffrn_protocol 
_diffrn_radiation.monochromator 
_diffrn_radiation.pdbx_monochromatic_or_laue_m_l 
_diffrn_radiation.pdbx_scattering_type 
1 1 'SINGLE WAVELENGTH' ? M x-ray 
2 1 'SINGLE WAVELENGTH' ? M x-ray 
# 
_diffrn_radiation_wavelength.id           1 
_diffrn_radiation_wavelength.wavelength   0.9792 
_diffrn_radiation_wavelength.wt           1.0 
# 
loop_
_diffrn_source.diffrn_id 
_diffrn_source.source 
_diffrn_source.type 
_diffrn_source.pdbx_wavelength 
_diffrn_source.pdbx_wavelength_list 
_diffrn_source.pdbx_synchrotron_site 
_diffrn_source.pdbx_synchrotron_beamline 
1 SYNCHROTRON 'APS BEAMLINE 19-ID'   ? 0.9792 APS  19-ID  
2 SYNCHROTRON 'CLSI BEAMLINE 08ID-1' ? 0.9792 CLSI 08ID-1 
# 
_reflns.entry_id                     3MSE 
_reflns.d_resolution_high            2.100 
_reflns.d_resolution_low             50.000 
_reflns.number_obs                   15859 
_reflns.pdbx_Rmerge_I_obs            0.074 
_reflns.pdbx_netI_over_sigmaI        9.900 
_reflns.pdbx_chi_squared             1.335 
_reflns.pdbx_redundancy              11.100 
_reflns.percent_possible_obs         99.800 
_reflns.observed_criterion_sigma_F   0 
_reflns.observed_criterion_sigma_I   0 
_reflns.number_all                   15890 
_reflns.pdbx_Rsym_value              ? 
_reflns.B_iso_Wilson_estimate        39.6 
_reflns.R_free_details               ? 
_reflns.limit_h_max                  ? 
_reflns.limit_h_min                  ? 
_reflns.limit_k_max                  ? 
_reflns.limit_k_min                  ? 
_reflns.limit_l_max                  ? 
_reflns.limit_l_min                  ? 
_reflns.observed_criterion_F_max     ? 
_reflns.observed_criterion_F_min     ? 
_reflns.pdbx_scaling_rejects         ? 
_reflns.pdbx_ordinal                 1 
_reflns.pdbx_diffrn_id               1,2 
# 
_reflns_shell.d_res_high             2.10 
_reflns_shell.d_res_low              2.14 
_reflns_shell.number_measured_obs    ? 
_reflns_shell.number_measured_all    ? 
_reflns_shell.number_unique_obs      ? 
_reflns_shell.Rmerge_I_obs           0.691 
_reflns_shell.meanI_over_sigI_obs    4.55 
_reflns_shell.pdbx_Rsym_value        ? 
_reflns_shell.pdbx_chi_squared       1.090 
_reflns_shell.pdbx_redundancy        11.20 
_reflns_shell.percent_possible_obs   ? 
_reflns_shell.number_unique_all      804 
_reflns_shell.percent_possible_all   100.00 
_reflns_shell.pdbx_ordinal           1 
_reflns_shell.pdbx_diffrn_id         1,2 
# 
_refine.entry_id                                 3MSE 
_refine.ls_d_res_high                            2.100 
_refine.ls_d_res_low                             50 
_refine.pdbx_ls_sigma_F                          0.00 
_refine.pdbx_data_cutoff_high_absF               ? 
_refine.pdbx_data_cutoff_low_absF                ? 
_refine.ls_percent_reflns_obs                    99.670 
_refine.ls_number_reflns_obs                     15825 
_refine.ls_number_reflns_all                     15877 
_refine.pdbx_ls_cross_valid_method               THROUGHOUT 
_refine.pdbx_R_Free_selection_details            RANDOM 
_refine.details                                  
;HYDROGENS HAVE BEEN ADDED IN THE RIDING POSITIONS U VALUES      : REFINED INDIVIDUALLY; Density between residues 104 and 107 is poor - unclear if domain swapped into symmetry mate.
;
_refine.ls_R_factor_all                          .224 
_refine.ls_R_factor_obs                          0.224 
_refine.ls_R_factor_R_work                       0.222 
_refine.ls_wR_factor_R_work                      0.222 
_refine.ls_R_factor_R_free                       0.264 
_refine.ls_wR_factor_R_free                      0.257 
_refine.ls_percent_reflns_R_free                 5.000 
_refine.ls_number_reflns_R_free                  789 
_refine.ls_R_factor_R_free_error                 ? 
_refine.B_iso_mean                               45.380 
_refine.solvent_model_param_bsol                 ? 
_refine.solvent_model_param_ksol                 ? 
_refine.pdbx_isotropic_thermal_model             ? 
_refine.aniso_B[1][1]                            1.380 
_refine.aniso_B[2][2]                            1.380 
_refine.aniso_B[3][3]                            -2.060 
_refine.aniso_B[1][2]                            0.690 
_refine.aniso_B[1][3]                            0.000 
_refine.aniso_B[2][3]                            0.000 
_refine.correlation_coeff_Fo_to_Fc               0.947 
_refine.correlation_coeff_Fo_to_Fc_free          0.929 
_refine.overall_SU_R_Cruickshank_DPI             0.196 
_refine.overall_SU_R_free                        0.180 
_refine.pdbx_overall_ESU_R_Free                  0.180 
_refine.overall_SU_ML                            0.137 
_refine.overall_SU_B                             5.180 
_refine.solvent_model_details                    MASK 
_refine.pdbx_solvent_vdw_probe_radii             1.400 
_refine.pdbx_solvent_ion_probe_radii             0.800 
_refine.pdbx_solvent_shrinkage_radii             0.800 
_refine.ls_number_parameters                     ? 
_refine.ls_number_restraints                     ? 
_refine.pdbx_starting_model                      ? 
_refine.pdbx_method_to_determine_struct          SAD 
_refine.pdbx_stereochemistry_target_values       'MAXIMUM LIKELIHOOD' 
_refine.pdbx_stereochem_target_val_spec_case     ? 
_refine.overall_FOM_work_R_set                   0.796 
_refine.B_iso_max                                84.87 
_refine.B_iso_min                                26.78 
_refine.occupancy_max                            1.00 
_refine.occupancy_min                            0.50 
_refine.pdbx_ls_sigma_I                          ? 
_refine.ls_redundancy_reflns_obs                 ? 
_refine.ls_R_factor_R_free_error_details         ? 
_refine.pdbx_data_cutoff_high_rms_absF           ? 
_refine.overall_FOM_free_R_set                   ? 
_refine.pdbx_overall_phase_error                 ? 
_refine.pdbx_refine_id                           'X-RAY DIFFRACTION' 
_refine.pdbx_overall_ESU_R                       ? 
_refine.pdbx_diffrn_id                           1,2 
_refine.pdbx_TLS_residual_ADP_flag               ? 
_refine.pdbx_overall_SU_R_free_Cruickshank_DPI   ? 
_refine.pdbx_overall_SU_R_Blow_DPI               ? 
_refine.pdbx_overall_SU_R_free_Blow_DPI          ? 
# 
_refine_hist.pdbx_refine_id                   'X-RAY DIFFRACTION' 
_refine_hist.cycle_id                         LAST 
_refine_hist.pdbx_number_atoms_protein        1377 
_refine_hist.pdbx_number_atoms_nucleic_acid   0 
_refine_hist.pdbx_number_atoms_ligand         12 
_refine_hist.number_atoms_solvent             58 
_refine_hist.number_atoms_total               1447 
_refine_hist.d_res_high                       2.100 
_refine_hist.d_res_low                        50 
# 
loop_
_refine_ls_restr.type 
_refine_ls_restr.number 
_refine_ls_restr.dev_ideal 
_refine_ls_restr.dev_ideal_target 
_refine_ls_restr.weight 
_refine_ls_restr.pdbx_refine_id 
_refine_ls_restr.pdbx_restraint_function 
r_bond_refined_d       1487 0.011  0.022  ? 'X-RAY DIFFRACTION' ? 
r_angle_refined_deg    2017 1.139  1.932  ? 'X-RAY DIFFRACTION' ? 
r_dihedral_angle_1_deg 181  4.419  5.000  ? 'X-RAY DIFFRACTION' ? 
r_dihedral_angle_2_deg 77   38.511 24.805 ? 'X-RAY DIFFRACTION' ? 
r_dihedral_angle_3_deg 272  16.743 15.000 ? 'X-RAY DIFFRACTION' ? 
r_dihedral_angle_4_deg 7    25.912 15.000 ? 'X-RAY DIFFRACTION' ? 
r_chiral_restr         220  0.086  0.200  ? 'X-RAY DIFFRACTION' ? 
r_gen_planes_refined   1132 0.005  0.020  ? 'X-RAY DIFFRACTION' ? 
r_mcbond_it            882  0.702  1.500  ? 'X-RAY DIFFRACTION' ? 
r_mcangle_it           1440 1.331  2.000  ? 'X-RAY DIFFRACTION' ? 
r_scbond_it            605  1.909  3.000  ? 'X-RAY DIFFRACTION' ? 
r_scangle_it           577  3.034  4.500  ? 'X-RAY DIFFRACTION' ? 
# 
_refine_ls_shell.d_res_high                       2.100 
_refine_ls_shell.d_res_low                        2.155 
_refine_ls_shell.pdbx_total_number_of_bins_used   20 
_refine_ls_shell.percent_reflns_obs               99.220 
_refine_ls_shell.number_reflns_R_work             1085 
_refine_ls_shell.R_factor_all                     ? 
_refine_ls_shell.R_factor_R_work                  0.279 
_refine_ls_shell.R_factor_R_free                  0.345 
_refine_ls_shell.percent_reflns_R_free            ? 
_refine_ls_shell.number_reflns_R_free             67 
_refine_ls_shell.R_factor_R_free_error            ? 
_refine_ls_shell.number_reflns_all                1152 
_refine_ls_shell.number_reflns_obs                ? 
_refine_ls_shell.redundancy_reflns_obs            ? 
_refine_ls_shell.pdbx_refine_id                   'X-RAY DIFFRACTION' 
# 
_struct.entry_id                  3MSE 
_struct.title                     'Crystal structure of C-terminal domain of PF110239.' 
_struct.pdbx_model_details        ? 
_struct.pdbx_CASP_flag            Y 
_struct.pdbx_model_type_details   ? 
# 
_struct_keywords.entry_id        3MSE 
_struct_keywords.pdbx_keywords   TRANSFERASE 
_struct_keywords.text            'cdpks, malaria, Structural Genomics Consortium, SGC, TRANSFERASE' 
# 
loop_
_struct_asym.id 
_struct_asym.pdbx_blank_PDB_chainid_flag 
_struct_asym.pdbx_modified 
_struct_asym.entity_id 
_struct_asym.details 
A N N 1 ? 
B N N 2 ? 
C N N 3 ? 
D N N 3 ? 
E N N 2 ? 
F N N 4 ? 
# 
_struct_ref.id                         1 
_struct_ref.db_name                    UNP 
_struct_ref.db_code                    Q8IID5_PLAF7 
_struct_ref.pdbx_db_accession          Q8IID5 
_struct_ref.entity_id                  1 
_struct_ref.pdbx_seq_one_letter_code   
;ISPNVLNNMKSYMKHSNIRNIIINIMAHELSVINNHIKYINELFYKLDTNHNGSLSHREIYTVLASVGIKKWDINRILQA
LDINDRGNITYTEFMAGCYRWKNIESTFLKAAFNKIDKDEDGYISKSDIVSLVHDKVLDNNDIDNFFLSVHSIKKGIPRE
HIINKISFQEFKDYMLSTF
;
_struct_ref.pdbx_align_begin           1439 
_struct_ref.pdbx_db_isoform            ? 
# 
_struct_ref_seq.align_id                      1 
_struct_ref_seq.ref_id                        1 
_struct_ref_seq.pdbx_PDB_id_code              3MSE 
_struct_ref_seq.pdbx_strand_id                B 
_struct_ref_seq.seq_align_beg                 2 
_struct_ref_seq.pdbx_seq_align_beg_ins_code   ? 
_struct_ref_seq.seq_align_end                 180 
_struct_ref_seq.pdbx_seq_align_end_ins_code   ? 
_struct_ref_seq.pdbx_db_accession             Q8IID5 
_struct_ref_seq.db_align_beg                  1439 
_struct_ref_seq.pdbx_db_align_beg_ins_code    ? 
_struct_ref_seq.db_align_end                  1617 
_struct_ref_seq.pdbx_db_align_end_ins_code    ? 
_struct_ref_seq.pdbx_auth_seq_align_beg       1 
_struct_ref_seq.pdbx_auth_seq_align_end       179 
# 
_struct_ref_seq_dif.align_id                     1 
_struct_ref_seq_dif.pdbx_pdb_id_code             3MSE 
_struct_ref_seq_dif.mon_id                       GLY 
_struct_ref_seq_dif.pdbx_pdb_strand_id           B 
_struct_ref_seq_dif.seq_num                      1 
_struct_ref_seq_dif.pdbx_pdb_ins_code            ? 
_struct_ref_seq_dif.pdbx_seq_db_name             UNP 
_struct_ref_seq_dif.pdbx_seq_db_accession_code   Q8IID5 
_struct_ref_seq_dif.db_mon_id                    ? 
_struct_ref_seq_dif.pdbx_seq_db_seq_num          ? 
_struct_ref_seq_dif.details                      'expression tag' 
_struct_ref_seq_dif.pdbx_auth_seq_num            0 
_struct_ref_seq_dif.pdbx_ordinal                 1 
# 
_pdbx_struct_assembly.id                   1 
_pdbx_struct_assembly.details              author_and_software_defined_assembly 
_pdbx_struct_assembly.method_details       PISA 
_pdbx_struct_assembly.oligomeric_details   dimeric 
_pdbx_struct_assembly.oligomeric_count     2 
# 
loop_
_pdbx_struct_assembly_prop.biol_id 
_pdbx_struct_assembly_prop.type 
_pdbx_struct_assembly_prop.value 
_pdbx_struct_assembly_prop.details 
1 'ABSA (A^2)' 6670  ? 
1 MORE         -135  ? 
1 'SSA (A^2)'  16860 ? 
# 
_pdbx_struct_assembly_gen.assembly_id       1 
_pdbx_struct_assembly_gen.oper_expression   1,2 
_pdbx_struct_assembly_gen.asym_id_list      A,B,C,D,E,F 
# 
loop_
_pdbx_struct_oper_list.id 
_pdbx_struct_oper_list.type 
_pdbx_struct_oper_list.name 
_pdbx_struct_oper_list.symmetry_operation 
_pdbx_struct_oper_list.matrix[1][1] 
_pdbx_struct_oper_list.matrix[1][2] 
_pdbx_struct_oper_list.matrix[1][3] 
_pdbx_struct_oper_list.vector[1] 
_pdbx_struct_oper_list.matrix[2][1] 
_pdbx_struct_oper_list.matrix[2][2] 
_pdbx_struct_oper_list.matrix[2][3] 
_pdbx_struct_oper_list.vector[2] 
_pdbx_struct_oper_list.matrix[3][1] 
_pdbx_struct_oper_list.matrix[3][2] 
_pdbx_struct_oper_list.matrix[3][3] 
_pdbx_struct_oper_list.vector[3] 
1 'identity operation'         1_555 x,y,z  1.0000000000 0.0000000000 0.0000000000 0.0000000000 0.0000000000 1.0000000000  0.0000000000 0.0000000000 0.0000000000 0.0000000000 1.0000000000  0.0000000000  
2 'crystal symmetry operation' 4_555 y,x,-z 0.0829299854 0.9394602180 0.3324712263 0.7386856892 0.9394602180 -0.1850022502 0.2884244549 1.2705148482 0.3324712263 0.2884244549 -0.8979277351 -5.9961370555 
# 
_struct_biol.id        1 
_struct_biol.details   ? 
# 
loop_
_struct_conf.conf_type_id 
_struct_conf.id 
_struct_conf.pdbx_PDB_helix_id 
_struct_conf.beg_label_comp_id 
_struct_conf.beg_label_asym_id 
_struct_conf.beg_label_seq_id 
_struct_conf.pdbx_beg_PDB_ins_code 
_struct_conf.end_label_comp_id 
_struct_conf.end_label_asym_id 
_struct_conf.end_label_seq_id 
_struct_conf.pdbx_end_PDB_ins_code 
_struct_conf.beg_auth_comp_id 
_struct_conf.beg_auth_asym_id 
_struct_conf.beg_auth_seq_id 
_struct_conf.end_auth_comp_id 
_struct_conf.end_auth_asym_id 
_struct_conf.end_auth_seq_id 
_struct_conf.pdbx_PDB_helix_class 
_struct_conf.details 
_struct_conf.pdbx_PDB_helix_length 
HELX_P HELX_P1 1 SER A 3   ? MET A 14  ? SER B 2   MET B 13  1 ? 12 
HELX_P HELX_P2 2 SER A 17  ? ASP A 49  ? SER B 16  ASP B 48  1 ? 33 
HELX_P HELX_P3 3 HIS A 58  ? VAL A 68  ? HIS B 57  VAL B 67  1 ? 11 
HELX_P HELX_P4 4 LYS A 71  ? ASP A 83  ? LYS B 70  ASP B 82  1 ? 13 
HELX_P HELX_P5 5 THR A 91  ? TYR A 100 ? THR B 90  TYR B 99  1 ? 10 
HELX_P HELX_P6 6 THR A 108 ? ASP A 118 ? THR B 107 ASP B 117 1 ? 11 
HELX_P HELX_P7 7 SER A 126 ? VAL A 134 ? SER B 125 VAL B 133 1 ? 9  
HELX_P HELX_P8 8 ASP A 140 ? SER A 153 ? ASP B 139 SER B 152 1 ? 14 
HELX_P HELX_P9 9 SER A 168 ? SER A 178 ? SER B 167 SER B 177 1 ? 11 
# 
_struct_conf_type.id          HELX_P 
_struct_conf_type.criteria    ? 
_struct_conf_type.reference   ? 
# 
loop_
_struct_conn.id 
_struct_conn.conn_type_id 
_struct_conn.pdbx_leaving_atom_flag 
_struct_conn.pdbx_PDB_id 
_struct_conn.ptnr1_label_asym_id 
_struct_conn.ptnr1_label_comp_id 
_struct_conn.ptnr1_label_seq_id 
_struct_conn.ptnr1_label_atom_id 
_struct_conn.pdbx_ptnr1_label_alt_id 
_struct_conn.pdbx_ptnr1_PDB_ins_code 
_struct_conn.pdbx_ptnr1_standard_comp_id 
_struct_conn.ptnr1_symmetry 
_struct_conn.ptnr2_label_asym_id 
_struct_conn.ptnr2_label_comp_id 
_struct_conn.ptnr2_label_seq_id 
_struct_conn.ptnr2_label_atom_id 
_struct_conn.pdbx_ptnr2_label_alt_id 
_struct_conn.pdbx_ptnr2_PDB_ins_code 
_struct_conn.ptnr1_auth_asym_id 
_struct_conn.ptnr1_auth_comp_id 
_struct_conn.ptnr1_auth_seq_id 
_struct_conn.ptnr2_auth_asym_id 
_struct_conn.ptnr2_auth_comp_id 
_struct_conn.ptnr2_auth_seq_id 
_struct_conn.ptnr2_symmetry 
_struct_conn.pdbx_ptnr3_label_atom_id 
_struct_conn.pdbx_ptnr3_label_seq_id 
_struct_conn.pdbx_ptnr3_label_comp_id 
_struct_conn.pdbx_ptnr3_label_asym_id 
_struct_conn.pdbx_ptnr3_label_alt_id 
_struct_conn.pdbx_ptnr3_PDB_ins_code 
_struct_conn.details 
_struct_conn.pdbx_dist_value 
_struct_conn.pdbx_value_order 
_struct_conn.pdbx_role 
metalc1  metalc ? ? A ASP 49  OD1 ? ? ? 1_555 E CA  . CA ? ? B ASP 48  B CA  183 1_555 ? ? ? ? ? ? ? 2.107 ? ? 
metalc2  metalc ? ? A ASN 51  OD1 ? ? ? 1_555 E CA  . CA ? ? B ASN 50  B CA  183 1_555 ? ? ? ? ? ? ? 2.296 ? ? 
metalc3  metalc ? ? A ASN 53  OD1 ? ? ? 1_555 E CA  . CA ? ? B ASN 52  B CA  183 1_555 ? ? ? ? ? ? ? 2.437 ? ? 
metalc4  metalc ? ? A SER 55  O   ? ? ? 1_555 E CA  . CA ? ? B SER 54  B CA  183 1_555 ? ? ? ? ? ? ? 2.288 ? ? 
metalc5  metalc ? ? A GLU 60  OE1 ? ? ? 1_555 E CA  . CA ? ? B GLU 59  B CA  183 1_555 ? ? ? ? ? ? ? 2.571 ? ? 
metalc6  metalc ? ? A GLU 60  OE2 ? ? ? 1_555 E CA  . CA ? ? B GLU 59  B CA  183 1_555 ? ? ? ? ? ? ? 2.603 ? ? 
metalc7  metalc ? ? A ASP 118 OD2 ? ? ? 1_555 B CA  . CA ? ? B ASP 117 B CA  180 1_555 ? ? ? ? ? ? ? 2.317 ? ? 
metalc8  metalc ? ? A ASP 122 OD2 ? ? ? 1_555 B CA  . CA ? ? B ASP 121 B CA  180 1_555 ? ? ? ? ? ? ? 2.583 ? ? 
metalc9  metalc ? ? A ASP 122 OD1 ? ? ? 1_555 B CA  . CA ? ? B ASP 121 B CA  180 1_555 ? ? ? ? ? ? ? 2.671 ? ? 
metalc10 metalc ? ? A TYR 124 O   ? ? ? 1_555 B CA  . CA ? ? B TYR 123 B CA  180 1_555 ? ? ? ? ? ? ? 2.388 ? ? 
metalc11 metalc ? ? A ASP 129 OD2 ? ? ? 1_555 B CA  . CA ? ? B ASP 128 B CA  180 1_555 ? ? ? ? ? ? ? 2.499 ? ? 
metalc12 metalc ? ? B CA  .   CA  ? ? ? 1_555 F HOH . O  ? ? B CA  180 B HOH 184 1_555 ? ? ? ? ? ? ? 2.308 ? ? 
metalc13 metalc ? ? B CA  .   CA  ? ? ? 1_555 F HOH . O  ? ? B CA  180 B HOH 199 1_555 ? ? ? ? ? ? ? 1.989 ? ? 
metalc14 metalc ? ? E CA  .   CA  ? ? ? 1_555 F HOH . O  ? ? B CA  183 B HOH 185 1_555 ? ? ? ? ? ? ? 1.868 ? ? 
# 
_struct_conn_type.id          metalc 
_struct_conn_type.criteria    ? 
_struct_conn_type.reference   ? 
# 
loop_
_pdbx_struct_conn_angle.id 
_pdbx_struct_conn_angle.ptnr1_label_atom_id 
_pdbx_struct_conn_angle.ptnr1_label_alt_id 
_pdbx_struct_conn_angle.ptnr1_label_asym_id 
_pdbx_struct_conn_angle.ptnr1_label_comp_id 
_pdbx_struct_conn_angle.ptnr1_label_seq_id 
_pdbx_struct_conn_angle.ptnr1_auth_atom_id 
_pdbx_struct_conn_angle.ptnr1_auth_asym_id 
_pdbx_struct_conn_angle.ptnr1_auth_comp_id 
_pdbx_struct_conn_angle.ptnr1_auth_seq_id 
_pdbx_struct_conn_angle.ptnr1_PDB_ins_code 
_pdbx_struct_conn_angle.ptnr1_symmetry 
_pdbx_struct_conn_angle.ptnr2_label_atom_id 
_pdbx_struct_conn_angle.ptnr2_label_alt_id 
_pdbx_struct_conn_angle.ptnr2_label_asym_id 
_pdbx_struct_conn_angle.ptnr2_label_comp_id 
_pdbx_struct_conn_angle.ptnr2_label_seq_id 
_pdbx_struct_conn_angle.ptnr2_auth_atom_id 
_pdbx_struct_conn_angle.ptnr2_auth_asym_id 
_pdbx_struct_conn_angle.ptnr2_auth_comp_id 
_pdbx_struct_conn_angle.ptnr2_auth_seq_id 
_pdbx_struct_conn_angle.ptnr2_PDB_ins_code 
_pdbx_struct_conn_angle.ptnr2_symmetry 
_pdbx_struct_conn_angle.ptnr3_label_atom_id 
_pdbx_struct_conn_angle.ptnr3_label_alt_id 
_pdbx_struct_conn_angle.ptnr3_label_asym_id 
_pdbx_struct_conn_angle.ptnr3_label_comp_id 
_pdbx_struct_conn_angle.ptnr3_label_seq_id 
_pdbx_struct_conn_angle.ptnr3_auth_atom_id 
_pdbx_struct_conn_angle.ptnr3_auth_asym_id 
_pdbx_struct_conn_angle.ptnr3_auth_comp_id 
_pdbx_struct_conn_angle.ptnr3_auth_seq_id 
_pdbx_struct_conn_angle.ptnr3_PDB_ins_code 
_pdbx_struct_conn_angle.ptnr3_symmetry 
_pdbx_struct_conn_angle.value 
_pdbx_struct_conn_angle.value_esd 
1  OD1 ? A ASP 49  ? B ASP 48  ? 1_555 CA ? E CA . ? B CA 183 ? 1_555 OD1 ? A ASN 51  ? B ASN 50  ? 1_555 83.5  ? 
2  OD1 ? A ASP 49  ? B ASP 48  ? 1_555 CA ? E CA . ? B CA 183 ? 1_555 OD1 ? A ASN 53  ? B ASN 52  ? 1_555 80.0  ? 
3  OD1 ? A ASN 51  ? B ASN 50  ? 1_555 CA ? E CA . ? B CA 183 ? 1_555 OD1 ? A ASN 53  ? B ASN 52  ? 1_555 81.3  ? 
4  OD1 ? A ASP 49  ? B ASP 48  ? 1_555 CA ? E CA . ? B CA 183 ? 1_555 O   ? A SER 55  ? B SER 54  ? 1_555 88.2  ? 
5  OD1 ? A ASN 51  ? B ASN 50  ? 1_555 CA ? E CA . ? B CA 183 ? 1_555 O   ? A SER 55  ? B SER 54  ? 1_555 155.3 ? 
6  OD1 ? A ASN 53  ? B ASN 52  ? 1_555 CA ? E CA . ? B CA 183 ? 1_555 O   ? A SER 55  ? B SER 54  ? 1_555 74.3  ? 
7  OD1 ? A ASP 49  ? B ASP 48  ? 1_555 CA ? E CA . ? B CA 183 ? 1_555 OE1 ? A GLU 60  ? B GLU 59  ? 1_555 105.2 ? 
8  OD1 ? A ASN 51  ? B ASN 50  ? 1_555 CA ? E CA . ? B CA 183 ? 1_555 OE1 ? A GLU 60  ? B GLU 59  ? 1_555 74.5  ? 
9  OD1 ? A ASN 53  ? B ASN 52  ? 1_555 CA ? E CA . ? B CA 183 ? 1_555 OE1 ? A GLU 60  ? B GLU 59  ? 1_555 154.4 ? 
10 O   ? A SER 55  ? B SER 54  ? 1_555 CA ? E CA . ? B CA 183 ? 1_555 OE1 ? A GLU 60  ? B GLU 59  ? 1_555 130.2 ? 
11 OD1 ? A ASP 49  ? B ASP 48  ? 1_555 CA ? E CA . ? B CA 183 ? 1_555 OE2 ? A GLU 60  ? B GLU 59  ? 1_555 112.5 ? 
12 OD1 ? A ASN 51  ? B ASN 50  ? 1_555 CA ? E CA . ? B CA 183 ? 1_555 OE2 ? A GLU 60  ? B GLU 59  ? 1_555 124.3 ? 
13 OD1 ? A ASN 53  ? B ASN 52  ? 1_555 CA ? E CA . ? B CA 183 ? 1_555 OE2 ? A GLU 60  ? B GLU 59  ? 1_555 151.5 ? 
14 O   ? A SER 55  ? B SER 54  ? 1_555 CA ? E CA . ? B CA 183 ? 1_555 OE2 ? A GLU 60  ? B GLU 59  ? 1_555 80.4  ? 
15 OE1 ? A GLU 60  ? B GLU 59  ? 1_555 CA ? E CA . ? B CA 183 ? 1_555 OE2 ? A GLU 60  ? B GLU 59  ? 1_555 50.0  ? 
16 OD1 ? A ASP 49  ? B ASP 48  ? 1_555 CA ? E CA . ? B CA 183 ? 1_555 O   ? F HOH .   ? B HOH 185 ? 1_555 169.9 ? 
17 OD1 ? A ASN 51  ? B ASN 50  ? 1_555 CA ? E CA . ? B CA 183 ? 1_555 O   ? F HOH .   ? B HOH 185 ? 1_555 88.6  ? 
18 OD1 ? A ASN 53  ? B ASN 52  ? 1_555 CA ? E CA . ? B CA 183 ? 1_555 O   ? F HOH .   ? B HOH 185 ? 1_555 92.7  ? 
19 O   ? A SER 55  ? B SER 54  ? 1_555 CA ? E CA . ? B CA 183 ? 1_555 O   ? F HOH .   ? B HOH 185 ? 1_555 96.6  ? 
20 OE1 ? A GLU 60  ? B GLU 59  ? 1_555 CA ? E CA . ? B CA 183 ? 1_555 O   ? F HOH .   ? B HOH 185 ? 1_555 78.5  ? 
21 OE2 ? A GLU 60  ? B GLU 59  ? 1_555 CA ? E CA . ? B CA 183 ? 1_555 O   ? F HOH .   ? B HOH 185 ? 1_555 77.2  ? 
22 OD2 ? A ASP 118 ? B ASP 117 ? 1_555 CA ? B CA . ? B CA 180 ? 1_555 OD2 ? A ASP 122 ? B ASP 121 ? 1_555 82.8  ? 
23 OD2 ? A ASP 118 ? B ASP 117 ? 1_555 CA ? B CA . ? B CA 180 ? 1_555 OD1 ? A ASP 122 ? B ASP 121 ? 1_555 83.6  ? 
24 OD2 ? A ASP 122 ? B ASP 121 ? 1_555 CA ? B CA . ? B CA 180 ? 1_555 OD1 ? A ASP 122 ? B ASP 121 ? 1_555 49.7  ? 
25 OD2 ? A ASP 118 ? B ASP 117 ? 1_555 CA ? B CA . ? B CA 180 ? 1_555 O   ? A TYR 124 ? B TYR 123 ? 1_555 87.5  ? 
26 OD2 ? A ASP 122 ? B ASP 121 ? 1_555 CA ? B CA . ? B CA 180 ? 1_555 O   ? A TYR 124 ? B TYR 123 ? 1_555 74.7  ? 
27 OD1 ? A ASP 122 ? B ASP 121 ? 1_555 CA ? B CA . ? B CA 180 ? 1_555 O   ? A TYR 124 ? B TYR 123 ? 1_555 124.3 ? 
28 OD2 ? A ASP 118 ? B ASP 117 ? 1_555 CA ? B CA . ? B CA 180 ? 1_555 OD2 ? A ASP 129 ? B ASP 128 ? 1_555 111.2 ? 
29 OD2 ? A ASP 122 ? B ASP 121 ? 1_555 CA ? B CA . ? B CA 180 ? 1_555 OD2 ? A ASP 129 ? B ASP 128 ? 1_555 153.3 ? 
30 OD1 ? A ASP 122 ? B ASP 121 ? 1_555 CA ? B CA . ? B CA 180 ? 1_555 OD2 ? A ASP 129 ? B ASP 128 ? 1_555 150.4 ? 
31 O   ? A TYR 124 ? B TYR 123 ? 1_555 CA ? B CA . ? B CA 180 ? 1_555 OD2 ? A ASP 129 ? B ASP 128 ? 1_555 83.0  ? 
32 OD2 ? A ASP 118 ? B ASP 117 ? 1_555 CA ? B CA . ? B CA 180 ? 1_555 O   ? F HOH .   ? B HOH 184 ? 1_555 84.4  ? 
33 OD2 ? A ASP 122 ? B ASP 121 ? 1_555 CA ? B CA . ? B CA 180 ? 1_555 O   ? F HOH .   ? B HOH 184 ? 1_555 123.4 ? 
34 OD1 ? A ASP 122 ? B ASP 121 ? 1_555 CA ? B CA . ? B CA 180 ? 1_555 O   ? F HOH .   ? B HOH 184 ? 1_555 74.3  ? 
35 O   ? A TYR 124 ? B TYR 123 ? 1_555 CA ? B CA . ? B CA 180 ? 1_555 O   ? F HOH .   ? B HOH 184 ? 1_555 158.7 ? 
36 OD2 ? A ASP 129 ? B ASP 128 ? 1_555 CA ? B CA . ? B CA 180 ? 1_555 O   ? F HOH .   ? B HOH 184 ? 1_555 81.7  ? 
37 OD2 ? A ASP 118 ? B ASP 117 ? 1_555 CA ? B CA . ? B CA 180 ? 1_555 O   ? F HOH .   ? B HOH 199 ? 1_555 170.7 ? 
38 OD2 ? A ASP 122 ? B ASP 121 ? 1_555 CA ? B CA . ? B CA 180 ? 1_555 O   ? F HOH .   ? B HOH 199 ? 1_555 90.9  ? 
39 OD1 ? A ASP 122 ? B ASP 121 ? 1_555 CA ? B CA . ? B CA 180 ? 1_555 O   ? F HOH .   ? B HOH 199 ? 1_555 87.1  ? 
40 O   ? A TYR 124 ? B TYR 123 ? 1_555 CA ? B CA . ? B CA 180 ? 1_555 O   ? F HOH .   ? B HOH 199 ? 1_555 97.4  ? 
41 OD2 ? A ASP 129 ? B ASP 128 ? 1_555 CA ? B CA . ? B CA 180 ? 1_555 O   ? F HOH .   ? B HOH 199 ? 1_555 77.4  ? 
42 O   ? F HOH .   ? B HOH 184 ? 1_555 CA ? B CA . ? B CA 180 ? 1_555 O   ? F HOH .   ? B HOH 199 ? 1_555 93.6  ? 
# 
_struct_sheet.id               A 
_struct_sheet.type             ? 
_struct_sheet.number_strands   2 
_struct_sheet.details          ? 
# 
_struct_sheet_order.sheet_id     A 
_struct_sheet_order.range_id_1   1 
_struct_sheet_order.range_id_2   2 
_struct_sheet_order.offset       ? 
_struct_sheet_order.sense        anti-parallel 
# 
loop_
_struct_sheet_range.sheet_id 
_struct_sheet_range.id 
_struct_sheet_range.beg_label_comp_id 
_struct_sheet_range.beg_label_asym_id 
_struct_sheet_range.beg_label_seq_id 
_struct_sheet_range.pdbx_beg_PDB_ins_code 
_struct_sheet_range.end_label_comp_id 
_struct_sheet_range.end_label_asym_id 
_struct_sheet_range.end_label_seq_id 
_struct_sheet_range.pdbx_end_PDB_ins_code 
_struct_sheet_range.beg_auth_comp_id 
_struct_sheet_range.beg_auth_asym_id 
_struct_sheet_range.beg_auth_seq_id 
_struct_sheet_range.end_auth_comp_id 
_struct_sheet_range.end_auth_asym_id 
_struct_sheet_range.end_auth_seq_id 
A 1 LEU A 56 ? SER A 57 ? LEU B 55 SER B 56 
A 2 ASN A 89 ? ILE A 90 ? ASN B 88 ILE B 89 
# 
_pdbx_struct_sheet_hbond.sheet_id                A 
_pdbx_struct_sheet_hbond.range_id_1              1 
_pdbx_struct_sheet_hbond.range_id_2              2 
_pdbx_struct_sheet_hbond.range_1_label_atom_id   N 
_pdbx_struct_sheet_hbond.range_1_label_comp_id   LEU 
_pdbx_struct_sheet_hbond.range_1_label_asym_id   A 
_pdbx_struct_sheet_hbond.range_1_label_seq_id    56 
_pdbx_struct_sheet_hbond.range_1_PDB_ins_code    ? 
_pdbx_struct_sheet_hbond.range_1_auth_atom_id    N 
_pdbx_struct_sheet_hbond.range_1_auth_comp_id    LEU 
_pdbx_struct_sheet_hbond.range_1_auth_asym_id    B 
_pdbx_struct_sheet_hbond.range_1_auth_seq_id     55 
_pdbx_struct_sheet_hbond.range_2_label_atom_id   O 
_pdbx_struct_sheet_hbond.range_2_label_comp_id   ILE 
_pdbx_struct_sheet_hbond.range_2_label_asym_id   A 
_pdbx_struct_sheet_hbond.range_2_label_seq_id    90 
_pdbx_struct_sheet_hbond.range_2_PDB_ins_code    ? 
_pdbx_struct_sheet_hbond.range_2_auth_atom_id    O 
_pdbx_struct_sheet_hbond.range_2_auth_comp_id    ILE 
_pdbx_struct_sheet_hbond.range_2_auth_asym_id    B 
_pdbx_struct_sheet_hbond.range_2_auth_seq_id     89 
# 
loop_
_struct_site.id 
_struct_site.pdbx_evidence_code 
_struct_site.pdbx_auth_asym_id 
_struct_site.pdbx_auth_comp_id 
_struct_site.pdbx_auth_seq_id 
_struct_site.pdbx_auth_ins_code 
_struct_site.pdbx_num_residues 
_struct_site.details 
AC1 Software B CA  180 ? 6 'BINDING SITE FOR RESIDUE CA B 180'  
AC2 Software B SO4 181 ? 5 'BINDING SITE FOR RESIDUE SO4 B 181' 
AC3 Software B SO4 182 ? 4 'BINDING SITE FOR RESIDUE SO4 B 182' 
AC4 Software B CA  183 ? 6 'BINDING SITE FOR RESIDUE CA B 183'  
# 
loop_
_struct_site_gen.id 
_struct_site_gen.site_id 
_struct_site_gen.pdbx_num_res 
_struct_site_gen.label_comp_id 
_struct_site_gen.label_asym_id 
_struct_site_gen.label_seq_id 
_struct_site_gen.pdbx_auth_ins_code 
_struct_site_gen.auth_comp_id 
_struct_site_gen.auth_asym_id 
_struct_site_gen.auth_seq_id 
_struct_site_gen.label_atom_id 
_struct_site_gen.label_alt_id 
_struct_site_gen.symmetry 
_struct_site_gen.details 
1  AC1 6 ASP A 118 ? ASP B 117 . ? 1_555 ? 
2  AC1 6 ASP A 122 ? ASP B 121 . ? 1_555 ? 
3  AC1 6 TYR A 124 ? TYR B 123 . ? 1_555 ? 
4  AC1 6 ASP A 129 ? ASP B 128 . ? 1_555 ? 
5  AC1 6 HOH F .   ? HOH B 184 . ? 1_555 ? 
6  AC1 6 HOH F .   ? HOH B 199 . ? 1_555 ? 
7  AC2 5 LYS A 15  ? LYS B 14  . ? 1_555 ? 
8  AC2 5 SER A 57  ? SER B 56  . ? 5_544 ? 
9  AC2 5 ARG A 59  ? ARG B 58  . ? 5_544 ? 
10 AC2 5 ARG A 77  ? ARG B 76  . ? 4_555 ? 
11 AC2 5 HOH F .   ? HOH B 205 . ? 5_544 ? 
12 AC3 4 HIS A 58  ? HIS B 57  . ? 2_455 ? 
13 AC3 4 HOH F .   ? HOH B 201 . ? 2_455 ? 
14 AC3 4 HOH F .   ? HOH B 232 . ? 2_455 ? 
15 AC3 4 HOH F .   ? HOH B 241 . ? 1_555 ? 
16 AC4 6 ASP A 49  ? ASP B 48  . ? 1_555 ? 
17 AC4 6 ASN A 51  ? ASN B 50  . ? 1_555 ? 
18 AC4 6 ASN A 53  ? ASN B 52  . ? 1_555 ? 
19 AC4 6 SER A 55  ? SER B 54  . ? 1_555 ? 
20 AC4 6 GLU A 60  ? GLU B 59  . ? 1_555 ? 
21 AC4 6 HOH F .   ? HOH B 185 . ? 1_555 ? 
# 
loop_
_pdbx_validate_torsion.id 
_pdbx_validate_torsion.PDB_model_num 
_pdbx_validate_torsion.auth_comp_id 
_pdbx_validate_torsion.auth_asym_id 
_pdbx_validate_torsion.auth_seq_id 
_pdbx_validate_torsion.PDB_ins_code 
_pdbx_validate_torsion.label_alt_id 
_pdbx_validate_torsion.phi 
_pdbx_validate_torsion.psi 
1 1 ASP B 139 ? ? -129.02 -165.06 
2 1 ASN B 164 ? ? -101.63 57.58   
# 
_pdbx_SG_project.id                    1 
_pdbx_SG_project.project_name          ? 
_pdbx_SG_project.full_name_of_center   'Structural Genomics Consortium' 
_pdbx_SG_project.initial_of_center     SGC 
# 
loop_
_pdbx_unobs_or_zero_occ_residues.id 
_pdbx_unobs_or_zero_occ_residues.PDB_model_num 
_pdbx_unobs_or_zero_occ_residues.polymer_flag 
_pdbx_unobs_or_zero_occ_residues.occupancy_flag 
_pdbx_unobs_or_zero_occ_residues.auth_asym_id 
_pdbx_unobs_or_zero_occ_residues.auth_comp_id 
_pdbx_unobs_or_zero_occ_residues.auth_seq_id 
_pdbx_unobs_or_zero_occ_residues.PDB_ins_code 
_pdbx_unobs_or_zero_occ_residues.label_asym_id 
_pdbx_unobs_or_zero_occ_residues.label_comp_id 
_pdbx_unobs_or_zero_occ_residues.label_seq_id 
1  1 Y 1 B GLY 0   ? A GLY 1   
2  1 Y 1 B GLU 105 ? A GLU 106 
3  1 Y 1 B SER 106 ? A SER 107 
4  1 Y 1 B LYS 154 ? A LYS 155 
5  1 Y 1 B LYS 155 ? A LYS 156 
6  1 Y 1 B GLY 156 ? A GLY 157 
7  1 Y 1 B ILE 157 ? A ILE 158 
8  1 Y 1 B PRO 158 ? A PRO 159 
9  1 Y 1 B ARG 159 ? A ARG 160 
10 1 Y 1 B GLU 160 ? A GLU 161 
11 1 Y 1 B HIS 161 ? A HIS 162 
12 1 Y 1 B ILE 162 ? A ILE 163 
# 
loop_
_chem_comp_atom.comp_id 
_chem_comp_atom.atom_id 
_chem_comp_atom.type_symbol 
_chem_comp_atom.pdbx_aromatic_flag 
_chem_comp_atom.pdbx_stereo_config 
_chem_comp_atom.pdbx_ordinal 
ALA N    N  N N 1   
ALA CA   C  N S 2   
ALA C    C  N N 3   
ALA O    O  N N 4   
ALA CB   C  N N 5   
ALA OXT  O  N N 6   
ALA H    H  N N 7   
ALA H2   H  N N 8   
ALA HA   H  N N 9   
ALA HB1  H  N N 10  
ALA HB2  H  N N 11  
ALA HB3  H  N N 12  
ALA HXT  H  N N 13  
ARG N    N  N N 14  
ARG CA   C  N S 15  
ARG C    C  N N 16  
ARG O    O  N N 17  
ARG CB   C  N N 18  
ARG CG   C  N N 19  
ARG CD   C  N N 20  
ARG NE   N  N N 21  
ARG CZ   C  N N 22  
ARG NH1  N  N N 23  
ARG NH2  N  N N 24  
ARG OXT  O  N N 25  
ARG H    H  N N 26  
ARG H2   H  N N 27  
ARG HA   H  N N 28  
ARG HB2  H  N N 29  
ARG HB3  H  N N 30  
ARG HG2  H  N N 31  
ARG HG3  H  N N 32  
ARG HD2  H  N N 33  
ARG HD3  H  N N 34  
ARG HE   H  N N 35  
ARG HH11 H  N N 36  
ARG HH12 H  N N 37  
ARG HH21 H  N N 38  
ARG HH22 H  N N 39  
ARG HXT  H  N N 40  
ASN N    N  N N 41  
ASN CA   C  N S 42  
ASN C    C  N N 43  
ASN O    O  N N 44  
ASN CB   C  N N 45  
ASN CG   C  N N 46  
ASN OD1  O  N N 47  
ASN ND2  N  N N 48  
ASN OXT  O  N N 49  
ASN H    H  N N 50  
ASN H2   H  N N 51  
ASN HA   H  N N 52  
ASN HB2  H  N N 53  
ASN HB3  H  N N 54  
ASN HD21 H  N N 55  
ASN HD22 H  N N 56  
ASN HXT  H  N N 57  
ASP N    N  N N 58  
ASP CA   C  N S 59  
ASP C    C  N N 60  
ASP O    O  N N 61  
ASP CB   C  N N 62  
ASP CG   C  N N 63  
ASP OD1  O  N N 64  
ASP OD2  O  N N 65  
ASP OXT  O  N N 66  
ASP H    H  N N 67  
ASP H2   H  N N 68  
ASP HA   H  N N 69  
ASP HB2  H  N N 70  
ASP HB3  H  N N 71  
ASP HD2  H  N N 72  
ASP HXT  H  N N 73  
CA  CA   CA N N 74  
CYS N    N  N N 75  
CYS CA   C  N R 76  
CYS C    C  N N 77  
CYS O    O  N N 78  
CYS CB   C  N N 79  
CYS SG   S  N N 80  
CYS OXT  O  N N 81  
CYS H    H  N N 82  
CYS H2   H  N N 83  
CYS HA   H  N N 84  
CYS HB2  H  N N 85  
CYS HB3  H  N N 86  
CYS HG   H  N N 87  
CYS HXT  H  N N 88  
GLN N    N  N N 89  
GLN CA   C  N S 90  
GLN C    C  N N 91  
GLN O    O  N N 92  
GLN CB   C  N N 93  
GLN CG   C  N N 94  
GLN CD   C  N N 95  
GLN OE1  O  N N 96  
GLN NE2  N  N N 97  
GLN OXT  O  N N 98  
GLN H    H  N N 99  
GLN H2   H  N N 100 
GLN HA   H  N N 101 
GLN HB2  H  N N 102 
GLN HB3  H  N N 103 
GLN HG2  H  N N 104 
GLN HG3  H  N N 105 
GLN HE21 H  N N 106 
GLN HE22 H  N N 107 
GLN HXT  H  N N 108 
GLU N    N  N N 109 
GLU CA   C  N S 110 
GLU C    C  N N 111 
GLU O    O  N N 112 
GLU CB   C  N N 113 
GLU CG   C  N N 114 
GLU CD   C  N N 115 
GLU OE1  O  N N 116 
GLU OE2  O  N N 117 
GLU OXT  O  N N 118 
GLU H    H  N N 119 
GLU H2   H  N N 120 
GLU HA   H  N N 121 
GLU HB2  H  N N 122 
GLU HB3  H  N N 123 
GLU HG2  H  N N 124 
GLU HG3  H  N N 125 
GLU HE2  H  N N 126 
GLU HXT  H  N N 127 
GLY N    N  N N 128 
GLY CA   C  N N 129 
GLY C    C  N N 130 
GLY O    O  N N 131 
GLY OXT  O  N N 132 
GLY H    H  N N 133 
GLY H2   H  N N 134 
GLY HA2  H  N N 135 
GLY HA3  H  N N 136 
GLY HXT  H  N N 137 
HIS N    N  N N 138 
HIS CA   C  N S 139 
HIS C    C  N N 140 
HIS O    O  N N 141 
HIS CB   C  N N 142 
HIS CG   C  Y N 143 
HIS ND1  N  Y N 144 
HIS CD2  C  Y N 145 
HIS CE1  C  Y N 146 
HIS NE2  N  Y N 147 
HIS OXT  O  N N 148 
HIS H    H  N N 149 
HIS H2   H  N N 150 
HIS HA   H  N N 151 
HIS HB2  H  N N 152 
HIS HB3  H  N N 153 
HIS HD1  H  N N 154 
HIS HD2  H  N N 155 
HIS HE1  H  N N 156 
HIS HE2  H  N N 157 
HIS HXT  H  N N 158 
HOH O    O  N N 159 
HOH H1   H  N N 160 
HOH H2   H  N N 161 
ILE N    N  N N 162 
ILE CA   C  N S 163 
ILE C    C  N N 164 
ILE O    O  N N 165 
ILE CB   C  N S 166 
ILE CG1  C  N N 167 
ILE CG2  C  N N 168 
ILE CD1  C  N N 169 
ILE OXT  O  N N 170 
ILE H    H  N N 171 
ILE H2   H  N N 172 
ILE HA   H  N N 173 
ILE HB   H  N N 174 
ILE HG12 H  N N 175 
ILE HG13 H  N N 176 
ILE HG21 H  N N 177 
ILE HG22 H  N N 178 
ILE HG23 H  N N 179 
ILE HD11 H  N N 180 
ILE HD12 H  N N 181 
ILE HD13 H  N N 182 
ILE HXT  H  N N 183 
LEU N    N  N N 184 
LEU CA   C  N S 185 
LEU C    C  N N 186 
LEU O    O  N N 187 
LEU CB   C  N N 188 
LEU CG   C  N N 189 
LEU CD1  C  N N 190 
LEU CD2  C  N N 191 
LEU OXT  O  N N 192 
LEU H    H  N N 193 
LEU H2   H  N N 194 
LEU HA   H  N N 195 
LEU HB2  H  N N 196 
LEU HB3  H  N N 197 
LEU HG   H  N N 198 
LEU HD11 H  N N 199 
LEU HD12 H  N N 200 
LEU HD13 H  N N 201 
LEU HD21 H  N N 202 
LEU HD22 H  N N 203 
LEU HD23 H  N N 204 
LEU HXT  H  N N 205 
LYS N    N  N N 206 
LYS CA   C  N S 207 
LYS C    C  N N 208 
LYS O    O  N N 209 
LYS CB   C  N N 210 
LYS CG   C  N N 211 
LYS CD   C  N N 212 
LYS CE   C  N N 213 
LYS NZ   N  N N 214 
LYS OXT  O  N N 215 
LYS H    H  N N 216 
LYS H2   H  N N 217 
LYS HA   H  N N 218 
LYS HB2  H  N N 219 
LYS HB3  H  N N 220 
LYS HG2  H  N N 221 
LYS HG3  H  N N 222 
LYS HD2  H  N N 223 
LYS HD3  H  N N 224 
LYS HE2  H  N N 225 
LYS HE3  H  N N 226 
LYS HZ1  H  N N 227 
LYS HZ2  H  N N 228 
LYS HZ3  H  N N 229 
LYS HXT  H  N N 230 
MET N    N  N N 231 
MET CA   C  N S 232 
MET C    C  N N 233 
MET O    O  N N 234 
MET CB   C  N N 235 
MET CG   C  N N 236 
MET SD   S  N N 237 
MET CE   C  N N 238 
MET OXT  O  N N 239 
MET H    H  N N 240 
MET H2   H  N N 241 
MET HA   H  N N 242 
MET HB2  H  N N 243 
MET HB3  H  N N 244 
MET HG2  H  N N 245 
MET HG3  H  N N 246 
MET HE1  H  N N 247 
MET HE2  H  N N 248 
MET HE3  H  N N 249 
MET HXT  H  N N 250 
PHE N    N  N N 251 
PHE CA   C  N S 252 
PHE C    C  N N 253 
PHE O    O  N N 254 
PHE CB   C  N N 255 
PHE CG   C  Y N 256 
PHE CD1  C  Y N 257 
PHE CD2  C  Y N 258 
PHE CE1  C  Y N 259 
PHE CE2  C  Y N 260 
PHE CZ   C  Y N 261 
PHE OXT  O  N N 262 
PHE H    H  N N 263 
PHE H2   H  N N 264 
PHE HA   H  N N 265 
PHE HB2  H  N N 266 
PHE HB3  H  N N 267 
PHE HD1  H  N N 268 
PHE HD2  H  N N 269 
PHE HE1  H  N N 270 
PHE HE2  H  N N 271 
PHE HZ   H  N N 272 
PHE HXT  H  N N 273 
PRO N    N  N N 274 
PRO CA   C  N S 275 
PRO C    C  N N 276 
PRO O    O  N N 277 
PRO CB   C  N N 278 
PRO CG   C  N N 279 
PRO CD   C  N N 280 
PRO OXT  O  N N 281 
PRO H    H  N N 282 
PRO HA   H  N N 283 
PRO HB2  H  N N 284 
PRO HB3  H  N N 285 
PRO HG2  H  N N 286 
PRO HG3  H  N N 287 
PRO HD2  H  N N 288 
PRO HD3  H  N N 289 
PRO HXT  H  N N 290 
SER N    N  N N 291 
SER CA   C  N S 292 
SER C    C  N N 293 
SER O    O  N N 294 
SER CB   C  N N 295 
SER OG   O  N N 296 
SER OXT  O  N N 297 
SER H    H  N N 298 
SER H2   H  N N 299 
SER HA   H  N N 300 
SER HB2  H  N N 301 
SER HB3  H  N N 302 
SER HG   H  N N 303 
SER HXT  H  N N 304 
SO4 S    S  N N 305 
SO4 O1   O  N N 306 
SO4 O2   O  N N 307 
SO4 O3   O  N N 308 
SO4 O4   O  N N 309 
THR N    N  N N 310 
THR CA   C  N S 311 
THR C    C  N N 312 
THR O    O  N N 313 
THR CB   C  N R 314 
THR OG1  O  N N 315 
THR CG2  C  N N 316 
THR OXT  O  N N 317 
THR H    H  N N 318 
THR H2   H  N N 319 
THR HA   H  N N 320 
THR HB   H  N N 321 
THR HG1  H  N N 322 
THR HG21 H  N N 323 
THR HG22 H  N N 324 
THR HG23 H  N N 325 
THR HXT  H  N N 326 
TRP N    N  N N 327 
TRP CA   C  N S 328 
TRP C    C  N N 329 
TRP O    O  N N 330 
TRP CB   C  N N 331 
TRP CG   C  Y N 332 
TRP CD1  C  Y N 333 
TRP CD2  C  Y N 334 
TRP NE1  N  Y N 335 
TRP CE2  C  Y N 336 
TRP CE3  C  Y N 337 
TRP CZ2  C  Y N 338 
TRP CZ3  C  Y N 339 
TRP CH2  C  Y N 340 
TRP OXT  O  N N 341 
TRP H    H  N N 342 
TRP H2   H  N N 343 
TRP HA   H  N N 344 
TRP HB2  H  N N 345 
TRP HB3  H  N N 346 
TRP HD1  H  N N 347 
TRP HE1  H  N N 348 
TRP HE3  H  N N 349 
TRP HZ2  H  N N 350 
TRP HZ3  H  N N 351 
TRP HH2  H  N N 352 
TRP HXT  H  N N 353 
TYR N    N  N N 354 
TYR CA   C  N S 355 
TYR C    C  N N 356 
TYR O    O  N N 357 
TYR CB   C  N N 358 
TYR CG   C  Y N 359 
TYR CD1  C  Y N 360 
TYR CD2  C  Y N 361 
TYR CE1  C  Y N 362 
TYR CE2  C  Y N 363 
TYR CZ   C  Y N 364 
TYR OH   O  N N 365 
TYR OXT  O  N N 366 
TYR H    H  N N 367 
TYR H2   H  N N 368 
TYR HA   H  N N 369 
TYR HB2  H  N N 370 
TYR HB3  H  N N 371 
TYR HD1  H  N N 372 
TYR HD2  H  N N 373 
TYR HE1  H  N N 374 
TYR HE2  H  N N 375 
TYR HH   H  N N 376 
TYR HXT  H  N N 377 
VAL N    N  N N 378 
VAL CA   C  N S 379 
VAL C    C  N N 380 
VAL O    O  N N 381 
VAL CB   C  N N 382 
VAL CG1  C  N N 383 
VAL CG2  C  N N 384 
VAL OXT  O  N N 385 
VAL H    H  N N 386 
VAL H2   H  N N 387 
VAL HA   H  N N 388 
VAL HB   H  N N 389 
VAL HG11 H  N N 390 
VAL HG12 H  N N 391 
VAL HG13 H  N N 392 
VAL HG21 H  N N 393 
VAL HG22 H  N N 394 
VAL HG23 H  N N 395 
VAL HXT  H  N N 396 
# 
loop_
_chem_comp_bond.comp_id 
_chem_comp_bond.atom_id_1 
_chem_comp_bond.atom_id_2 
_chem_comp_bond.value_order 
_chem_comp_bond.pdbx_aromatic_flag 
_chem_comp_bond.pdbx_stereo_config 
_chem_comp_bond.pdbx_ordinal 
ALA N   CA   sing N N 1   
ALA N   H    sing N N 2   
ALA N   H2   sing N N 3   
ALA CA  C    sing N N 4   
ALA CA  CB   sing N N 5   
ALA CA  HA   sing N N 6   
ALA C   O    doub N N 7   
ALA C   OXT  sing N N 8   
ALA CB  HB1  sing N N 9   
ALA CB  HB2  sing N N 10  
ALA CB  HB3  sing N N 11  
ALA OXT HXT  sing N N 12  
ARG N   CA   sing N N 13  
ARG N   H    sing N N 14  
ARG N   H2   sing N N 15  
ARG CA  C    sing N N 16  
ARG CA  CB   sing N N 17  
ARG CA  HA   sing N N 18  
ARG C   O    doub N N 19  
ARG C   OXT  sing N N 20  
ARG CB  CG   sing N N 21  
ARG CB  HB2  sing N N 22  
ARG CB  HB3  sing N N 23  
ARG CG  CD   sing N N 24  
ARG CG  HG2  sing N N 25  
ARG CG  HG3  sing N N 26  
ARG CD  NE   sing N N 27  
ARG CD  HD2  sing N N 28  
ARG CD  HD3  sing N N 29  
ARG NE  CZ   sing N N 30  
ARG NE  HE   sing N N 31  
ARG CZ  NH1  sing N N 32  
ARG CZ  NH2  doub N N 33  
ARG NH1 HH11 sing N N 34  
ARG NH1 HH12 sing N N 35  
ARG NH2 HH21 sing N N 36  
ARG NH2 HH22 sing N N 37  
ARG OXT HXT  sing N N 38  
ASN N   CA   sing N N 39  
ASN N   H    sing N N 40  
ASN N   H2   sing N N 41  
ASN CA  C    sing N N 42  
ASN CA  CB   sing N N 43  
ASN CA  HA   sing N N 44  
ASN C   O    doub N N 45  
ASN C   OXT  sing N N 46  
ASN CB  CG   sing N N 47  
ASN CB  HB2  sing N N 48  
ASN CB  HB3  sing N N 49  
ASN CG  OD1  doub N N 50  
ASN CG  ND2  sing N N 51  
ASN ND2 HD21 sing N N 52  
ASN ND2 HD22 sing N N 53  
ASN OXT HXT  sing N N 54  
ASP N   CA   sing N N 55  
ASP N   H    sing N N 56  
ASP N   H2   sing N N 57  
ASP CA  C    sing N N 58  
ASP CA  CB   sing N N 59  
ASP CA  HA   sing N N 60  
ASP C   O    doub N N 61  
ASP C   OXT  sing N N 62  
ASP CB  CG   sing N N 63  
ASP CB  HB2  sing N N 64  
ASP CB  HB3  sing N N 65  
ASP CG  OD1  doub N N 66  
ASP CG  OD2  sing N N 67  
ASP OD2 HD2  sing N N 68  
ASP OXT HXT  sing N N 69  
CYS N   CA   sing N N 70  
CYS N   H    sing N N 71  
CYS N   H2   sing N N 72  
CYS CA  C    sing N N 73  
CYS CA  CB   sing N N 74  
CYS CA  HA   sing N N 75  
CYS C   O    doub N N 76  
CYS C   OXT  sing N N 77  
CYS CB  SG   sing N N 78  
CYS CB  HB2  sing N N 79  
CYS CB  HB3  sing N N 80  
CYS SG  HG   sing N N 81  
CYS OXT HXT  sing N N 82  
GLN N   CA   sing N N 83  
GLN N   H    sing N N 84  
GLN N   H2   sing N N 85  
GLN CA  C    sing N N 86  
GLN CA  CB   sing N N 87  
GLN CA  HA   sing N N 88  
GLN C   O    doub N N 89  
GLN C   OXT  sing N N 90  
GLN CB  CG   sing N N 91  
GLN CB  HB2  sing N N 92  
GLN CB  HB3  sing N N 93  
GLN CG  CD   sing N N 94  
GLN CG  HG2  sing N N 95  
GLN CG  HG3  sing N N 96  
GLN CD  OE1  doub N N 97  
GLN CD  NE2  sing N N 98  
GLN NE2 HE21 sing N N 99  
GLN NE2 HE22 sing N N 100 
GLN OXT HXT  sing N N 101 
GLU N   CA   sing N N 102 
GLU N   H    sing N N 103 
GLU N   H2   sing N N 104 
GLU CA  C    sing N N 105 
GLU CA  CB   sing N N 106 
GLU CA  HA   sing N N 107 
GLU C   O    doub N N 108 
GLU C   OXT  sing N N 109 
GLU CB  CG   sing N N 110 
GLU CB  HB2  sing N N 111 
GLU CB  HB3  sing N N 112 
GLU CG  CD   sing N N 113 
GLU CG  HG2  sing N N 114 
GLU CG  HG3  sing N N 115 
GLU CD  OE1  doub N N 116 
GLU CD  OE2  sing N N 117 
GLU OE2 HE2  sing N N 118 
GLU OXT HXT  sing N N 119 
GLY N   CA   sing N N 120 
GLY N   H    sing N N 121 
GLY N   H2   sing N N 122 
GLY CA  C    sing N N 123 
GLY CA  HA2  sing N N 124 
GLY CA  HA3  sing N N 125 
GLY C   O    doub N N 126 
GLY C   OXT  sing N N 127 
GLY OXT HXT  sing N N 128 
HIS N   CA   sing N N 129 
HIS N   H    sing N N 130 
HIS N   H2   sing N N 131 
HIS CA  C    sing N N 132 
HIS CA  CB   sing N N 133 
HIS CA  HA   sing N N 134 
HIS C   O    doub N N 135 
HIS C   OXT  sing N N 136 
HIS CB  CG   sing N N 137 
HIS CB  HB2  sing N N 138 
HIS CB  HB3  sing N N 139 
HIS CG  ND1  sing Y N 140 
HIS CG  CD2  doub Y N 141 
HIS ND1 CE1  doub Y N 142 
HIS ND1 HD1  sing N N 143 
HIS CD2 NE2  sing Y N 144 
HIS CD2 HD2  sing N N 145 
HIS CE1 NE2  sing Y N 146 
HIS CE1 HE1  sing N N 147 
HIS NE2 HE2  sing N N 148 
HIS OXT HXT  sing N N 149 
HOH O   H1   sing N N 150 
HOH O   H2   sing N N 151 
ILE N   CA   sing N N 152 
ILE N   H    sing N N 153 
ILE N   H2   sing N N 154 
ILE CA  C    sing N N 155 
ILE CA  CB   sing N N 156 
ILE CA  HA   sing N N 157 
ILE C   O    doub N N 158 
ILE C   OXT  sing N N 159 
ILE CB  CG1  sing N N 160 
ILE CB  CG2  sing N N 161 
ILE CB  HB   sing N N 162 
ILE CG1 CD1  sing N N 163 
ILE CG1 HG12 sing N N 164 
ILE CG1 HG13 sing N N 165 
ILE CG2 HG21 sing N N 166 
ILE CG2 HG22 sing N N 167 
ILE CG2 HG23 sing N N 168 
ILE CD1 HD11 sing N N 169 
ILE CD1 HD12 sing N N 170 
ILE CD1 HD13 sing N N 171 
ILE OXT HXT  sing N N 172 
LEU N   CA   sing N N 173 
LEU N   H    sing N N 174 
LEU N   H2   sing N N 175 
LEU CA  C    sing N N 176 
LEU CA  CB   sing N N 177 
LEU CA  HA   sing N N 178 
LEU C   O    doub N N 179 
LEU C   OXT  sing N N 180 
LEU CB  CG   sing N N 181 
LEU CB  HB2  sing N N 182 
LEU CB  HB3  sing N N 183 
LEU CG  CD1  sing N N 184 
LEU CG  CD2  sing N N 185 
LEU CG  HG   sing N N 186 
LEU CD1 HD11 sing N N 187 
LEU CD1 HD12 sing N N 188 
LEU CD1 HD13 sing N N 189 
LEU CD2 HD21 sing N N 190 
LEU CD2 HD22 sing N N 191 
LEU CD2 HD23 sing N N 192 
LEU OXT HXT  sing N N 193 
LYS N   CA   sing N N 194 
LYS N   H    sing N N 195 
LYS N   H2   sing N N 196 
LYS CA  C    sing N N 197 
LYS CA  CB   sing N N 198 
LYS CA  HA   sing N N 199 
LYS C   O    doub N N 200 
LYS C   OXT  sing N N 201 
LYS CB  CG   sing N N 202 
LYS CB  HB2  sing N N 203 
LYS CB  HB3  sing N N 204 
LYS CG  CD   sing N N 205 
LYS CG  HG2  sing N N 206 
LYS CG  HG3  sing N N 207 
LYS CD  CE   sing N N 208 
LYS CD  HD2  sing N N 209 
LYS CD  HD3  sing N N 210 
LYS CE  NZ   sing N N 211 
LYS CE  HE2  sing N N 212 
LYS CE  HE3  sing N N 213 
LYS NZ  HZ1  sing N N 214 
LYS NZ  HZ2  sing N N 215 
LYS NZ  HZ3  sing N N 216 
LYS OXT HXT  sing N N 217 
MET N   CA   sing N N 218 
MET N   H    sing N N 219 
MET N   H2   sing N N 220 
MET CA  C    sing N N 221 
MET CA  CB   sing N N 222 
MET CA  HA   sing N N 223 
MET C   O    doub N N 224 
MET C   OXT  sing N N 225 
MET CB  CG   sing N N 226 
MET CB  HB2  sing N N 227 
MET CB  HB3  sing N N 228 
MET CG  SD   sing N N 229 
MET CG  HG2  sing N N 230 
MET CG  HG3  sing N N 231 
MET SD  CE   sing N N 232 
MET CE  HE1  sing N N 233 
MET CE  HE2  sing N N 234 
MET CE  HE3  sing N N 235 
MET OXT HXT  sing N N 236 
PHE N   CA   sing N N 237 
PHE N   H    sing N N 238 
PHE N   H2   sing N N 239 
PHE CA  C    sing N N 240 
PHE CA  CB   sing N N 241 
PHE CA  HA   sing N N 242 
PHE C   O    doub N N 243 
PHE C   OXT  sing N N 244 
PHE CB  CG   sing N N 245 
PHE CB  HB2  sing N N 246 
PHE CB  HB3  sing N N 247 
PHE CG  CD1  doub Y N 248 
PHE CG  CD2  sing Y N 249 
PHE CD1 CE1  sing Y N 250 
PHE CD1 HD1  sing N N 251 
PHE CD2 CE2  doub Y N 252 
PHE CD2 HD2  sing N N 253 
PHE CE1 CZ   doub Y N 254 
PHE CE1 HE1  sing N N 255 
PHE CE2 CZ   sing Y N 256 
PHE CE2 HE2  sing N N 257 
PHE CZ  HZ   sing N N 258 
PHE OXT HXT  sing N N 259 
PRO N   CA   sing N N 260 
PRO N   CD   sing N N 261 
PRO N   H    sing N N 262 
PRO CA  C    sing N N 263 
PRO CA  CB   sing N N 264 
PRO CA  HA   sing N N 265 
PRO C   O    doub N N 266 
PRO C   OXT  sing N N 267 
PRO CB  CG   sing N N 268 
PRO CB  HB2  sing N N 269 
PRO CB  HB3  sing N N 270 
PRO CG  CD   sing N N 271 
PRO CG  HG2  sing N N 272 
PRO CG  HG3  sing N N 273 
PRO CD  HD2  sing N N 274 
PRO CD  HD3  sing N N 275 
PRO OXT HXT  sing N N 276 
SER N   CA   sing N N 277 
SER N   H    sing N N 278 
SER N   H2   sing N N 279 
SER CA  C    sing N N 280 
SER CA  CB   sing N N 281 
SER CA  HA   sing N N 282 
SER C   O    doub N N 283 
SER C   OXT  sing N N 284 
SER CB  OG   sing N N 285 
SER CB  HB2  sing N N 286 
SER CB  HB3  sing N N 287 
SER OG  HG   sing N N 288 
SER OXT HXT  sing N N 289 
SO4 S   O1   doub N N 290 
SO4 S   O2   doub N N 291 
SO4 S   O3   sing N N 292 
SO4 S   O4   sing N N 293 
THR N   CA   sing N N 294 
THR N   H    sing N N 295 
THR N   H2   sing N N 296 
THR CA  C    sing N N 297 
THR CA  CB   sing N N 298 
THR CA  HA   sing N N 299 
THR C   O    doub N N 300 
THR C   OXT  sing N N 301 
THR CB  OG1  sing N N 302 
THR CB  CG2  sing N N 303 
THR CB  HB   sing N N 304 
THR OG1 HG1  sing N N 305 
THR CG2 HG21 sing N N 306 
THR CG2 HG22 sing N N 307 
THR CG2 HG23 sing N N 308 
THR OXT HXT  sing N N 309 
TRP N   CA   sing N N 310 
TRP N   H    sing N N 311 
TRP N   H2   sing N N 312 
TRP CA  C    sing N N 313 
TRP CA  CB   sing N N 314 
TRP CA  HA   sing N N 315 
TRP C   O    doub N N 316 
TRP C   OXT  sing N N 317 
TRP CB  CG   sing N N 318 
TRP CB  HB2  sing N N 319 
TRP CB  HB3  sing N N 320 
TRP CG  CD1  doub Y N 321 
TRP CG  CD2  sing Y N 322 
TRP CD1 NE1  sing Y N 323 
TRP CD1 HD1  sing N N 324 
TRP CD2 CE2  doub Y N 325 
TRP CD2 CE3  sing Y N 326 
TRP NE1 CE2  sing Y N 327 
TRP NE1 HE1  sing N N 328 
TRP CE2 CZ2  sing Y N 329 
TRP CE3 CZ3  doub Y N 330 
TRP CE3 HE3  sing N N 331 
TRP CZ2 CH2  doub Y N 332 
TRP CZ2 HZ2  sing N N 333 
TRP CZ3 CH2  sing Y N 334 
TRP CZ3 HZ3  sing N N 335 
TRP CH2 HH2  sing N N 336 
TRP OXT HXT  sing N N 337 
TYR N   CA   sing N N 338 
TYR N   H    sing N N 339 
TYR N   H2   sing N N 340 
TYR CA  C    sing N N 341 
TYR CA  CB   sing N N 342 
TYR CA  HA   sing N N 343 
TYR C   O    doub N N 344 
TYR C   OXT  sing N N 345 
TYR CB  CG   sing N N 346 
TYR CB  HB2  sing N N 347 
TYR CB  HB3  sing N N 348 
TYR CG  CD1  doub Y N 349 
TYR CG  CD2  sing Y N 350 
TYR CD1 CE1  sing Y N 351 
TYR CD1 HD1  sing N N 352 
TYR CD2 CE2  doub Y N 353 
TYR CD2 HD2  sing N N 354 
TYR CE1 CZ   doub Y N 355 
TYR CE1 HE1  sing N N 356 
TYR CE2 CZ   sing Y N 357 
TYR CE2 HE2  sing N N 358 
TYR CZ  OH   sing N N 359 
TYR OH  HH   sing N N 360 
TYR OXT HXT  sing N N 361 
VAL N   CA   sing N N 362 
VAL N   H    sing N N 363 
VAL N   H2   sing N N 364 
VAL CA  C    sing N N 365 
VAL CA  CB   sing N N 366 
VAL CA  HA   sing N N 367 
VAL C   O    doub N N 368 
VAL C   OXT  sing N N 369 
VAL CB  CG1  sing N N 370 
VAL CB  CG2  sing N N 371 
VAL CB  HB   sing N N 372 
VAL CG1 HG11 sing N N 373 
VAL CG1 HG12 sing N N 374 
VAL CG1 HG13 sing N N 375 
VAL CG2 HG21 sing N N 376 
VAL CG2 HG22 sing N N 377 
VAL CG2 HG23 sing N N 378 
VAL OXT HXT  sing N N 379 
# 
_atom_sites.entry_id                    3MSE 
_atom_sites.fract_transf_matrix[1][1]   0.00934659 
_atom_sites.fract_transf_matrix[1][2]   0.00252643 
_atom_sites.fract_transf_matrix[1][3]   0.00591800 
_atom_sites.fract_transf_matrix[2][1]   0.00511619 
_atom_sites.fract_transf_matrix[2][2]   0.01002083 
_atom_sites.fract_transf_matrix[2][3]   -0.00147807 
_atom_sites.fract_transf_matrix[3][1]   -0.01259090 
_atom_sites.fract_transf_matrix[3][2]   0.00880689 
_atom_sites.fract_transf_matrix[3][3]   0.01612572 
_atom_sites.fract_transf_vector[1]      -0.420971 
_atom_sites.fract_transf_vector[2]      -0.446358 
_atom_sites.fract_transf_vector[3]      0.047402 
# 
loop_
_atom_type.symbol 
C  
CA 
N  
O  
S  
# 
loop_
_atom_site.group_PDB 
_atom_site.id 
_atom_site.type_symbol 
_atom_site.label_atom_id 
_atom_site.label_alt_id 
_atom_site.label_comp_id 
_atom_site.label_asym_id 
_atom_site.label_entity_id 
_atom_site.label_seq_id 
_atom_site.pdbx_PDB_ins_code 
_atom_site.Cartn_x 
_atom_site.Cartn_y 
_atom_site.Cartn_z 
_atom_site.occupancy 
_atom_site.B_iso_or_equiv 
_atom_site.pdbx_formal_charge 
_atom_site.auth_seq_id 
_atom_site.auth_comp_id 
_atom_site.auth_asym_id 
_atom_site.auth_atom_id 
_atom_site.pdbx_PDB_model_num 
ATOM   1    N  N   . ILE A 1 2   ? 1.666   -20.778 -13.859 1.00 49.21 ? 1   ILE B N   1 
ATOM   2    C  CA  . ILE A 1 2   ? 2.159   -19.596 -13.081 1.00 49.06 ? 1   ILE B CA  1 
ATOM   3    C  C   . ILE A 1 2   ? 3.079   -18.716 -13.920 1.00 48.99 ? 1   ILE B C   1 
ATOM   4    O  O   . ILE A 1 2   ? 4.001   -19.219 -14.561 1.00 49.17 ? 1   ILE B O   1 
ATOM   5    C  CB  . ILE A 1 2   ? 2.939   -20.019 -11.839 1.00 48.95 ? 1   ILE B CB  1 
ATOM   6    C  CG1 . ILE A 1 2   ? 2.115   -20.993 -11.003 1.00 48.71 ? 1   ILE B CG1 1 
ATOM   7    C  CG2 . ILE A 1 2   ? 3.383   -18.784 -11.036 1.00 49.26 ? 1   ILE B CG2 1 
ATOM   8    C  CD1 . ILE A 1 2   ? 2.881   -21.597 -9.877  1.00 49.00 ? 1   ILE B CD1 1 
ATOM   9    N  N   . SER A 1 3   ? 2.848   -17.405 -13.881 1.00 48.69 ? 2   SER B N   1 
ATOM   10   C  CA  . SER A 1 3   ? 3.650   -16.458 -14.653 1.00 48.06 ? 2   SER B CA  1 
ATOM   11   C  C   . SER A 1 3   ? 5.108   -16.466 -14.211 1.00 47.66 ? 2   SER B C   1 
ATOM   12   O  O   . SER A 1 3   ? 5.398   -16.525 -13.005 1.00 47.72 ? 2   SER B O   1 
ATOM   13   C  CB  . SER A 1 3   ? 3.082   -15.043 -14.560 1.00 48.41 ? 2   SER B CB  1 
ATOM   14   O  OG  . SER A 1 3   ? 3.900   -14.216 -13.743 1.00 49.71 ? 2   SER B OG  1 
ATOM   15   N  N   . PRO A 1 4   ? 6.035   -16.389 -15.188 1.00 46.59 ? 3   PRO B N   1 
ATOM   16   C  CA  . PRO A 1 4   ? 7.453   -16.478 -14.889 1.00 45.15 ? 3   PRO B CA  1 
ATOM   17   C  C   . PRO A 1 4   ? 7.952   -15.391 -13.938 1.00 43.99 ? 3   PRO B C   1 
ATOM   18   O  O   . PRO A 1 4   ? 8.926   -15.609 -13.209 1.00 44.37 ? 3   PRO B O   1 
ATOM   19   C  CB  . PRO A 1 4   ? 8.112   -16.315 -16.270 1.00 45.38 ? 3   PRO B CB  1 
ATOM   20   C  CG  . PRO A 1 4   ? 7.087   -16.831 -17.226 1.00 46.23 ? 3   PRO B CG  1 
ATOM   21   C  CD  . PRO A 1 4   ? 5.782   -16.363 -16.647 1.00 46.65 ? 3   PRO B CD  1 
ATOM   22   N  N   A ASN A 1 5   ? 7.310   -14.221 -13.953 0.50 43.06 ? 4   ASN B N   1 
ATOM   23   N  N   B ASN A 1 5   ? 7.306   -14.238 -13.941 0.50 42.97 ? 4   ASN B N   1 
ATOM   24   C  CA  A ASN A 1 5   ? 7.716   -13.127 -13.063 0.50 42.14 ? 4   ASN B CA  1 
ATOM   25   C  CA  B ASN A 1 5   ? 7.759   -13.163 -13.080 0.50 41.94 ? 4   ASN B CA  1 
ATOM   26   C  C   A ASN A 1 5   ? 7.487   -13.457 -11.584 0.50 40.99 ? 4   ASN B C   1 
ATOM   27   C  C   B ASN A 1 5   ? 7.443   -13.387 -11.586 0.50 40.89 ? 4   ASN B C   1 
ATOM   28   O  O   A ASN A 1 5   ? 8.304   -13.109 -10.732 0.50 40.70 ? 4   ASN B O   1 
ATOM   29   O  O   B ASN A 1 5   ? 8.177   -12.912 -10.723 0.50 40.65 ? 4   ASN B O   1 
ATOM   30   C  CB  A ASN A 1 5   ? 7.063   -11.790 -13.456 0.50 42.30 ? 4   ASN B CB  1 
ATOM   31   C  CB  B ASN A 1 5   ? 7.291   -11.820 -13.638 0.50 42.03 ? 4   ASN B CB  1 
ATOM   32   C  CG  A ASN A 1 5   ? 5.956   -11.360 -12.508 0.50 43.67 ? 4   ASN B CG  1 
ATOM   33   C  CG  B ASN A 1 5   ? 7.804   -11.588 -15.070 0.50 42.77 ? 4   ASN B CG  1 
ATOM   34   O  OD1 A ASN A 1 5   ? 6.192   -10.605 -11.552 0.50 45.25 ? 4   ASN B OD1 1 
ATOM   35   O  OD1 B ASN A 1 5   ? 8.977   -11.254 -15.279 0.50 42.19 ? 4   ASN B OD1 1 
ATOM   36   N  ND2 A ASN A 1 5   ? 4.735   -11.817 -12.778 0.50 44.65 ? 4   ASN B ND2 1 
ATOM   37   N  ND2 B ASN A 1 5   ? 6.934   -11.804 -16.054 0.50 42.50 ? 4   ASN B ND2 1 
ATOM   38   N  N   . VAL A 1 6   ? 6.393   -14.159 -11.297 1.00 39.97 ? 5   VAL B N   1 
ATOM   39   C  CA  . VAL A 1 6   ? 6.094   -14.607 -9.925  1.00 38.99 ? 5   VAL B CA  1 
ATOM   40   C  C   . VAL A 1 6   ? 7.097   -15.686 -9.492  1.00 37.97 ? 5   VAL B C   1 
ATOM   41   O  O   . VAL A 1 6   ? 7.613   -15.662 -8.364  1.00 37.27 ? 5   VAL B O   1 
ATOM   42   C  CB  . VAL A 1 6   ? 4.628   -15.095 -9.772  1.00 39.10 ? 5   VAL B CB  1 
ATOM   43   C  CG1 . VAL A 1 6   ? 4.413   -15.788 -8.423  1.00 38.34 ? 5   VAL B CG1 1 
ATOM   44   C  CG2 . VAL A 1 6   ? 3.665   -13.896 -9.905  1.00 40.26 ? 5   VAL B CG2 1 
ATOM   45   N  N   . LEU A 1 7   ? 7.412   -16.595 -10.415 1.00 36.58 ? 6   LEU B N   1 
ATOM   46   C  CA  . LEU A 1 7   ? 8.416   -17.632 -10.160 1.00 35.78 ? 6   LEU B CA  1 
ATOM   47   C  C   . LEU A 1 7   ? 9.789   -17.060 -9.888  1.00 35.09 ? 6   LEU B C   1 
ATOM   48   O  O   . LEU A 1 7   ? 10.464  -17.468 -8.930  1.00 35.41 ? 6   LEU B O   1 
ATOM   49   C  CB  . LEU A 1 7   ? 8.455   -18.638 -11.310 1.00 35.38 ? 6   LEU B CB  1 
ATOM   50   C  CG  . LEU A 1 7   ? 7.174   -19.441 -11.472 1.00 35.08 ? 6   LEU B CG  1 
ATOM   51   C  CD1 . LEU A 1 7   ? 7.288   -20.373 -12.687 1.00 35.90 ? 6   LEU B CD1 1 
ATOM   52   C  CD2 . LEU A 1 7   ? 6.841   -20.223 -10.172 1.00 33.46 ? 6   LEU B CD2 1 
ATOM   53   N  N   . ASN A 1 8   ? 10.189  -16.093 -10.707 1.00 34.65 ? 7   ASN B N   1 
ATOM   54   C  CA  . ASN A 1 8   ? 11.456  -15.396 -10.524 1.00 34.52 ? 7   ASN B CA  1 
ATOM   55   C  C   . ASN A 1 8   ? 11.488  -14.568 -9.230  1.00 33.76 ? 7   ASN B C   1 
ATOM   56   O  O   . ASN A 1 8   ? 12.540  -14.425 -8.596  1.00 33.43 ? 7   ASN B O   1 
ATOM   57   C  CB  . ASN A 1 8   ? 11.728  -14.478 -11.725 1.00 35.45 ? 7   ASN B CB  1 
ATOM   58   C  CG  . ASN A 1 8   ? 12.149  -15.256 -12.986 1.00 38.93 ? 7   ASN B CG  1 
ATOM   59   O  OD1 . ASN A 1 8   ? 12.804  -16.305 -12.903 1.00 41.52 ? 7   ASN B OD1 1 
ATOM   60   N  ND2 . ASN A 1 8   ? 11.789  -14.726 -14.150 1.00 40.37 ? 7   ASN B ND2 1 
ATOM   61   N  N   . ASN A 1 9   ? 10.338  -14.005 -8.862  1.00 32.91 ? 8   ASN B N   1 
ATOM   62   C  CA  . ASN A 1 9   ? 10.231  -13.260 -7.594  1.00 32.94 ? 8   ASN B CA  1 
ATOM   63   C  C   . ASN A 1 9   ? 10.506  -14.217 -6.433  1.00 31.34 ? 8   ASN B C   1 
ATOM   64   O  O   . ASN A 1 9   ? 11.314  -13.926 -5.585  1.00 30.67 ? 8   ASN B O   1 
ATOM   65   C  CB  . ASN A 1 9   ? 8.842   -12.600 -7.422  1.00 32.88 ? 8   ASN B CB  1 
ATOM   66   C  CG  . ASN A 1 9   ? 8.604   -11.430 -8.379  1.00 35.39 ? 8   ASN B CG  1 
ATOM   67   O  OD1 . ASN A 1 9   ? 9.543   -10.788 -8.843  1.00 39.77 ? 8   ASN B OD1 1 
ATOM   68   N  ND2 . ASN A 1 9   ? 7.321   -11.134 -8.658  1.00 34.83 ? 8   ASN B ND2 1 
ATOM   69   N  N   . MET A 1 10  ? 9.862   -15.375 -6.435  1.00 31.30 ? 9   MET B N   1 
ATOM   70   C  CA  . MET A 1 10  ? 10.112  -16.386 -5.395  1.00 32.00 ? 9   MET B CA  1 
ATOM   71   C  C   . MET A 1 10  ? 11.585  -16.798 -5.311  1.00 32.23 ? 9   MET B C   1 
ATOM   72   O  O   . MET A 1 10  ? 12.151  -16.921 -4.214  1.00 31.75 ? 9   MET B O   1 
ATOM   73   C  CB  . MET A 1 10  ? 9.257   -17.629 -5.630  1.00 31.74 ? 9   MET B CB  1 
ATOM   74   C  CG  . MET A 1 10  ? 7.779   -17.412 -5.532  1.00 34.45 ? 9   MET B CG  1 
ATOM   75   S  SD  . MET A 1 10  ? 6.962   -18.943 -5.953  1.00 39.82 ? 9   MET B SD  1 
ATOM   76   C  CE  . MET A 1 10  ? 5.218   -18.567 -5.827  1.00 41.68 ? 9   MET B CE  1 
ATOM   77   N  N   . LYS A 1 11  ? 12.203  -17.012 -6.474  1.00 32.61 ? 10  LYS B N   1 
ATOM   78   C  CA  . LYS A 1 11  ? 13.612  -17.429 -6.520  1.00 33.04 ? 10  LYS B CA  1 
ATOM   79   C  C   . LYS A 1 11  ? 14.550  -16.372 -6.006  1.00 32.77 ? 10  LYS B C   1 
ATOM   80   O  O   . LYS A 1 11  ? 15.594  -16.684 -5.437  1.00 33.74 ? 10  LYS B O   1 
ATOM   81   C  CB  . LYS A 1 11  ? 14.021  -17.831 -7.936  1.00 33.46 ? 10  LYS B CB  1 
ATOM   82   C  CG  . LYS A 1 11  ? 13.510  -19.188 -8.377  1.00 36.05 ? 10  LYS B CG  1 
ATOM   83   C  CD  . LYS A 1 11  ? 13.436  -19.203 -9.922  1.00 41.78 ? 10  LYS B CD  1 
ATOM   84   C  CE  . LYS A 1 11  ? 13.481  -20.593 -10.507 1.00 45.40 ? 10  LYS B CE  1 
ATOM   85   N  NZ  . LYS A 1 11  ? 14.888  -20.952 -10.932 1.00 50.36 ? 10  LYS B NZ  1 
ATOM   86   N  N   A SER A 1 12  ? 14.208  -15.110 -6.210  0.50 32.78 ? 11  SER B N   1 
ATOM   87   N  N   B SER A 1 12  ? 14.198  -15.108 -6.203  0.50 32.72 ? 11  SER B N   1 
ATOM   88   C  CA  A SER A 1 12  ? 15.016  -14.051 -5.633  0.50 33.35 ? 11  SER B CA  1 
ATOM   89   C  CA  B SER A 1 12  ? 14.994  -14.023 -5.644  0.50 33.21 ? 11  SER B CA  1 
ATOM   90   C  C   A SER A 1 12  ? 14.754  -13.924 -4.117  0.50 32.99 ? 11  SER B C   1 
ATOM   91   C  C   B SER A 1 12  ? 14.749  -13.911 -4.125  0.50 32.92 ? 11  SER B C   1 
ATOM   92   O  O   A SER A 1 12  ? 15.676  -13.711 -3.332  0.50 32.77 ? 11  SER B O   1 
ATOM   93   O  O   B SER A 1 12  ? 15.676  -13.693 -3.348  0.50 32.72 ? 11  SER B O   1 
ATOM   94   C  CB  A SER A 1 12  ? 14.760  -12.730 -6.352  0.50 33.66 ? 11  SER B CB  1 
ATOM   95   C  CB  B SER A 1 12  ? 14.661  -12.709 -6.351  0.50 33.49 ? 11  SER B CB  1 
ATOM   96   O  OG  A SER A 1 12  ? 15.183  -11.654 -5.550  0.50 35.93 ? 11  SER B OG  1 
ATOM   97   O  OG  B SER A 1 12  ? 14.361  -12.947 -7.716  0.50 35.04 ? 11  SER B OG  1 
ATOM   98   N  N   . TYR A 1 13  ? 13.494  -14.084 -3.716  1.00 32.93 ? 12  TYR B N   1 
ATOM   99   C  CA  . TYR A 1 13  ? 13.106  -13.998 -2.295  1.00 32.30 ? 12  TYR B CA  1 
ATOM   100  C  C   . TYR A 1 13  ? 13.848  -15.031 -1.447  1.00 31.97 ? 12  TYR B C   1 
ATOM   101  O  O   . TYR A 1 13  ? 14.349  -14.714 -0.362  1.00 31.64 ? 12  TYR B O   1 
ATOM   102  C  CB  . TYR A 1 13  ? 11.595  -14.213 -2.196  1.00 32.21 ? 12  TYR B CB  1 
ATOM   103  C  CG  . TYR A 1 13  ? 10.957  -13.968 -0.835  1.00 32.49 ? 12  TYR B CG  1 
ATOM   104  C  CD1 . TYR A 1 13  ? 10.696  -12.671 -0.384  1.00 32.94 ? 12  TYR B CD1 1 
ATOM   105  C  CD2 . TYR A 1 13  ? 10.533  -15.029 -0.052  1.00 31.87 ? 12  TYR B CD2 1 
ATOM   106  C  CE1 . TYR A 1 13  ? 10.058  -12.445 0.839   1.00 31.58 ? 12  TYR B CE1 1 
ATOM   107  C  CE2 . TYR A 1 13  ? 9.906   -14.816 1.177   1.00 33.69 ? 12  TYR B CE2 1 
ATOM   108  C  CZ  . TYR A 1 13  ? 9.664   -13.513 1.603   1.00 33.33 ? 12  TYR B CZ  1 
ATOM   109  O  OH  . TYR A 1 13  ? 9.052   -13.304 2.819   1.00 35.83 ? 12  TYR B OH  1 
ATOM   110  N  N   . MET A 1 14  ? 13.949  -16.259 -1.969  1.00 32.09 ? 13  MET B N   1 
ATOM   111  C  CA  . MET A 1 14  ? 14.578  -17.374 -1.246  1.00 31.54 ? 13  MET B CA  1 
ATOM   112  C  C   . MET A 1 14  ? 16.047  -17.119 -0.899  1.00 31.95 ? 13  MET B C   1 
ATOM   113  O  O   . MET A 1 14  ? 16.575  -17.748 -0.002  1.00 32.95 ? 13  MET B O   1 
ATOM   114  C  CB  . MET A 1 14  ? 14.417  -18.689 -2.034  1.00 31.82 ? 13  MET B CB  1 
ATOM   115  C  CG  . MET A 1 14  ? 15.510  -18.947 -3.124  1.00 30.97 ? 13  MET B CG  1 
ATOM   116  S  SD  . MET A 1 14  ? 15.105  -20.346 -4.200  1.00 35.23 ? 13  MET B SD  1 
ATOM   117  C  CE  . MET A 1 14  ? 16.518  -20.286 -5.320  1.00 33.40 ? 13  MET B CE  1 
ATOM   118  N  N   . LYS A 1 15  ? 16.699  -16.193 -1.601  1.00 31.83 ? 14  LYS B N   1 
ATOM   119  C  CA  . LYS A 1 15  ? 18.121  -15.930 -1.390  1.00 32.48 ? 14  LYS B CA  1 
ATOM   120  C  C   . LYS A 1 15  ? 18.397  -14.925 -0.266  1.00 32.44 ? 14  LYS B C   1 
ATOM   121  O  O   . LYS A 1 15  ? 19.530  -14.763 0.157   1.00 32.25 ? 14  LYS B O   1 
ATOM   122  C  CB  . LYS A 1 15  ? 18.789  -15.480 -2.708  1.00 32.15 ? 14  LYS B CB  1 
ATOM   123  C  CG  . LYS A 1 15  ? 18.957  -16.624 -3.754  1.00 33.45 ? 14  LYS B CG  1 
ATOM   124  C  CD  . LYS A 1 15  ? 19.664  -16.096 -5.026  1.00 37.48 ? 14  LYS B CD  1 
ATOM   125  C  CE  . LYS A 1 15  ? 19.615  -17.097 -6.179  1.00 39.73 ? 14  LYS B CE  1 
ATOM   126  N  NZ  . LYS A 1 15  ? 18.214  -17.404 -6.561  1.00 43.26 ? 14  LYS B NZ  1 
ATOM   127  N  N   . HIS A 1 16  ? 17.364  -14.253 0.229   1.00 32.68 ? 15  HIS B N   1 
ATOM   128  C  CA  . HIS A 1 16  ? 17.587  -13.229 1.233   1.00 33.40 ? 15  HIS B CA  1 
ATOM   129  C  C   . HIS A 1 16  ? 17.425  -13.758 2.657   1.00 33.74 ? 15  HIS B C   1 
ATOM   130  O  O   . HIS A 1 16  ? 16.935  -14.885 2.862   1.00 34.20 ? 15  HIS B O   1 
ATOM   131  C  CB  . HIS A 1 16  ? 16.731  -11.995 0.928   1.00 34.00 ? 15  HIS B CB  1 
ATOM   132  C  CG  . HIS A 1 16  ? 17.214  -11.251 -0.274  1.00 36.24 ? 15  HIS B CG  1 
ATOM   133  N  ND1 . HIS A 1 16  ? 18.374  -10.506 -0.261  1.00 39.33 ? 15  HIS B ND1 1 
ATOM   134  C  CD2 . HIS A 1 16  ? 16.750  -11.205 -1.546  1.00 37.73 ? 15  HIS B CD2 1 
ATOM   135  C  CE1 . HIS A 1 16  ? 18.581  -9.998  -1.464  1.00 39.61 ? 15  HIS B CE1 1 
ATOM   136  N  NE2 . HIS A 1 16  ? 17.610  -10.406 -2.261  1.00 39.03 ? 15  HIS B NE2 1 
ATOM   137  N  N   . SER A 1 17  ? 17.871  -12.976 3.633   1.00 33.75 ? 16  SER B N   1 
ATOM   138  C  CA  . SER A 1 17  ? 17.827  -13.394 5.033   1.00 33.79 ? 16  SER B CA  1 
ATOM   139  C  C   . SER A 1 17  ? 16.404  -13.402 5.580   1.00 33.91 ? 16  SER B C   1 
ATOM   140  O  O   . SER A 1 17  ? 15.506  -12.761 5.025   1.00 32.91 ? 16  SER B O   1 
ATOM   141  C  CB  . SER A 1 17  ? 18.706  -12.483 5.887   1.00 33.89 ? 16  SER B CB  1 
ATOM   142  O  OG  . SER A 1 17  ? 18.203  -11.150 5.912   1.00 34.57 ? 16  SER B OG  1 
ATOM   143  N  N   . ASN A 1 18  ? 16.206  -14.130 6.672   1.00 34.12 ? 17  ASN B N   1 
ATOM   144  C  CA  . ASN A 1 18  ? 14.926  -14.153 7.322   1.00 34.87 ? 17  ASN B CA  1 
ATOM   145  C  C   . ASN A 1 18  ? 14.504  -12.760 7.790   1.00 34.25 ? 17  ASN B C   1 
ATOM   146  O  O   . ASN A 1 18  ? 13.356  -12.368 7.599   1.00 34.03 ? 17  ASN B O   1 
ATOM   147  C  CB  . ASN A 1 18  ? 14.937  -15.166 8.459   1.00 36.11 ? 17  ASN B CB  1 
ATOM   148  C  CG  . ASN A 1 18  ? 14.793  -16.592 7.962   1.00 39.15 ? 17  ASN B CG  1 
ATOM   149  O  OD1 . ASN A 1 18  ? 13.926  -16.895 7.129   1.00 45.04 ? 17  ASN B OD1 1 
ATOM   150  N  ND2 . ASN A 1 18  ? 15.627  -17.481 8.481   1.00 42.26 ? 17  ASN B ND2 1 
ATOM   151  N  N   . ILE A 1 19  ? 15.455  -11.990 8.315   1.00 33.72 ? 18  ILE B N   1 
ATOM   152  C  CA  . ILE A 1 19  ? 15.174  -10.612 8.773   1.00 33.64 ? 18  ILE B CA  1 
ATOM   153  C  C   . ILE A 1 19  ? 14.774  -9.658  7.638   1.00 33.44 ? 18  ILE B C   1 
ATOM   154  O  O   . ILE A 1 19  ? 13.807  -8.886  7.770   1.00 33.51 ? 18  ILE B O   1 
ATOM   155  C  CB  . ILE A 1 19  ? 16.328  -10.047 9.647   1.00 33.20 ? 18  ILE B CB  1 
ATOM   156  C  CG1 . ILE A 1 19  ? 16.406  -10.857 10.960  1.00 34.39 ? 18  ILE B CG1 1 
ATOM   157  C  CG2 . ILE A 1 19  ? 16.122  -8.562  9.939   1.00 33.27 ? 18  ILE B CG2 1 
ATOM   158  C  CD1 . ILE A 1 19  ? 17.665  -10.617 11.815  1.00 33.78 ? 18  ILE B CD1 1 
ATOM   159  N  N   . ARG A 1 20  ? 15.487  -9.721  6.515   1.00 33.07 ? 19  ARG B N   1 
ATOM   160  C  CA  . ARG A 1 20  ? 15.080  -8.970  5.311   1.00 32.28 ? 19  ARG B CA  1 
ATOM   161  C  C   . ARG A 1 20  ? 13.648  -9.305  4.938   1.00 31.02 ? 19  ARG B C   1 
ATOM   162  O  O   . ARG A 1 20  ? 12.835  -8.419  4.660   1.00 31.40 ? 19  ARG B O   1 
ATOM   163  C  CB  . ARG A 1 20  ? 16.000  -9.328  4.133   1.00 32.53 ? 19  ARG B CB  1 
ATOM   164  C  CG  . ARG A 1 20  ? 16.179  -8.252  3.089   1.00 34.20 ? 19  ARG B CG  1 
ATOM   165  C  CD  . ARG A 1 20  ? 15.039  -8.059  2.100   1.00 36.49 ? 19  ARG B CD  1 
ATOM   166  N  NE  . ARG A 1 20  ? 14.537  -9.263  1.447   1.00 39.18 ? 19  ARG B NE  1 
ATOM   167  C  CZ  . ARG A 1 20  ? 14.232  -9.361  0.144   1.00 38.37 ? 19  ARG B CZ  1 
ATOM   168  N  NH1 . ARG A 1 20  ? 14.435  -8.350  -0.686  1.00 38.73 ? 19  ARG B NH1 1 
ATOM   169  N  NH2 . ARG A 1 20  ? 13.748  -10.496 -0.336  1.00 33.56 ? 19  ARG B NH2 1 
ATOM   170  N  N   . ASN A 1 21  ? 13.338  -10.592 4.931   1.00 30.23 ? 20  ASN B N   1 
ATOM   171  C  CA  . ASN A 1 21  ? 12.022  -11.025 4.510   1.00 30.53 ? 20  ASN B CA  1 
ATOM   172  C  C   . ASN A 1 21  ? 10.932  -10.714 5.552   1.00 30.83 ? 20  ASN B C   1 
ATOM   173  O  O   . ASN A 1 21  ? 9.798   -10.466 5.196   1.00 31.51 ? 20  ASN B O   1 
ATOM   174  C  CB  . ASN A 1 21  ? 12.056  -12.505 4.129   1.00 30.33 ? 20  ASN B CB  1 
ATOM   175  C  CG  . ASN A 1 21  ? 12.852  -12.751 2.830   1.00 30.74 ? 20  ASN B CG  1 
ATOM   176  O  OD1 . ASN A 1 21  ? 13.194  -11.808 2.123   1.00 27.38 ? 20  ASN B OD1 1 
ATOM   177  N  ND2 . ASN A 1 21  ? 13.146  -14.007 2.537   1.00 30.42 ? 20  ASN B ND2 1 
ATOM   178  N  N   . ILE A 1 22  ? 11.293  -10.709 6.825   1.00 31.34 ? 21  ILE B N   1 
ATOM   179  C  CA  . ILE A 1 22  ? 10.363  -10.251 7.872   1.00 32.26 ? 21  ILE B CA  1 
ATOM   180  C  C   . ILE A 1 22  ? 9.957   -8.798  7.610   1.00 32.63 ? 21  ILE B C   1 
ATOM   181  O  O   . ILE A 1 22  ? 8.763   -8.461  7.624   1.00 33.25 ? 21  ILE B O   1 
ATOM   182  C  CB  . ILE A 1 22  ? 10.949  -10.465 9.272   1.00 32.19 ? 21  ILE B CB  1 
ATOM   183  C  CG1 . ILE A 1 22  ? 10.909  -11.960 9.582   1.00 31.73 ? 21  ILE B CG1 1 
ATOM   184  C  CG2 . ILE A 1 22  ? 10.112  -9.674  10.346  1.00 32.97 ? 21  ILE B CG2 1 
ATOM   185  C  CD1 . ILE A 1 22  ? 11.853  -12.391 10.666  1.00 35.71 ? 21  ILE B CD1 1 
ATOM   186  N  N   . ILE A 1 23  ? 10.955  -7.969  7.318   1.00 32.81 ? 22  ILE B N   1 
ATOM   187  C  CA  . ILE A 1 23  ? 10.761  -6.585  6.907   1.00 33.35 ? 22  ILE B CA  1 
ATOM   188  C  C   . ILE A 1 23  ? 9.890   -6.483  5.656   1.00 33.60 ? 22  ILE B C   1 
ATOM   189  O  O   . ILE A 1 23  ? 8.985   -5.636  5.587   1.00 34.12 ? 22  ILE B O   1 
ATOM   190  C  CB  . ILE A 1 23  ? 12.133  -5.877  6.689   1.00 33.69 ? 22  ILE B CB  1 
ATOM   191  C  CG1 . ILE A 1 23  ? 12.915  -5.816  8.003   1.00 35.32 ? 22  ILE B CG1 1 
ATOM   192  C  CG2 . ILE A 1 23  ? 11.956  -4.452  6.099   1.00 34.12 ? 22  ILE B CG2 1 
ATOM   193  C  CD1 . ILE A 1 23  ? 14.433  -5.541  7.843   1.00 34.48 ? 22  ILE B CD1 1 
ATOM   194  N  N   . ILE A 1 24  ? 10.139  -7.349  4.666   1.00 32.97 ? 23  ILE B N   1 
ATOM   195  C  CA  . ILE A 1 24  ? 9.267   -7.414  3.486   1.00 31.51 ? 23  ILE B CA  1 
ATOM   196  C  C   . ILE A 1 24  ? 7.816   -7.730  3.889   1.00 31.39 ? 23  ILE B C   1 
ATOM   197  O  O   . ILE A 1 24  ? 6.886   -7.160  3.322   1.00 31.07 ? 23  ILE B O   1 
ATOM   198  C  CB  . ILE A 1 24  ? 9.748   -8.484  2.411   1.00 31.90 ? 23  ILE B CB  1 
ATOM   199  C  CG1 . ILE A 1 24  ? 11.118  -8.135  1.799   1.00 30.47 ? 23  ILE B CG1 1 
ATOM   200  C  CG2 . ILE A 1 24  ? 8.697   -8.656  1.344   1.00 29.43 ? 23  ILE B CG2 1 
ATOM   201  C  CD1 . ILE A 1 24  ? 11.103  -6.990  0.765   1.00 35.06 ? 23  ILE B CD1 1 
ATOM   202  N  N   . ASN A 1 25  ? 7.621   -8.647  4.838   1.00 31.15 ? 24  ASN B N   1 
ATOM   203  C  CA  . ASN A 1 25  ? 6.250   -8.977  5.317   1.00 32.08 ? 24  ASN B CA  1 
ATOM   204  C  C   . ASN A 1 25  ? 5.465   -7.798  5.942   1.00 32.52 ? 24  ASN B C   1 
ATOM   205  O  O   . ASN A 1 25  ? 4.247   -7.706  5.772   1.00 32.35 ? 24  ASN B O   1 
ATOM   206  C  CB  . ASN A 1 25  ? 6.258   -10.168 6.284   1.00 31.79 ? 24  ASN B CB  1 
ATOM   207  C  CG  . ASN A 1 25  ? 6.106   -11.496 5.568   1.00 32.45 ? 24  ASN B CG  1 
ATOM   208  O  OD1 . ASN A 1 25  ? 5.015   -12.056 5.516   1.00 32.20 ? 24  ASN B OD1 1 
ATOM   209  N  ND2 . ASN A 1 25  ? 7.209   -12.003 4.999   1.00 31.03 ? 24  ASN B ND2 1 
ATOM   210  N  N   . ILE A 1 26  ? 6.182   -6.908  6.622   1.00 33.69 ? 25  ILE B N   1 
ATOM   211  C  CA  . ILE A 1 26  ? 5.602   -5.655  7.136   1.00 36.42 ? 25  ILE B CA  1 
ATOM   212  C  C   . ILE A 1 26  ? 5.028   -4.822  5.992   1.00 37.48 ? 25  ILE B C   1 
ATOM   213  O  O   . ILE A 1 26  ? 3.868   -4.385  6.036   1.00 38.12 ? 25  ILE B O   1 
ATOM   214  C  CB  . ILE A 1 26  ? 6.639   -4.809  7.937   1.00 35.87 ? 25  ILE B CB  1 
ATOM   215  C  CG1 . ILE A 1 26  ? 7.056   -5.543  9.204   1.00 35.72 ? 25  ILE B CG1 1 
ATOM   216  C  CG2 . ILE A 1 26  ? 6.063   -3.400  8.280   1.00 37.12 ? 25  ILE B CG2 1 
ATOM   217  C  CD1 . ILE A 1 26  ? 8.401   -5.056  9.765   1.00 37.64 ? 25  ILE B CD1 1 
ATOM   218  N  N   . MET A 1 27  ? 5.833   -4.629  4.952   1.00 38.67 ? 26  MET B N   1 
ATOM   219  C  CA  . MET A 1 27  ? 5.372   -3.934  3.753   1.00 39.34 ? 26  MET B CA  1 
ATOM   220  C  C   . MET A 1 27  ? 4.243   -4.679  3.051   1.00 39.87 ? 26  MET B C   1 
ATOM   221  O  O   . MET A 1 27  ? 3.311   -4.060  2.517   1.00 39.64 ? 26  MET B O   1 
ATOM   222  C  CB  . MET A 1 27  ? 6.540   -3.705  2.803   1.00 39.95 ? 26  MET B CB  1 
ATOM   223  C  CG  . MET A 1 27  ? 7.530   -2.688  3.315   1.00 40.55 ? 26  MET B CG  1 
ATOM   224  S  SD  . MET A 1 27  ? 8.731   -2.270  2.033   1.00 48.88 ? 26  MET B SD  1 
ATOM   225  C  CE  . MET A 1 27  ? 9.817   -3.676  2.160   1.00 42.82 ? 26  MET B CE  1 
ATOM   226  N  N   . ALA A 1 28  ? 4.318   -6.009  3.061   1.00 40.32 ? 27  ALA B N   1 
ATOM   227  C  CA  . ALA A 1 28  ? 3.292   -6.839  2.439   1.00 41.23 ? 27  ALA B CA  1 
ATOM   228  C  C   . ALA A 1 28  ? 1.949   -6.664  3.132   1.00 42.31 ? 27  ALA B C   1 
ATOM   229  O  O   . ALA A 1 28  ? 0.896   -6.683  2.482   1.00 41.82 ? 27  ALA B O   1 
ATOM   230  C  CB  . ALA A 1 28  ? 3.695   -8.293  2.452   1.00 40.68 ? 27  ALA B CB  1 
ATOM   231  N  N   . HIS A 1 29  ? 1.986   -6.526  4.455   1.00 44.05 ? 28  HIS B N   1 
ATOM   232  C  CA  . HIS A 1 29  ? 0.767   -6.239  5.193   1.00 46.01 ? 28  HIS B CA  1 
ATOM   233  C  C   . HIS A 1 29  ? 0.131   -4.912  4.748   1.00 46.51 ? 28  HIS B C   1 
ATOM   234  O  O   . HIS A 1 29  ? -1.085  -4.840  4.577   1.00 46.40 ? 28  HIS B O   1 
ATOM   235  C  CB  . HIS A 1 29  ? 0.959   -6.257  6.714   1.00 46.30 ? 28  HIS B CB  1 
ATOM   236  C  CG  . HIS A 1 29  ? -0.320  -6.005  7.450   1.00 48.87 ? 28  HIS B CG  1 
ATOM   237  N  ND1 . HIS A 1 29  ? -0.601  -4.804  8.070   1.00 51.80 ? 28  HIS B ND1 1 
ATOM   238  C  CD2 . HIS A 1 29  ? -1.435  -6.765  7.574   1.00 50.07 ? 28  HIS B CD2 1 
ATOM   239  C  CE1 . HIS A 1 29  ? -1.819  -4.854  8.584   1.00 52.30 ? 28  HIS B CE1 1 
ATOM   240  N  NE2 . HIS A 1 29  ? -2.347  -6.031  8.294   1.00 51.49 ? 28  HIS B NE2 1 
ATOM   241  N  N   A GLU A 1 30  ? 0.971   -3.897  4.549   0.50 47.11 ? 29  GLU B N   1 
ATOM   242  N  N   B GLU A 1 30  ? 0.947   -3.874  4.557   0.50 47.09 ? 29  GLU B N   1 
ATOM   243  C  CA  A GLU A 1 30  ? 0.542   -2.586  4.072   0.50 48.09 ? 29  GLU B CA  1 
ATOM   244  C  CA  B GLU A 1 30  ? 0.428   -2.598  4.065   0.50 48.03 ? 29  GLU B CA  1 
ATOM   245  C  C   A GLU A 1 30  ? -0.063  -2.605  2.656   0.50 48.58 ? 29  GLU B C   1 
ATOM   246  C  C   B GLU A 1 30  ? -0.252  -2.768  2.707   0.50 48.55 ? 29  GLU B C   1 
ATOM   247  O  O   A GLU A 1 30  ? -0.902  -1.763  2.338   0.50 48.71 ? 29  GLU B O   1 
ATOM   248  O  O   B GLU A 1 30  ? -1.328  -2.204  2.475   0.50 48.62 ? 29  GLU B O   1 
ATOM   249  C  CB  A GLU A 1 30  ? 1.697   -1.579  4.162   0.50 48.13 ? 29  GLU B CB  1 
ATOM   250  C  CB  B GLU A 1 30  ? 1.502   -1.503  3.984   0.50 48.11 ? 29  GLU B CB  1 
ATOM   251  C  CG  A GLU A 1 30  ? 1.489   -0.463  5.189   0.50 49.54 ? 29  GLU B CG  1 
ATOM   252  C  CG  B GLU A 1 30  ? 0.945   -0.196  3.390   0.50 49.23 ? 29  GLU B CG  1 
ATOM   253  C  CD  A GLU A 1 30  ? 1.616   -0.923  6.632   0.50 50.71 ? 29  GLU B CD  1 
ATOM   254  C  CD  B GLU A 1 30  ? 1.901   0.995   3.462   0.50 50.66 ? 29  GLU B CD  1 
ATOM   255  O  OE1 A GLU A 1 30  ? 2.757   -0.956  7.154   0.50 51.06 ? 29  GLU B OE1 1 
ATOM   256  O  OE1 B GLU A 1 30  ? 3.127   0.789   3.547   0.50 52.36 ? 29  GLU B OE1 1 
ATOM   257  O  OE2 A GLU A 1 30  ? 0.573   -1.226  7.252   0.50 50.35 ? 29  GLU B OE2 1 
ATOM   258  O  OE2 B GLU A 1 30  ? 1.423   2.148   3.421   0.50 51.44 ? 29  GLU B OE2 1 
ATOM   259  N  N   . LEU A 1 31  ? 0.361   -3.559  1.824   1.00 48.74 ? 30  LEU B N   1 
ATOM   260  C  CA  . LEU A 1 31  ? -0.202  -3.768  0.477   1.00 49.27 ? 30  LEU B CA  1 
ATOM   261  C  C   . LEU A 1 31  ? -1.561  -4.441  0.556   1.00 49.41 ? 30  LEU B C   1 
ATOM   262  O  O   . LEU A 1 31  ? -2.470  -4.149  -0.225  1.00 49.60 ? 30  LEU B O   1 
ATOM   263  C  CB  . LEU A 1 31  ? 0.717   -4.640  -0.398  1.00 49.61 ? 30  LEU B CB  1 
ATOM   264  C  CG  . LEU A 1 31  ? 1.724   -3.996  -1.353  1.00 50.61 ? 30  LEU B CG  1 
ATOM   265  C  CD1 . LEU A 1 31  ? 2.304   -5.057  -2.246  1.00 52.65 ? 30  LEU B CD1 1 
ATOM   266  C  CD2 . LEU A 1 31  ? 1.084   -2.931  -2.216  1.00 51.51 ? 30  LEU B CD2 1 
ATOM   267  N  N   . SER A 1 32  ? -1.677  -5.368  1.494   1.00 49.07 ? 31  SER B N   1 
ATOM   268  C  CA  . SER A 1 32  ? -2.926  -6.026  1.773   1.00 49.28 ? 31  SER B CA  1 
ATOM   269  C  C   . SER A 1 32  ? -3.998  -5.008  2.210   1.00 48.85 ? 31  SER B C   1 
ATOM   270  O  O   . SER A 1 32  ? -5.144  -5.081  1.774   1.00 48.79 ? 31  SER B O   1 
ATOM   271  C  CB  . SER A 1 32  ? -2.703  -7.057  2.866   1.00 49.13 ? 31  SER B CB  1 
ATOM   272  O  OG  . SER A 1 32  ? -3.683  -8.060  2.774   1.00 51.96 ? 31  SER B OG  1 
ATOM   273  N  N   . VAL A 1 33  ? -3.608  -4.066  3.066   1.00 48.83 ? 32  VAL B N   1 
ATOM   274  C  CA  . VAL A 1 33  ? -4.532  -3.058  3.606   1.00 48.88 ? 32  VAL B CA  1 
ATOM   275  C  C   . VAL A 1 33  ? -5.020  -2.190  2.459   1.00 48.80 ? 32  VAL B C   1 
ATOM   276  O  O   . VAL A 1 33  ? -6.217  -2.065  2.236   1.00 48.69 ? 32  VAL B O   1 
ATOM   277  C  CB  . VAL A 1 33  ? -3.867  -2.207  4.714   1.00 49.06 ? 32  VAL B CB  1 
ATOM   278  C  CG1 . VAL A 1 33  ? -4.695  -0.934  5.024   1.00 49.89 ? 32  VAL B CG1 1 
ATOM   279  C  CG2 . VAL A 1 33  ? -3.659  -3.043  5.980   1.00 48.12 ? 32  VAL B CG2 1 
ATOM   280  N  N   . ILE A 1 34  ? -4.070  -1.637  1.710   1.00 49.20 ? 33  ILE B N   1 
ATOM   281  C  CA  . ILE A 1 34  ? -4.345  -0.862  0.512   1.00 49.29 ? 33  ILE B CA  1 
ATOM   282  C  C   . ILE A 1 34  ? -5.279  -1.602  -0.440  1.00 49.67 ? 33  ILE B C   1 
ATOM   283  O  O   . ILE A 1 34  ? -6.287  -1.046  -0.889  1.00 49.94 ? 33  ILE B O   1 
ATOM   284  C  CB  . ILE A 1 34  ? -3.017  -0.463  -0.176  1.00 49.37 ? 33  ILE B CB  1 
ATOM   285  C  CG1 . ILE A 1 34  ? -2.296  0.577   0.689   1.00 48.76 ? 33  ILE B CG1 1 
ATOM   286  C  CG2 . ILE A 1 34  ? -3.263  0.046   -1.594  1.00 49.87 ? 33  ILE B CG2 1 
ATOM   287  C  CD1 . ILE A 1 34  ? -0.853  0.859   0.310   1.00 50.35 ? 33  ILE B CD1 1 
ATOM   288  N  N   . ASN A 1 35  ? -4.953  -2.861  -0.718  1.00 49.61 ? 34  ASN B N   1 
ATOM   289  C  CA  . ASN A 1 35  ? -5.711  -3.707  -1.634  1.00 49.80 ? 34  ASN B CA  1 
ATOM   290  C  C   . ASN A 1 35  ? -7.136  -4.003  -1.152  1.00 49.74 ? 34  ASN B C   1 
ATOM   291  O  O   . ASN A 1 35  ? -8.033  -4.237  -1.961  1.00 49.28 ? 34  ASN B O   1 
ATOM   292  C  CB  . ASN A 1 35  ? -4.947  -5.021  -1.880  1.00 50.11 ? 34  ASN B CB  1 
ATOM   293  C  CG  . ASN A 1 35  ? -5.773  -6.064  -2.624  1.00 51.35 ? 34  ASN B CG  1 
ATOM   294  O  OD1 . ASN A 1 35  ? -6.243  -7.043  -2.040  1.00 53.62 ? 34  ASN B OD1 1 
ATOM   295  N  ND2 . ASN A 1 35  ? -5.960  -5.850  -3.909  1.00 51.71 ? 34  ASN B ND2 1 
ATOM   296  N  N   . ASN A 1 36  ? -7.334  -4.026  0.165   1.00 49.86 ? 35  ASN B N   1 
ATOM   297  C  CA  . ASN A 1 36  ? -8.682  -4.188  0.720   1.00 50.33 ? 35  ASN B CA  1 
ATOM   298  C  C   . ASN A 1 36  ? -9.550  -2.972  0.421   1.00 49.97 ? 35  ASN B C   1 
ATOM   299  O  O   . ASN A 1 36  ? -10.693 -3.129  -0.007  1.00 50.09 ? 35  ASN B O   1 
ATOM   300  C  CB  . ASN A 1 36  ? -8.645  -4.466  2.227   1.00 50.44 ? 35  ASN B CB  1 
ATOM   301  C  CG  . ASN A 1 36  ? -8.119  -5.851  2.552   1.00 51.99 ? 35  ASN B CG  1 
ATOM   302  O  OD1 . ASN A 1 36  ? -8.442  -6.834  1.876   1.00 54.04 ? 35  ASN B OD1 1 
ATOM   303  N  ND2 . ASN A 1 36  ? -7.307  -5.938  3.602   1.00 53.37 ? 35  ASN B ND2 1 
ATOM   304  N  N   . HIS A 1 37  ? -8.994  -1.776  0.635   1.00 49.68 ? 36  HIS B N   1 
ATOM   305  C  CA  . HIS A 1 37  ? -9.662  -0.512  0.269   1.00 49.71 ? 36  HIS B CA  1 
ATOM   306  C  C   . HIS A 1 37  ? -10.034 -0.521  -1.213  1.00 49.16 ? 36  HIS B C   1 
ATOM   307  O  O   . HIS A 1 37  ? -11.183 -0.251  -1.568  1.00 48.73 ? 36  HIS B O   1 
ATOM   308  C  CB  . HIS A 1 37  ? -8.787  0.716   0.577   1.00 49.70 ? 36  HIS B CB  1 
ATOM   309  C  CG  . HIS A 1 37  ? -8.561  0.968   2.039   1.00 51.33 ? 36  HIS B CG  1 
ATOM   310  N  ND1 . HIS A 1 37  ? -9.582  0.994   2.966   1.00 52.57 ? 36  HIS B ND1 1 
ATOM   311  C  CD2 . HIS A 1 37  ? -7.427  1.251   2.727   1.00 52.06 ? 36  HIS B CD2 1 
ATOM   312  C  CE1 . HIS A 1 37  ? -9.084  1.244   4.165   1.00 51.84 ? 36  HIS B CE1 1 
ATOM   313  N  NE2 . HIS A 1 37  ? -7.779  1.409   4.046   1.00 51.68 ? 36  HIS B NE2 1 
ATOM   314  N  N   . ILE A 1 38  ? -9.072  -0.867  -2.072  1.00 48.77 ? 37  ILE B N   1 
ATOM   315  C  CA  . ILE A 1 38  ? -9.322  -0.927  -3.510  1.00 48.39 ? 37  ILE B CA  1 
ATOM   316  C  C   . ILE A 1 38  ? -10.400 -1.951  -3.868  1.00 48.67 ? 37  ILE B C   1 
ATOM   317  O  O   . ILE A 1 38  ? -11.214 -1.714  -4.769  1.00 49.04 ? 37  ILE B O   1 
ATOM   318  C  CB  . ILE A 1 38  ? -8.034  -1.194  -4.316  1.00 48.74 ? 37  ILE B CB  1 
ATOM   319  C  CG1 . ILE A 1 38  ? -7.048  -0.045  -4.121  1.00 48.52 ? 37  ILE B CG1 1 
ATOM   320  C  CG2 . ILE A 1 38  ? -8.348  -1.378  -5.801  1.00 47.47 ? 37  ILE B CG2 1 
ATOM   321  C  CD1 . ILE A 1 38  ? -5.698  -0.301  -4.738  1.00 50.39 ? 37  ILE B CD1 1 
ATOM   322  N  N   . LYS A 1 39  ? -10.414 -3.077  -3.164  1.00 48.71 ? 38  LYS B N   1 
ATOM   323  C  CA  . LYS A 1 39  ? -11.432 -4.099  -3.381  1.00 49.13 ? 38  LYS B CA  1 
ATOM   324  C  C   . LYS A 1 39  ? -12.839 -3.538  -3.099  1.00 48.48 ? 38  LYS B C   1 
ATOM   325  O  O   . LYS A 1 39  ? -13.765 -3.760  -3.884  1.00 48.08 ? 38  LYS B O   1 
ATOM   326  C  CB  . LYS A 1 39  ? -11.154 -5.329  -2.512  1.00 49.46 ? 38  LYS B CB  1 
ATOM   327  C  CG  . LYS A 1 39  ? -11.876 -6.600  -2.947  1.00 52.45 ? 38  LYS B CG  1 
ATOM   328  C  CD  . LYS A 1 39  ? -11.350 -7.852  -2.205  1.00 55.71 ? 38  LYS B CD  1 
ATOM   329  C  CE  . LYS A 1 39  ? -9.860  -8.119  -2.495  1.00 57.85 ? 38  LYS B CE  1 
ATOM   330  N  NZ  . LYS A 1 39  ? -9.581  -8.544  -3.912  1.00 58.31 ? 38  LYS B NZ  1 
ATOM   331  N  N   . TYR A 1 40  ? -12.989 -2.810  -1.989  1.00 47.79 ? 39  TYR B N   1 
ATOM   332  C  CA  . TYR A 1 40  ? -14.270 -2.170  -1.671  1.00 47.09 ? 39  TYR B CA  1 
ATOM   333  C  C   . TYR A 1 40  ? -14.687 -1.231  -2.808  1.00 46.32 ? 39  TYR B C   1 
ATOM   334  O  O   . TYR A 1 40  ? -15.804 -1.332  -3.323  1.00 46.35 ? 39  TYR B O   1 
ATOM   335  C  CB  . TYR A 1 40  ? -14.250 -1.432  -0.322  1.00 47.33 ? 39  TYR B CB  1 
ATOM   336  C  CG  . TYR A 1 40  ? -15.589 -0.793  0.003   1.00 48.49 ? 39  TYR B CG  1 
ATOM   337  C  CD1 . TYR A 1 40  ? -16.646 -1.556  0.517   1.00 50.14 ? 39  TYR B CD1 1 
ATOM   338  C  CD2 . TYR A 1 40  ? -15.818 0.564   -0.247  1.00 49.45 ? 39  TYR B CD2 1 
ATOM   339  C  CE1 . TYR A 1 40  ? -17.889 -0.975  0.794   1.00 50.32 ? 39  TYR B CE1 1 
ATOM   340  C  CE2 . TYR A 1 40  ? -17.051 1.148   0.024   1.00 50.54 ? 39  TYR B CE2 1 
ATOM   341  C  CZ  . TYR A 1 40  ? -18.077 0.378   0.541   1.00 51.06 ? 39  TYR B CZ  1 
ATOM   342  O  OH  . TYR A 1 40  ? -19.288 0.969   0.807   1.00 51.91 ? 39  TYR B OH  1 
ATOM   343  N  N   . ILE A 1 41  ? -13.773 -0.357  -3.220  1.00 45.42 ? 40  ILE B N   1 
ATOM   344  C  CA  . ILE A 1 41  ? -14.030 0.554   -4.337  1.00 44.72 ? 40  ILE B CA  1 
ATOM   345  C  C   . ILE A 1 41  ? -14.406 -0.228  -5.597  1.00 45.23 ? 40  ILE B C   1 
ATOM   346  O  O   . ILE A 1 41  ? -15.289 0.189   -6.357  1.00 44.96 ? 40  ILE B O   1 
ATOM   347  C  CB  . ILE A 1 41  ? -12.847 1.543   -4.573  1.00 44.02 ? 40  ILE B CB  1 
ATOM   348  C  CG1 . ILE A 1 41  ? -12.695 2.491   -3.379  1.00 42.97 ? 40  ILE B CG1 1 
ATOM   349  C  CG2 . ILE A 1 41  ? -13.042 2.349   -5.857  1.00 43.48 ? 40  ILE B CG2 1 
ATOM   350  C  CD1 . ILE A 1 41  ? -11.340 3.205   -3.300  1.00 39.57 ? 40  ILE B CD1 1 
ATOM   351  N  N   . ASN A 1 42  ? -13.765 -1.382  -5.788  1.00 46.13 ? 41  ASN B N   1 
ATOM   352  C  CA  . ASN A 1 42  ? -14.046 -2.265  -6.929  1.00 46.75 ? 41  ASN B CA  1 
ATOM   353  C  C   . ASN A 1 42  ? -15.467 -2.797  -6.893  1.00 46.40 ? 41  ASN B C   1 
ATOM   354  O  O   . ASN A 1 42  ? -16.147 -2.850  -7.917  1.00 46.28 ? 41  ASN B O   1 
ATOM   355  C  CB  . ASN A 1 42  ? -13.087 -3.472  -6.942  1.00 47.48 ? 41  ASN B CB  1 
ATOM   356  C  CG  . ASN A 1 42  ? -11.706 -3.142  -7.505  1.00 48.73 ? 41  ASN B CG  1 
ATOM   357  O  OD1 . ASN A 1 42  ? -11.466 -2.046  -8.014  1.00 51.00 ? 41  ASN B OD1 1 
ATOM   358  N  ND2 . ASN A 1 42  ? -10.787 -4.106  -7.414  1.00 50.34 ? 41  ASN B ND2 1 
ATOM   359  N  N   . GLU A 1 43  ? -15.900 -3.210  -5.709  1.00 46.40 ? 42  GLU B N   1 
ATOM   360  C  CA  . GLU A 1 43  ? -17.249 -3.720  -5.530  1.00 46.59 ? 42  GLU B CA  1 
ATOM   361  C  C   . GLU A 1 43  ? -18.280 -2.601  -5.658  1.00 46.13 ? 42  GLU B C   1 
ATOM   362  O  O   . GLU A 1 43  ? -19.364 -2.805  -6.203  1.00 46.13 ? 42  GLU B O   1 
ATOM   363  C  CB  . GLU A 1 43  ? -17.388 -4.468  -4.204  1.00 46.84 ? 42  GLU B CB  1 
ATOM   364  C  CG  . GLU A 1 43  ? -17.061 -5.967  -4.314  0.50 48.52 ? 42  GLU B CG  1 
ATOM   365  C  CD  . GLU A 1 43  ? -18.123 -6.752  -5.086  0.50 50.59 ? 42  GLU B CD  1 
ATOM   366  O  OE1 . GLU A 1 43  ? -19.193 -7.055  -4.507  0.50 50.71 ? 42  GLU B OE1 1 
ATOM   367  O  OE2 . GLU A 1 43  ? -17.888 -7.070  -6.273  0.50 51.33 ? 42  GLU B OE2 1 
ATOM   368  N  N   . LEU A 1 44  ? -17.919 -1.414  -5.179  1.00 45.63 ? 43  LEU B N   1 
ATOM   369  C  CA  . LEU A 1 44  ? -18.772 -0.244  -5.324  1.00 44.99 ? 43  LEU B CA  1 
ATOM   370  C  C   . LEU A 1 44  ? -18.972 0.090   -6.795  1.00 44.27 ? 43  LEU B C   1 
ATOM   371  O  O   . LEU A 1 44  ? -20.102 0.265   -7.252  1.00 43.67 ? 43  LEU B O   1 
ATOM   372  C  CB  . LEU A 1 44  ? -18.177 0.942   -4.575  1.00 45.28 ? 43  LEU B CB  1 
ATOM   373  C  CG  . LEU A 1 44  ? -19.083 2.152   -4.337  1.00 46.32 ? 43  LEU B CG  1 
ATOM   374  C  CD1 . LEU A 1 44  ? -20.278 1.769   -3.456  1.00 46.93 ? 43  LEU B CD1 1 
ATOM   375  C  CD2 . LEU A 1 44  ? -18.263 3.278   -3.701  1.00 45.97 ? 43  LEU B CD2 1 
ATOM   376  N  N   . PHE A 1 45  ? -17.871 0.142   -7.538  1.00 43.91 ? 44  PHE B N   1 
ATOM   377  C  CA  . PHE A 1 45  ? -17.914 0.412   -8.975  1.00 44.11 ? 44  PHE B CA  1 
ATOM   378  C  C   . PHE A 1 45  ? -18.836 -0.570  -9.710  1.00 44.76 ? 44  PHE B C   1 
ATOM   379  O  O   . PHE A 1 45  ? -19.613 -0.169  -10.566 1.00 44.63 ? 44  PHE B O   1 
ATOM   380  C  CB  . PHE A 1 45  ? -16.490 0.360   -9.563  1.00 43.75 ? 44  PHE B CB  1 
ATOM   381  C  CG  . PHE A 1 45  ? -16.424 0.670   -11.025 1.00 43.36 ? 44  PHE B CG  1 
ATOM   382  C  CD1 . PHE A 1 45  ? -16.225 1.975   -11.461 1.00 43.25 ? 44  PHE B CD1 1 
ATOM   383  C  CD2 . PHE A 1 45  ? -16.553 -0.345  -11.976 1.00 42.89 ? 44  PHE B CD2 1 
ATOM   384  C  CE1 . PHE A 1 45  ? -16.169 2.279   -12.820 1.00 42.88 ? 44  PHE B CE1 1 
ATOM   385  C  CE2 . PHE A 1 45  ? -16.496 -0.048  -13.340 1.00 43.54 ? 44  PHE B CE2 1 
ATOM   386  C  CZ  . PHE A 1 45  ? -16.307 1.271   -13.757 1.00 43.02 ? 44  PHE B CZ  1 
ATOM   387  N  N   . TYR A 1 46  ? -18.735 -1.852  -9.361  1.00 45.77 ? 45  TYR B N   1 
ATOM   388  C  CA  . TYR A 1 46  ? -19.529 -2.906  -9.980  1.00 47.11 ? 45  TYR B CA  1 
ATOM   389  C  C   . TYR A 1 46  ? -21.028 -2.684  -9.738  1.00 46.67 ? 45  TYR B C   1 
ATOM   390  O  O   . TYR A 1 46  ? -21.831 -2.858  -10.651 1.00 46.63 ? 45  TYR B O   1 
ATOM   391  C  CB  . TYR A 1 46  ? -19.079 -4.294  -9.479  1.00 47.65 ? 45  TYR B CB  1 
ATOM   392  C  CG  . TYR A 1 46  ? -19.755 -5.465  -10.183 1.00 50.73 ? 45  TYR B CG  1 
ATOM   393  C  CD1 . TYR A 1 46  ? -19.202 -6.021  -11.344 1.00 53.54 ? 45  TYR B CD1 1 
ATOM   394  C  CD2 . TYR A 1 46  ? -20.941 -6.019  -9.684  1.00 54.17 ? 45  TYR B CD2 1 
ATOM   395  C  CE1 . TYR A 1 46  ? -19.813 -7.090  -11.998 1.00 56.05 ? 45  TYR B CE1 1 
ATOM   396  C  CE2 . TYR A 1 46  ? -21.567 -7.094  -10.329 1.00 56.31 ? 45  TYR B CE2 1 
ATOM   397  C  CZ  . TYR A 1 46  ? -20.995 -7.618  -11.485 1.00 57.40 ? 45  TYR B CZ  1 
ATOM   398  O  OH  . TYR A 1 46  ? -21.599 -8.673  -12.124 1.00 59.07 ? 45  TYR B OH  1 
ATOM   399  N  N   . LYS A 1 47  ? -21.397 -2.293  -8.521  1.00 46.62 ? 46  LYS B N   1 
ATOM   400  C  CA  . LYS A 1 47  ? -22.804 -2.002  -8.209  1.00 46.32 ? 46  LYS B CA  1 
ATOM   401  C  C   . LYS A 1 47  ? -23.332 -0.768  -8.934  1.00 45.40 ? 46  LYS B C   1 
ATOM   402  O  O   . LYS A 1 47  ? -24.466 -0.776  -9.404  1.00 45.19 ? 46  LYS B O   1 
ATOM   403  C  CB  . LYS A 1 47  ? -23.032 -1.907  -6.696  1.00 47.22 ? 46  LYS B CB  1 
ATOM   404  C  CG  . LYS A 1 47  ? -22.921 -3.270  -6.000  1.00 49.78 ? 46  LYS B CG  1 
ATOM   405  C  CD  . LYS A 1 47  ? -22.533 -3.131  -4.524  1.00 54.01 ? 46  LYS B CD  1 
ATOM   406  C  CE  . LYS A 1 47  ? -22.123 -4.485  -3.923  1.00 56.76 ? 46  LYS B CE  1 
ATOM   407  N  NZ  . LYS A 1 47  ? -20.956 -5.077  -4.676  1.00 59.39 ? 46  LYS B NZ  1 
ATOM   408  N  N   . LEU A 1 48  ? -22.509 0.274   -9.077  1.00 44.24 ? 47  LEU B N   1 
ATOM   409  C  CA  . LEU A 1 48  ? -22.976 1.486   -9.766  1.00 43.48 ? 47  LEU B CA  1 
ATOM   410  C  C   . LEU A 1 48  ? -23.169 1.292   -11.260 1.00 43.25 ? 47  LEU B C   1 
ATOM   411  O  O   . LEU A 1 48  ? -24.042 1.912   -11.873 1.00 42.06 ? 47  LEU B O   1 
ATOM   412  C  CB  . LEU A 1 48  ? -22.044 2.678   -9.527  1.00 43.49 ? 47  LEU B CB  1 
ATOM   413  C  CG  . LEU A 1 48  ? -21.704 3.104   -8.098  1.00 44.20 ? 47  LEU B CG  1 
ATOM   414  C  CD1 . LEU A 1 48  ? -21.290 4.562   -8.087  1.00 43.08 ? 47  LEU B CD1 1 
ATOM   415  C  CD2 . LEU A 1 48  ? -22.874 2.874   -7.174  1.00 44.22 ? 47  LEU B CD2 1 
ATOM   416  N  N   . ASP A 1 49  ? -22.339 0.428   -11.834 1.00 43.41 ? 48  ASP B N   1 
ATOM   417  C  CA  . ASP A 1 49  ? -22.309 0.184   -13.264 1.00 43.74 ? 48  ASP B CA  1 
ATOM   418  C  C   . ASP A 1 49  ? -23.436 -0.781  -13.636 1.00 44.51 ? 48  ASP B C   1 
ATOM   419  O  O   . ASP A 1 49  ? -23.190 -1.960  -13.938 1.00 44.69 ? 48  ASP B O   1 
ATOM   420  C  CB  . ASP A 1 49  ? -20.934 -0.397  -13.622 1.00 43.61 ? 48  ASP B CB  1 
ATOM   421  C  CG  . ASP A 1 49  ? -20.732 -0.575  -15.104 1.00 42.62 ? 48  ASP B CG  1 
ATOM   422  O  OD1 . ASP A 1 49  ? -21.410 0.089   -15.920 1.00 39.74 ? 48  ASP B OD1 1 
ATOM   423  O  OD2 . ASP A 1 49  ? -19.853 -1.388  -15.447 1.00 44.16 ? 48  ASP B OD2 1 
ATOM   424  N  N   . THR A 1 50  ? -24.666 -0.270  -13.627 1.00 44.78 ? 49  THR B N   1 
ATOM   425  C  CA  . THR A 1 50  ? -25.857 -1.116  -13.778 1.00 45.74 ? 49  THR B CA  1 
ATOM   426  C  C   . THR A 1 50  ? -26.052 -1.667  -15.195 1.00 46.47 ? 49  THR B C   1 
ATOM   427  O  O   . THR A 1 50  ? -26.818 -2.601  -15.384 1.00 47.09 ? 49  THR B O   1 
ATOM   428  C  CB  . THR A 1 50  ? -27.161 -0.412  -13.319 1.00 44.98 ? 49  THR B CB  1 
ATOM   429  O  OG1 . THR A 1 50  ? -27.291 0.838   -13.999 1.00 44.76 ? 49  THR B OG1 1 
ATOM   430  C  CG2 . THR A 1 50  ? -27.167 -0.195  -11.811 1.00 44.77 ? 49  THR B CG2 1 
ATOM   431  N  N   . ASN A 1 51  ? -25.367 -1.090  -16.178 1.00 47.28 ? 50  ASN B N   1 
ATOM   432  C  CA  . ASN A 1 51  ? -25.380 -1.648  -17.527 1.00 47.81 ? 50  ASN B CA  1 
ATOM   433  C  C   . ASN A 1 51  ? -24.119 -2.458  -17.817 1.00 48.25 ? 50  ASN B C   1 
ATOM   434  O  O   . ASN A 1 51  ? -23.917 -2.946  -18.924 1.00 49.00 ? 50  ASN B O   1 
ATOM   435  C  CB  . ASN A 1 51  ? -25.635 -0.571  -18.587 1.00 47.14 ? 50  ASN B CB  1 
ATOM   436  C  CG  . ASN A 1 51  ? -24.514 0.452   -18.678 1.00 46.89 ? 50  ASN B CG  1 
ATOM   437  O  OD1 . ASN A 1 51  ? -23.558 0.441   -17.890 1.00 45.34 ? 50  ASN B OD1 1 
ATOM   438  N  ND2 . ASN A 1 51  ? -24.628 1.350   -19.648 1.00 43.50 ? 50  ASN B ND2 1 
ATOM   439  N  N   . HIS A 1 52  ? -23.275 -2.603  -16.804 1.00 48.49 ? 51  HIS B N   1 
ATOM   440  C  CA  . HIS A 1 52  ? -22.052 -3.411  -16.916 1.00 48.86 ? 51  HIS B CA  1 
ATOM   441  C  C   . HIS A 1 52  ? -21.242 -3.130  -18.202 1.00 48.02 ? 51  HIS B C   1 
ATOM   442  O  O   . HIS A 1 52  ? -20.822 -4.062  -18.899 1.00 48.40 ? 51  HIS B O   1 
ATOM   443  C  CB  . HIS A 1 52  ? -22.373 -4.911  -16.761 1.00 49.74 ? 51  HIS B CB  1 
ATOM   444  C  CG  . HIS A 1 52  ? -23.108 -5.248  -15.494 1.00 52.61 ? 51  HIS B CG  1 
ATOM   445  N  ND1 . HIS A 1 52  ? -22.626 -4.926  -14.242 1.00 56.15 ? 51  HIS B ND1 1 
ATOM   446  C  CD2 . HIS A 1 52  ? -24.287 -5.883  -15.289 1.00 55.18 ? 51  HIS B CD2 1 
ATOM   447  C  CE1 . HIS A 1 52  ? -23.480 -5.342  -13.320 1.00 56.41 ? 51  HIS B CE1 1 
ATOM   448  N  NE2 . HIS A 1 52  ? -24.493 -5.934  -13.929 1.00 56.44 ? 51  HIS B NE2 1 
ATOM   449  N  N   . ASN A 1 53  ? -21.042 -1.848  -18.509 1.00 46.36 ? 52  ASN B N   1 
ATOM   450  C  CA  . ASN A 1 53  ? -20.209 -1.416  -19.642 1.00 44.61 ? 52  ASN B CA  1 
ATOM   451  C  C   . ASN A 1 53  ? -18.828 -0.904  -19.175 1.00 43.80 ? 52  ASN B C   1 
ATOM   452  O  O   . ASN A 1 53  ? -18.089 -0.294  -19.944 1.00 43.70 ? 52  ASN B O   1 
ATOM   453  C  CB  . ASN A 1 53  ? -20.942 -0.331  -20.454 1.00 44.12 ? 52  ASN B CB  1 
ATOM   454  C  CG  . ASN A 1 53  ? -20.998 0.987   -19.727 1.00 43.34 ? 52  ASN B CG  1 
ATOM   455  O  OD1 . ASN A 1 53  ? -20.612 1.056   -18.570 1.00 39.70 ? 52  ASN B OD1 1 
ATOM   456  N  ND2 . ASN A 1 53  ? -21.467 2.046   -20.400 1.00 42.00 ? 52  ASN B ND2 1 
ATOM   457  N  N   . GLY A 1 54  ? -18.503 -1.119  -17.903 1.00 42.47 ? 53  GLY B N   1 
ATOM   458  C  CA  . GLY A 1 54  ? -17.165 -0.833  -17.409 1.00 41.73 ? 53  GLY B CA  1 
ATOM   459  C  C   . GLY A 1 54  ? -16.860 0.635   -17.158 1.00 41.50 ? 53  GLY B C   1 
ATOM   460  O  O   . GLY A 1 54  ? -15.729 0.988   -16.835 1.00 41.40 ? 53  GLY B O   1 
ATOM   461  N  N   . SER A 1 55  ? -17.864 1.498   -17.308 1.00 40.55 ? 54  SER B N   1 
ATOM   462  C  CA  . SER A 1 55  ? -17.710 2.895   -16.937 1.00 39.75 ? 54  SER B CA  1 
ATOM   463  C  C   . SER A 1 55  ? -19.004 3.437   -16.293 1.00 39.06 ? 54  SER B C   1 
ATOM   464  O  O   . SER A 1 55  ? -20.067 2.802   -16.375 1.00 39.36 ? 54  SER B O   1 
ATOM   465  C  CB  . SER A 1 55  ? -17.309 3.729   -18.145 1.00 39.24 ? 54  SER B CB  1 
ATOM   466  O  OG  . SER A 1 55  ? -18.397 3.858   -19.007 1.00 39.55 ? 54  SER B OG  1 
ATOM   467  N  N   . LEU A 1 56  ? -18.902 4.601   -15.657 1.00 37.84 ? 55  LEU B N   1 
ATOM   468  C  CA  . LEU A 1 56  ? -20.024 5.176   -14.895 1.00 37.07 ? 55  LEU B CA  1 
ATOM   469  C  C   . LEU A 1 56  ? -20.576 6.430   -15.527 1.00 35.44 ? 55  LEU B C   1 
ATOM   470  O  O   . LEU A 1 56  ? -19.854 7.404   -15.703 1.00 35.95 ? 55  LEU B O   1 
ATOM   471  C  CB  . LEU A 1 56  ? -19.612 5.484   -13.442 1.00 36.60 ? 55  LEU B CB  1 
ATOM   472  C  CG  . LEU A 1 56  ? -19.162 4.317   -12.565 1.00 36.66 ? 55  LEU B CG  1 
ATOM   473  C  CD1 . LEU A 1 56  ? -18.930 4.774   -11.128 1.00 35.76 ? 55  LEU B CD1 1 
ATOM   474  C  CD2 . LEU A 1 56  ? -20.165 3.177   -12.616 1.00 36.86 ? 55  LEU B CD2 1 
ATOM   475  N  N   . SER A 1 57  ? -21.862 6.421   -15.865 1.00 34.59 ? 56  SER B N   1 
ATOM   476  C  CA  . SER A 1 57  ? -22.496 7.649   -16.333 1.00 34.16 ? 56  SER B CA  1 
ATOM   477  C  C   . SER A 1 57  ? -22.790 8.579   -15.141 1.00 33.61 ? 56  SER B C   1 
ATOM   478  O  O   . SER A 1 57  ? -22.715 8.149   -13.993 1.00 33.47 ? 56  SER B O   1 
ATOM   479  C  CB  . SER A 1 57  ? -23.779 7.359   -17.107 1.00 34.09 ? 56  SER B CB  1 
ATOM   480  O  OG  . SER A 1 57  ? -24.815 6.928   -16.244 1.00 34.56 ? 56  SER B OG  1 
ATOM   481  N  N   . HIS A 1 58  ? -23.128 9.836   -15.418 1.00 33.48 ? 57  HIS B N   1 
ATOM   482  C  CA  . HIS A 1 58  ? -23.553 10.752  -14.346 1.00 33.97 ? 57  HIS B CA  1 
ATOM   483  C  C   . HIS A 1 58  ? -24.769 10.200  -13.595 1.00 34.05 ? 57  HIS B C   1 
ATOM   484  O  O   . HIS A 1 58  ? -24.783 10.172  -12.356 1.00 34.16 ? 57  HIS B O   1 
ATOM   485  C  CB  . HIS A 1 58  ? -23.801 12.172  -14.887 1.00 33.38 ? 57  HIS B CB  1 
ATOM   486  C  CG  . HIS A 1 58  ? -22.540 12.923  -15.220 1.00 34.24 ? 57  HIS B CG  1 
ATOM   487  N  ND1 . HIS A 1 58  ? -22.472 14.303  -15.240 1.00 35.32 ? 57  HIS B ND1 1 
ATOM   488  C  CD2 . HIS A 1 58  ? -21.297 12.484  -15.541 1.00 35.21 ? 57  HIS B CD2 1 
ATOM   489  C  CE1 . HIS A 1 58  ? -21.251 14.680  -15.573 1.00 35.45 ? 57  HIS B CE1 1 
ATOM   490  N  NE2 . HIS A 1 58  ? -20.518 13.597  -15.759 1.00 35.53 ? 57  HIS B NE2 1 
ATOM   491  N  N   A ARG A 1 59  ? -25.768 9.741   -14.342 0.50 34.16 ? 58  ARG B N   1 
ATOM   492  N  N   B ARG A 1 59  ? -25.755 9.726   -14.355 0.50 34.41 ? 58  ARG B N   1 
ATOM   493  C  CA  A ARG A 1 59  ? -26.985 9.174   -13.750 0.50 34.20 ? 58  ARG B CA  1 
ATOM   494  C  CA  B ARG A 1 59  ? -27.005 9.164   -13.815 0.50 34.71 ? 58  ARG B CA  1 
ATOM   495  C  C   A ARG A 1 59  ? -26.711 7.976   -12.843 0.50 34.23 ? 58  ARG B C   1 
ATOM   496  C  C   B ARG A 1 59  ? -26.781 7.943   -12.907 0.50 34.52 ? 58  ARG B C   1 
ATOM   497  O  O   A ARG A 1 59  ? -27.253 7.897   -11.738 0.50 34.00 ? 58  ARG B O   1 
ATOM   498  O  O   B ARG A 1 59  ? -27.423 7.823   -11.859 0.50 34.29 ? 58  ARG B O   1 
ATOM   499  C  CB  A ARG A 1 59  ? -27.994 8.790   -14.838 0.50 34.10 ? 58  ARG B CB  1 
ATOM   500  C  CB  B ARG A 1 59  ? -27.974 8.827   -14.969 0.50 34.81 ? 58  ARG B CB  1 
ATOM   501  C  CG  A ARG A 1 59  ? -29.219 8.053   -14.311 0.50 34.12 ? 58  ARG B CG  1 
ATOM   502  C  CG  B ARG A 1 59  ? -29.471 8.888   -14.628 0.50 36.23 ? 58  ARG B CG  1 
ATOM   503  C  CD  A ARG A 1 59  ? -30.037 7.453   -15.452 0.50 32.84 ? 58  ARG B CD  1 
ATOM   504  C  CD  B ARG A 1 59  ? -30.348 8.301   -15.761 0.50 37.14 ? 58  ARG B CD  1 
ATOM   505  N  NE  A ARG A 1 59  ? -29.292 6.397   -16.140 0.50 32.25 ? 58  ARG B NE  1 
ATOM   506  N  NE  B ARG A 1 59  ? -30.538 9.229   -16.873 0.50 41.09 ? 58  ARG B NE  1 
ATOM   507  C  CZ  A ARG A 1 59  ? -28.868 5.276   -15.559 0.50 30.27 ? 58  ARG B CZ  1 
ATOM   508  C  CZ  B ARG A 1 59  ? -31.726 9.604   -17.352 0.50 43.21 ? 58  ARG B CZ  1 
ATOM   509  N  NH1 A ARG A 1 59  ? -29.090 5.056   -14.257 0.50 28.95 ? 58  ARG B NH1 1 
ATOM   510  N  NH1 B ARG A 1 59  ? -32.844 9.114   -16.826 0.50 43.11 ? 58  ARG B NH1 1 
ATOM   511  N  NH2 A ARG A 1 59  ? -28.205 4.382   -16.277 0.50 26.78 ? 58  ARG B NH2 1 
ATOM   512  N  NH2 B ARG A 1 59  ? -31.799 10.460  -18.368 0.50 43.29 ? 58  ARG B NH2 1 
ATOM   513  N  N   . GLU A 1 60  ? -25.876 7.043   -13.305 1.00 34.39 ? 59  GLU B N   1 
ATOM   514  C  CA  . GLU A 1 60  ? -25.540 5.853   -12.494 1.00 33.76 ? 59  GLU B CA  1 
ATOM   515  C  C   . GLU A 1 60  ? -25.010 6.217   -11.102 1.00 33.17 ? 59  GLU B C   1 
ATOM   516  O  O   . GLU A 1 60  ? -25.348 5.561   -10.109 1.00 32.84 ? 59  GLU B O   1 
ATOM   517  C  CB  . GLU A 1 60  ? -24.515 4.947   -13.195 1.00 34.07 ? 59  GLU B CB  1 
ATOM   518  C  CG  . GLU A 1 60  ? -25.095 4.137   -14.385 1.00 35.62 ? 59  GLU B CG  1 
ATOM   519  C  CD  . GLU A 1 60  ? -24.035 3.313   -15.126 1.00 36.18 ? 59  GLU B CD  1 
ATOM   520  O  OE1 . GLU A 1 60  ? -24.404 2.304   -15.758 1.00 38.05 ? 59  GLU B OE1 1 
ATOM   521  O  OE2 . GLU A 1 60  ? -22.826 3.651   -15.074 1.00 36.13 ? 59  GLU B OE2 1 
ATOM   522  N  N   . ILE A 1 61  ? -24.156 7.235   -11.044 1.00 31.74 ? 60  ILE B N   1 
ATOM   523  C  CA  . ILE A 1 61  ? -23.602 7.698   -9.776  1.00 31.66 ? 60  ILE B CA  1 
ATOM   524  C  C   . ILE A 1 61  ? -24.679 8.520   -9.022  1.00 31.84 ? 60  ILE B C   1 
ATOM   525  O  O   . ILE A 1 61  ? -24.866 8.361   -7.816  1.00 31.59 ? 60  ILE B O   1 
ATOM   526  C  CB  . ILE A 1 61  ? -22.338 8.559   -10.016 1.00 31.02 ? 60  ILE B CB  1 
ATOM   527  C  CG1 . ILE A 1 61  ? -21.220 7.706   -10.634 1.00 31.12 ? 60  ILE B CG1 1 
ATOM   528  C  CG2 . ILE A 1 61  ? -21.838 9.213   -8.737  1.00 30.32 ? 60  ILE B CG2 1 
ATOM   529  C  CD1 . ILE A 1 61  ? -20.032 8.529   -11.071 1.00 29.38 ? 60  ILE B CD1 1 
ATOM   530  N  N   . TYR A 1 62  ? -25.357 9.394   -9.753  1.00 32.65 ? 61  TYR B N   1 
ATOM   531  C  CA  . TYR A 1 62  ? -26.343 10.307  -9.184  1.00 34.15 ? 61  TYR B CA  1 
ATOM   532  C  C   . TYR A 1 62  ? -27.398 9.548   -8.382  1.00 34.44 ? 61  TYR B C   1 
ATOM   533  O  O   . TYR A 1 62  ? -27.657 9.864   -7.216  1.00 33.73 ? 61  TYR B O   1 
ATOM   534  C  CB  . TYR A 1 62  ? -27.048 11.115  -10.277 1.00 34.19 ? 61  TYR B CB  1 
ATOM   535  C  CG  . TYR A 1 62  ? -27.780 12.323  -9.735  1.00 36.26 ? 61  TYR B CG  1 
ATOM   536  C  CD1 . TYR A 1 62  ? -28.949 12.180  -8.969  1.00 37.77 ? 61  TYR B CD1 1 
ATOM   537  C  CD2 . TYR A 1 62  ? -27.297 13.613  -9.974  1.00 37.89 ? 61  TYR B CD2 1 
ATOM   538  C  CE1 . TYR A 1 62  ? -29.618 13.311  -8.458  1.00 40.71 ? 61  TYR B CE1 1 
ATOM   539  C  CE2 . TYR A 1 62  ? -27.950 14.743  -9.471  1.00 40.05 ? 61  TYR B CE2 1 
ATOM   540  C  CZ  . TYR A 1 62  ? -29.108 14.587  -8.714  1.00 41.18 ? 61  TYR B CZ  1 
ATOM   541  O  OH  . TYR A 1 62  ? -29.748 15.711  -8.210  1.00 44.10 ? 61  TYR B OH  1 
ATOM   542  N  N   . THR A 1 63  ? -28.001 8.547   -9.011  1.00 35.21 ? 62  THR B N   1 
ATOM   543  C  CA  . THR A 1 63  ? -29.132 7.859   -8.393  1.00 36.50 ? 62  THR B CA  1 
ATOM   544  C  C   . THR A 1 63  ? -28.705 7.156   -7.104  1.00 36.42 ? 62  THR B C   1 
ATOM   545  O  O   . THR A 1 63  ? -29.500 7.024   -6.170  1.00 36.81 ? 62  THR B O   1 
ATOM   546  C  CB  . THR A 1 63  ? -29.856 6.872   -9.346  1.00 37.04 ? 62  THR B CB  1 
ATOM   547  O  OG1 . THR A 1 63  ? -30.935 6.255   -8.640  1.00 39.41 ? 62  THR B OG1 1 
ATOM   548  C  CG2 . THR A 1 63  ? -28.927 5.757   -9.840  1.00 37.74 ? 62  THR B CG2 1 
ATOM   549  N  N   . VAL A 1 64  ? -27.449 6.711   -7.043  1.00 35.42 ? 63  VAL B N   1 
ATOM   550  C  CA  . VAL A 1 64  ? -26.993 6.041   -5.842  1.00 34.50 ? 63  VAL B CA  1 
ATOM   551  C  C   . VAL A 1 64  ? -26.621 7.045   -4.747  1.00 33.74 ? 63  VAL B C   1 
ATOM   552  O  O   . VAL A 1 64  ? -26.997 6.855   -3.592  1.00 33.21 ? 63  VAL B O   1 
ATOM   553  C  CB  . VAL A 1 64  ? -25.858 5.019   -6.126  1.00 34.99 ? 63  VAL B CB  1 
ATOM   554  C  CG1 . VAL A 1 64  ? -25.310 4.455   -4.838  1.00 35.50 ? 63  VAL B CG1 1 
ATOM   555  C  CG2 . VAL A 1 64  ? -26.390 3.866   -7.010  1.00 35.29 ? 63  VAL B CG2 1 
ATOM   556  N  N   . LEU A 1 65  ? -25.874 8.095   -5.089  1.00 32.68 ? 64  LEU B N   1 
ATOM   557  C  CA  . LEU A 1 65  ? -25.517 9.112   -4.082  1.00 32.69 ? 64  LEU B CA  1 
ATOM   558  C  C   . LEU A 1 65  ? -26.803 9.742   -3.472  1.00 33.17 ? 64  LEU B C   1 
ATOM   559  O  O   . LEU A 1 65  ? -26.879 9.981   -2.264  1.00 32.74 ? 64  LEU B O   1 
ATOM   560  C  CB  . LEU A 1 65  ? -24.567 10.186  -4.660  1.00 31.56 ? 64  LEU B CB  1 
ATOM   561  C  CG  . LEU A 1 65  ? -23.139 9.762   -5.109  1.00 33.26 ? 64  LEU B CG  1 
ATOM   562  C  CD1 . LEU A 1 65  ? -22.211 10.956  -5.505  1.00 29.81 ? 64  LEU B CD1 1 
ATOM   563  C  CD2 . LEU A 1 65  ? -22.434 8.849   -4.091  1.00 30.33 ? 64  LEU B CD2 1 
ATOM   564  N  N   . ALA A 1 66  ? -27.805 9.962   -4.317  1.00 33.33 ? 65  ALA B N   1 
ATOM   565  C  CA  . ALA A 1 66  ? -29.108 10.495  -3.884  1.00 34.54 ? 65  ALA B CA  1 
ATOM   566  C  C   . ALA A 1 66  ? -29.785 9.589   -2.850  1.00 34.78 ? 65  ALA B C   1 
ATOM   567  O  O   . ALA A 1 66  ? -30.309 10.084  -1.851  1.00 35.60 ? 65  ALA B O   1 
ATOM   568  C  CB  . ALA A 1 66  ? -30.036 10.736  -5.085  1.00 33.63 ? 65  ALA B CB  1 
ATOM   569  N  N   A SER A 1 67  ? -29.734 8.279   -3.085  0.50 34.88 ? 66  SER B N   1 
ATOM   570  N  N   B SER A 1 67  ? -29.761 8.279   -3.082  0.50 34.70 ? 66  SER B N   1 
ATOM   571  C  CA  A SER A 1 67  ? -30.391 7.295   -2.219  0.50 35.13 ? 66  SER B CA  1 
ATOM   572  C  CA  B SER A 1 67  ? -30.416 7.327   -2.180  0.50 34.73 ? 66  SER B CA  1 
ATOM   573  C  C   A SER A 1 67  ? -29.673 7.087   -0.887  0.50 35.24 ? 66  SER B C   1 
ATOM   574  C  C   B SER A 1 67  ? -29.735 7.222   -0.821  0.50 35.02 ? 66  SER B C   1 
ATOM   575  O  O   A SER A 1 67  ? -30.185 6.399   -0.006  0.50 35.36 ? 66  SER B O   1 
ATOM   576  O  O   B SER A 1 67  ? -30.333 6.753   0.141   0.50 35.14 ? 66  SER B O   1 
ATOM   577  C  CB  A SER A 1 67  ? -30.520 5.951   -2.941  0.50 34.88 ? 66  SER B CB  1 
ATOM   578  C  CB  B SER A 1 67  ? -30.510 5.941   -2.822  0.50 34.42 ? 66  SER B CB  1 
ATOM   579  O  OG  A SER A 1 67  ? -29.272 5.274   -2.951  0.50 35.43 ? 66  SER B OG  1 
ATOM   580  O  OG  B SER A 1 67  ? -31.538 5.904   -3.786  0.50 33.45 ? 66  SER B OG  1 
ATOM   581  N  N   . VAL A 1 68  ? -28.491 7.676   -0.749  1.00 35.01 ? 67  VAL B N   1 
ATOM   582  C  CA  . VAL A 1 68  ? -27.680 7.493   0.440   1.00 35.57 ? 67  VAL B CA  1 
ATOM   583  C  C   . VAL A 1 68  ? -27.508 8.791   1.249   1.00 35.64 ? 67  VAL B C   1 
ATOM   584  O  O   . VAL A 1 68  ? -26.828 8.799   2.277   1.00 36.56 ? 67  VAL B O   1 
ATOM   585  C  CB  . VAL A 1 68  ? -26.331 6.807   0.008   1.00 35.75 ? 67  VAL B CB  1 
ATOM   586  C  CG1 . VAL A 1 68  ? -25.146 7.425   0.632   1.00 37.49 ? 67  VAL B CG1 1 
ATOM   587  C  CG2 . VAL A 1 68  ? -26.399 5.293   0.172   1.00 35.54 ? 67  VAL B CG2 1 
ATOM   588  N  N   . GLY A 1 69  ? -28.117 9.890   0.797   1.00 34.91 ? 68  GLY B N   1 
ATOM   589  C  CA  . GLY A 1 69  ? -28.157 11.107  1.607   1.00 33.47 ? 68  GLY B CA  1 
ATOM   590  C  C   . GLY A 1 69  ? -27.354 12.273  1.089   1.00 33.57 ? 68  GLY B C   1 
ATOM   591  O  O   . GLY A 1 69  ? -27.384 13.340  1.673   1.00 33.56 ? 68  GLY B O   1 
ATOM   592  N  N   . ILE A 1 70  ? -26.607 12.095  0.002   1.00 32.61 ? 69  ILE B N   1 
ATOM   593  C  CA  . ILE A 1 70  ? -25.856 13.229  -0.536  1.00 31.91 ? 69  ILE B CA  1 
ATOM   594  C  C   . ILE A 1 70  ? -26.840 14.144  -1.264  1.00 31.53 ? 69  ILE B C   1 
ATOM   595  O  O   . ILE A 1 70  ? -27.683 13.665  -2.009  1.00 31.37 ? 69  ILE B O   1 
ATOM   596  C  CB  . ILE A 1 70  ? -24.724 12.768  -1.502  1.00 32.14 ? 69  ILE B CB  1 
ATOM   597  C  CG1 . ILE A 1 70  ? -23.940 11.599  -0.883  1.00 31.74 ? 69  ILE B CG1 1 
ATOM   598  C  CG2 . ILE A 1 70  ? -23.834 13.958  -1.917  1.00 30.57 ? 69  ILE B CG2 1 
ATOM   599  C  CD1 . ILE A 1 70  ? -23.306 11.896  0.486   1.00 32.03 ? 69  ILE B CD1 1 
ATOM   600  N  N   . LYS A 1 71  ? -26.724 15.450  -1.056  1.00 31.67 ? 70  LYS B N   1 
ATOM   601  C  CA  . LYS A 1 71  ? -27.665 16.400  -1.646  1.00 32.49 ? 70  LYS B CA  1 
ATOM   602  C  C   . LYS A 1 71  ? -27.244 16.799  -3.065  1.00 33.06 ? 70  LYS B C   1 
ATOM   603  O  O   . LYS A 1 71  ? -26.051 16.786  -3.404  1.00 32.51 ? 70  LYS B O   1 
ATOM   604  C  CB  . LYS A 1 71  ? -27.789 17.655  -0.760  1.00 32.48 ? 70  LYS B CB  1 
ATOM   605  C  CG  . LYS A 1 71  ? -28.325 17.359  0.657   1.00 33.93 ? 70  LYS B CG  1 
ATOM   606  C  CD  . LYS A 1 71  ? -29.823 17.007  0.608   1.00 34.68 ? 70  LYS B CD  1 
ATOM   607  C  CE  . LYS A 1 71  ? -30.379 16.597  1.980   1.00 33.51 ? 70  LYS B CE  1 
ATOM   608  N  NZ  . LYS A 1 71  ? -31.766 16.092  1.777   1.00 32.94 ? 70  LYS B NZ  1 
ATOM   609  N  N   . LYS A 1 72  ? -28.237 17.167  -3.867  1.00 33.03 ? 71  LYS B N   1 
ATOM   610  C  CA  . LYS A 1 72  ? -28.066 17.550  -5.259  1.00 33.82 ? 71  LYS B CA  1 
ATOM   611  C  C   . LYS A 1 72  ? -26.836 18.429  -5.508  1.00 33.88 ? 71  LYS B C   1 
ATOM   612  O  O   . LYS A 1 72  ? -26.050 18.138  -6.402  1.00 34.17 ? 71  LYS B O   1 
ATOM   613  C  CB  . LYS A 1 72  ? -29.323 18.266  -5.769  1.00 34.06 ? 71  LYS B CB  1 
ATOM   614  C  CG  . LYS A 1 72  ? -29.135 18.934  -7.130  1.00 35.46 ? 71  LYS B CG  1 
ATOM   615  C  CD  . LYS A 1 72  ? -30.468 19.271  -7.790  1.00 38.40 ? 71  LYS B CD  1 
ATOM   616  C  CE  . LYS A 1 72  ? -30.220 20.101  -9.042  1.00 42.03 ? 71  LYS B CE  1 
ATOM   617  N  NZ  . LYS A 1 72  ? -31.457 20.220  -9.859  1.00 44.86 ? 71  LYS B NZ  1 
ATOM   618  N  N   . TRP A 1 73  ? -26.676 19.495  -4.726  1.00 33.61 ? 72  TRP B N   1 
ATOM   619  C  CA  . TRP A 1 73  ? -25.566 20.427  -4.925  1.00 33.90 ? 72  TRP B CA  1 
ATOM   620  C  C   . TRP A 1 73  ? -24.217 19.765  -4.672  1.00 33.59 ? 72  TRP B C   1 
ATOM   621  O  O   . TRP A 1 73  ? -23.253 20.069  -5.352  1.00 34.56 ? 72  TRP B O   1 
ATOM   622  C  CB  . TRP A 1 73  ? -25.708 21.684  -4.072  1.00 33.96 ? 72  TRP B CB  1 
ATOM   623  C  CG  . TRP A 1 73  ? -26.222 21.412  -2.677  1.00 35.73 ? 72  TRP B CG  1 
ATOM   624  C  CD1 . TRP A 1 73  ? -25.482 21.226  -1.550  1.00 36.15 ? 72  TRP B CD1 1 
ATOM   625  C  CD2 . TRP A 1 73  ? -27.601 21.328  -2.275  1.00 37.44 ? 72  TRP B CD2 1 
ATOM   626  N  NE1 . TRP A 1 73  ? -26.311 21.022  -0.465  1.00 37.20 ? 72  TRP B NE1 1 
ATOM   627  C  CE2 . TRP A 1 73  ? -27.616 21.082  -0.882  1.00 37.29 ? 72  TRP B CE2 1 
ATOM   628  C  CE3 . TRP A 1 73  ? -28.821 21.443  -2.957  1.00 38.66 ? 72  TRP B CE3 1 
ATOM   629  C  CZ2 . TRP A 1 73  ? -28.810 20.937  -0.149  1.00 38.81 ? 72  TRP B CZ2 1 
ATOM   630  C  CZ3 . TRP A 1 73  ? -30.018 21.294  -2.229  1.00 39.84 ? 72  TRP B CZ3 1 
ATOM   631  C  CH2 . TRP A 1 73  ? -29.994 21.033  -0.839  1.00 38.58 ? 72  TRP B CH2 1 
ATOM   632  N  N   . ASP A 1 74  ? -24.156 18.842  -3.721  1.00 32.99 ? 73  ASP B N   1 
ATOM   633  C  CA  . ASP A 1 74  ? -22.927 18.098  -3.521  1.00 32.85 ? 73  ASP B CA  1 
ATOM   634  C  C   . ASP A 1 74  ? -22.687 17.069  -4.640  1.00 32.19 ? 73  ASP B C   1 
ATOM   635  O  O   . ASP A 1 74  ? -21.564 16.957  -5.157  1.00 31.14 ? 73  ASP B O   1 
ATOM   636  C  CB  . ASP A 1 74  ? -22.890 17.457  -2.135  1.00 32.75 ? 73  ASP B CB  1 
ATOM   637  C  CG  . ASP A 1 74  ? -22.690 18.497  -1.014  1.00 34.94 ? 73  ASP B CG  1 
ATOM   638  O  OD1 . ASP A 1 74  ? -22.161 19.604  -1.276  1.00 35.89 ? 73  ASP B OD1 1 
ATOM   639  O  OD2 . ASP A 1 74  ? -23.052 18.186  0.138   1.00 37.57 ? 73  ASP B OD2 1 
ATOM   640  N  N   . ILE A 1 75  ? -23.735 16.332  -5.003  1.00 31.20 ? 74  ILE B N   1 
ATOM   641  C  CA  . ILE A 1 75  ? -23.623 15.293  -6.029  1.00 30.78 ? 74  ILE B CA  1 
ATOM   642  C  C   . ILE A 1 75  ? -23.052 15.924  -7.310  1.00 31.41 ? 74  ILE B C   1 
ATOM   643  O  O   . ILE A 1 75  ? -22.116 15.391  -7.900  1.00 30.57 ? 74  ILE B O   1 
ATOM   644  C  CB  . ILE A 1 75  ? -24.968 14.603  -6.353  1.00 31.01 ? 74  ILE B CB  1 
ATOM   645  C  CG1 . ILE A 1 75  ? -25.552 13.879  -5.131  1.00 28.81 ? 74  ILE B CG1 1 
ATOM   646  C  CG2 . ILE A 1 75  ? -24.790 13.578  -7.519  1.00 29.90 ? 74  ILE B CG2 1 
ATOM   647  C  CD1 . ILE A 1 75  ? -26.903 13.261  -5.420  1.00 27.07 ? 74  ILE B CD1 1 
ATOM   648  N  N   . ASN A 1 76  ? -23.607 17.065  -7.715  1.00 31.66 ? 75  ASN B N   1 
ATOM   649  C  CA  . ASN A 1 76  ? -23.123 17.753  -8.914  1.00 32.54 ? 75  ASN B CA  1 
ATOM   650  C  C   . ASN A 1 76  ? -21.665 18.215  -8.845  1.00 32.83 ? 75  ASN B C   1 
ATOM   651  O  O   . ASN A 1 76  ? -20.940 18.120  -9.859  1.00 32.88 ? 75  ASN B O   1 
ATOM   652  C  CB  . ASN A 1 76  ? -24.056 18.891  -9.314  1.00 33.06 ? 75  ASN B CB  1 
ATOM   653  C  CG  . ASN A 1 76  ? -25.338 18.386  -9.985  1.00 35.11 ? 75  ASN B CG  1 
ATOM   654  O  OD1 . ASN A 1 76  ? -25.391 17.275  -10.521 1.00 35.59 ? 75  ASN B OD1 1 
ATOM   655  N  ND2 . ASN A 1 76  ? -26.371 19.198  -9.939  1.00 36.18 ? 75  ASN B ND2 1 
ATOM   656  N  N   . ARG A 1 77  ? -21.221 18.700  -7.679  1.00 31.54 ? 76  ARG B N   1 
ATOM   657  C  CA  . ARG A 1 77  ? -19.803 19.038  -7.528  1.00 31.91 ? 76  ARG B CA  1 
ATOM   658  C  C   . ARG A 1 77  ? -18.905 17.802  -7.585  1.00 31.92 ? 76  ARG B C   1 
ATOM   659  O  O   . ARG A 1 77  ? -17.810 17.884  -8.129  1.00 31.47 ? 76  ARG B O   1 
ATOM   660  C  CB  . ARG A 1 77  ? -19.511 19.829  -6.253  1.00 31.68 ? 76  ARG B CB  1 
ATOM   661  C  CG  . ARG A 1 77  ? -20.185 21.202  -6.214  1.00 32.15 ? 76  ARG B CG  1 
ATOM   662  C  CD  . ARG A 1 77  ? -19.977 21.847  -4.854  1.00 32.79 ? 76  ARG B CD  1 
ATOM   663  N  NE  . ARG A 1 77  ? -18.590 22.237  -4.660  1.00 33.19 ? 76  ARG B NE  1 
ATOM   664  C  CZ  . ARG A 1 77  ? -18.091 22.686  -3.513  1.00 34.89 ? 76  ARG B CZ  1 
ATOM   665  N  NH1 . ARG A 1 77  ? -18.875 22.810  -2.440  1.00 33.05 ? 76  ARG B NH1 1 
ATOM   666  N  NH2 . ARG A 1 77  ? -16.810 23.034  -3.443  1.00 32.86 ? 76  ARG B NH2 1 
ATOM   667  N  N   . ILE A 1 78  ? -19.374 16.687  -7.012  1.00 31.15 ? 77  ILE B N   1 
ATOM   668  C  CA  . ILE A 1 78  ? -18.653 15.418  -7.053  1.00 31.46 ? 77  ILE B CA  1 
ATOM   669  C  C   . ILE A 1 78  ? -18.543 14.935  -8.516  1.00 32.27 ? 77  ILE B C   1 
ATOM   670  O  O   . ILE A 1 78  ? -17.468 14.564  -8.982  1.00 32.72 ? 77  ILE B O   1 
ATOM   671  C  CB  . ILE A 1 78  ? -19.318 14.365  -6.158  1.00 31.08 ? 77  ILE B CB  1 
ATOM   672  C  CG1 . ILE A 1 78  ? -19.097 14.714  -4.677  1.00 29.51 ? 77  ILE B CG1 1 
ATOM   673  C  CG2 . ILE A 1 78  ? -18.786 12.962  -6.452  1.00 31.00 ? 77  ILE B CG2 1 
ATOM   674  C  CD1 . ILE A 1 78  ? -20.009 13.939  -3.743  1.00 28.04 ? 77  ILE B CD1 1 
ATOM   675  N  N   . LEU A 1 79  ? -19.648 15.008  -9.235  1.00 32.21 ? 78  LEU B N   1 
ATOM   676  C  CA  . LEU A 1 79  ? -19.692 14.599  -10.622 1.00 32.92 ? 78  LEU B CA  1 
ATOM   677  C  C   . LEU A 1 79  ? -18.705 15.371  -11.492 1.00 33.74 ? 78  LEU B C   1 
ATOM   678  O  O   . LEU A 1 79  ? -17.960 14.754  -12.246 1.00 34.39 ? 78  LEU B O   1 
ATOM   679  C  CB  . LEU A 1 79  ? -21.118 14.683  -11.169 1.00 32.18 ? 78  LEU B CB  1 
ATOM   680  C  CG  . LEU A 1 79  ? -22.023 13.526  -10.753 1.00 31.41 ? 78  LEU B CG  1 
ATOM   681  C  CD1 . LEU A 1 79  ? -23.433 13.726  -11.349 1.00 33.06 ? 78  LEU B CD1 1 
ATOM   682  C  CD2 . LEU A 1 79  ? -21.446 12.166  -11.187 1.00 30.75 ? 78  LEU B CD2 1 
ATOM   683  N  N   A GLN A 1 80  ? -18.655 16.694  -11.352 0.50 33.56 ? 79  GLN B N   1 
ATOM   684  N  N   B GLN A 1 80  ? -18.735 16.700  -11.399 0.50 33.78 ? 79  GLN B N   1 
ATOM   685  C  CA  A GLN A 1 80  ? -17.724 17.507  -12.138 0.50 34.11 ? 79  GLN B CA  1 
ATOM   686  C  CA  B GLN A 1 80  ? -17.744 17.559  -12.030 0.50 34.53 ? 79  GLN B CA  1 
ATOM   687  C  C   A GLN A 1 80  ? -16.246 17.409  -11.711 0.50 34.43 ? 79  GLN B C   1 
ATOM   688  C  C   B GLN A 1 80  ? -16.332 17.049  -11.761 0.50 34.80 ? 79  GLN B C   1 
ATOM   689  O  O   A GLN A 1 80  ? -15.352 17.722  -12.510 0.50 33.92 ? 79  GLN B O   1 
ATOM   690  O  O   B GLN A 1 80  ? -15.575 16.725  -12.698 0.50 34.63 ? 79  GLN B O   1 
ATOM   691  C  CB  A GLN A 1 80  ? -18.193 18.958  -12.200 0.50 34.16 ? 79  GLN B CB  1 
ATOM   692  C  CB  B GLN A 1 80  ? -17.851 18.970  -11.457 0.50 34.70 ? 79  GLN B CB  1 
ATOM   693  C  CG  A GLN A 1 80  ? -19.511 19.123  -12.933 0.50 34.25 ? 79  GLN B CG  1 
ATOM   694  C  CG  B GLN A 1 80  ? -18.411 20.042  -12.365 0.50 35.54 ? 79  GLN B CG  1 
ATOM   695  C  CD  A GLN A 1 80  ? -19.439 18.701  -14.402 0.50 33.51 ? 79  GLN B CD  1 
ATOM   696  C  CD  B GLN A 1 80  ? -18.103 21.424  -11.812 0.50 37.75 ? 79  GLN B CD  1 
ATOM   697  O  OE1 A GLN A 1 80  ? -18.519 19.078  -15.123 0.50 33.84 ? 79  GLN B OE1 1 
ATOM   698  O  OE1 B GLN A 1 80  ? -18.656 21.832  -10.777 0.50 37.83 ? 79  GLN B OE1 1 
ATOM   699  N  NE2 A GLN A 1 80  ? -20.426 17.942  -14.846 0.50 32.16 ? 79  GLN B NE2 1 
ATOM   700  N  NE2 B GLN A 1 80  ? -17.203 22.141  -12.477 0.50 35.89 ? 79  GLN B NE2 1 
ATOM   701  N  N   . ALA A 1 81  ? -15.994 16.977  -10.473 1.00 34.24 ? 80  ALA B N   1 
ATOM   702  C  CA  . ALA A 1 81  ? -14.636 16.644  -10.022 1.00 34.72 ? 80  ALA B CA  1 
ATOM   703  C  C   . ALA A 1 81  ? -14.157 15.273  -10.548 1.00 35.24 ? 80  ALA B C   1 
ATOM   704  O  O   . ALA A 1 81  ? -13.000 15.124  -10.982 1.00 35.15 ? 80  ALA B O   1 
ATOM   705  C  CB  . ALA A 1 81  ? -14.563 16.680  -8.497  1.00 34.22 ? 80  ALA B CB  1 
ATOM   706  N  N   . LEU A 1 82  ? -15.047 14.286  -10.488 1.00 35.28 ? 81  LEU B N   1 
ATOM   707  C  CA  . LEU A 1 82  ? -14.776 12.949  -10.983 1.00 36.58 ? 81  LEU B CA  1 
ATOM   708  C  C   . LEU A 1 82  ? -14.563 12.931  -12.505 1.00 37.58 ? 81  LEU B C   1 
ATOM   709  O  O   . LEU A 1 82  ? -13.615 12.306  -12.978 1.00 38.07 ? 81  LEU B O   1 
ATOM   710  C  CB  . LEU A 1 82  ? -15.927 11.997  -10.645 1.00 35.99 ? 81  LEU B CB  1 
ATOM   711  C  CG  . LEU A 1 82  ? -16.129 11.572  -9.188  1.00 34.85 ? 81  LEU B CG  1 
ATOM   712  C  CD1 . LEU A 1 82  ? -17.219 10.534  -9.139  1.00 29.34 ? 81  LEU B CD1 1 
ATOM   713  C  CD2 . LEU A 1 82  ? -14.804 11.035  -8.551  1.00 33.21 ? 81  LEU B CD2 1 
ATOM   714  N  N   . ASP A 1 83  ? -15.442 13.615  -13.237 1.00 38.74 ? 82  ASP B N   1 
ATOM   715  C  CA  . ASP A 1 83  ? -15.419 13.637  -14.709 1.00 40.44 ? 82  ASP B CA  1 
ATOM   716  C  C   . ASP A 1 83  ? -14.317 14.591  -15.168 1.00 41.13 ? 82  ASP B C   1 
ATOM   717  O  O   . ASP A 1 83  ? -14.562 15.687  -15.690 1.00 40.55 ? 82  ASP B O   1 
ATOM   718  C  CB  . ASP A 1 83  ? -16.783 14.041  -15.283 1.00 40.40 ? 82  ASP B CB  1 
ATOM   719  C  CG  . ASP A 1 83  ? -16.973 13.597  -16.746 1.00 42.88 ? 82  ASP B CG  1 
ATOM   720  O  OD1 . ASP A 1 83  ? -16.027 13.007  -17.339 1.00 44.46 ? 82  ASP B OD1 1 
ATOM   721  O  OD2 . ASP A 1 83  ? -18.074 13.842  -17.296 1.00 42.86 ? 82  ASP B OD2 1 
ATOM   722  N  N   . ILE A 1 84  ? -13.089 14.140  -14.960 1.00 42.39 ? 83  ILE B N   1 
ATOM   723  C  CA  . ILE A 1 84  ? -11.921 14.978  -15.134 1.00 44.73 ? 83  ILE B CA  1 
ATOM   724  C  C   . ILE A 1 84  ? -11.681 15.328  -16.607 1.00 46.21 ? 83  ILE B C   1 
ATOM   725  O  O   . ILE A 1 84  ? -11.124 16.388  -16.917 1.00 46.31 ? 83  ILE B O   1 
ATOM   726  C  CB  . ILE A 1 84  ? -10.714 14.331  -14.408 1.00 45.09 ? 83  ILE B CB  1 
ATOM   727  C  CG1 . ILE A 1 84  ? -9.937  15.382  -13.639 1.00 45.57 ? 83  ILE B CG1 1 
ATOM   728  C  CG2 . ILE A 1 84  ? -9.868  13.389  -15.303 1.00 45.15 ? 83  ILE B CG2 1 
ATOM   729  C  CD1 . ILE A 1 84  ? -9.520  14.866  -12.349 1.00 45.47 ? 83  ILE B CD1 1 
ATOM   730  N  N   . ASN A 1 85  ? -12.173 14.460  -17.492 1.00 47.43 ? 84  ASN B N   1 
ATOM   731  C  CA  . ASN A 1 85  ? -12.110 14.670  -18.936 1.00 49.46 ? 84  ASN B CA  1 
ATOM   732  C  C   . ASN A 1 85  ? -13.395 15.254  -19.517 1.00 50.21 ? 84  ASN B C   1 
ATOM   733  O  O   . ASN A 1 85  ? -13.496 15.443  -20.739 1.00 50.43 ? 84  ASN B O   1 
ATOM   734  C  CB  . ASN A 1 85  ? -11.755 13.351  -19.636 1.00 49.56 ? 84  ASN B CB  1 
ATOM   735  C  CG  . ASN A 1 85  ? -10.290 12.995  -19.484 1.00 51.34 ? 84  ASN B CG  1 
ATOM   736  O  OD1 . ASN A 1 85  ? -9.429  13.667  -20.044 1.00 54.48 ? 84  ASN B OD1 1 
ATOM   737  N  ND2 . ASN A 1 85  ? -9.996  11.948  -18.716 1.00 50.71 ? 84  ASN B ND2 1 
ATOM   738  N  N   A ASP A 1 86  ? -14.353 15.566  -18.641 0.50 50.61 ? 85  ASP B N   1 
ATOM   739  N  N   B ASP A 1 86  ? -14.377 15.503  -18.644 0.50 50.56 ? 85  ASP B N   1 
ATOM   740  C  CA  A ASP A 1 86  ? -15.667 16.064  -19.045 0.50 51.01 ? 85  ASP B CA  1 
ATOM   741  C  CA  B ASP A 1 86  ? -15.683 16.063  -19.020 0.50 50.87 ? 85  ASP B CA  1 
ATOM   742  C  C   A ASP A 1 86  ? -16.240 15.232  -20.200 0.50 51.14 ? 85  ASP B C   1 
ATOM   743  C  C   B ASP A 1 86  ? -16.462 15.228  -20.056 0.50 51.12 ? 85  ASP B C   1 
ATOM   744  O  O   A ASP A 1 86  ? -16.640 15.777  -21.230 0.50 51.37 ? 85  ASP B O   1 
ATOM   745  O  O   B ASP A 1 86  ? -17.255 15.770  -20.833 0.50 51.39 ? 85  ASP B O   1 
ATOM   746  C  CB  A ASP A 1 86  ? -15.590 17.547  -19.424 0.50 51.20 ? 85  ASP B CB  1 
ATOM   747  C  CB  B ASP A 1 86  ? -15.519 17.505  -19.499 0.50 50.99 ? 85  ASP B CB  1 
ATOM   748  C  CG  A ASP A 1 86  ? -16.947 18.238  -19.385 0.50 51.83 ? 85  ASP B CG  1 
ATOM   749  C  CG  B ASP A 1 86  ? -14.723 18.350  -18.525 0.50 50.97 ? 85  ASP B CG  1 
ATOM   750  O  OD1 A ASP A 1 86  ? -17.870 17.716  -18.718 0.50 51.92 ? 85  ASP B OD1 1 
ATOM   751  O  OD1 B ASP A 1 86  ? -14.987 18.268  -17.314 0.50 50.98 ? 85  ASP B OD1 1 
ATOM   752  O  OD2 A ASP A 1 86  ? -17.083 19.312  -20.014 0.50 51.51 ? 85  ASP B OD2 1 
ATOM   753  O  OD2 B ASP A 1 86  ? -13.828 19.093  -18.969 0.50 51.79 ? 85  ASP B OD2 1 
ATOM   754  N  N   . ARG A 1 87  ? -16.260 13.913  -20.021 1.00 51.04 ? 86  ARG B N   1 
ATOM   755  C  CA  . ARG A 1 87  ? -16.755 12.993  -21.053 1.00 51.31 ? 86  ARG B CA  1 
ATOM   756  C  C   . ARG A 1 87  ? -18.194 12.482  -20.885 1.00 50.27 ? 86  ARG B C   1 
ATOM   757  O  O   . ARG A 1 87  ? -18.719 11.821  -21.790 1.00 50.41 ? 86  ARG B O   1 
ATOM   758  C  CB  . ARG A 1 87  ? -15.814 11.787  -21.169 1.00 51.97 ? 86  ARG B CB  1 
ATOM   759  C  CG  . ARG A 1 87  ? -14.648 11.967  -22.138 1.00 55.39 ? 86  ARG B CG  1 
ATOM   760  C  CD  . ARG A 1 87  ? -14.067 10.606  -22.524 1.00 61.16 ? 86  ARG B CD  1 
ATOM   761  N  NE  . ARG A 1 87  ? -13.805 9.780   -21.339 1.00 64.28 ? 86  ARG B NE  1 
ATOM   762  C  CZ  . ARG A 1 87  ? -12.613 9.647   -20.765 1.00 66.45 ? 86  ARG B CZ  1 
ATOM   763  N  NH1 . ARG A 1 87  ? -11.548 10.270  -21.269 1.00 67.76 ? 86  ARG B NH1 1 
ATOM   764  N  NH2 . ARG A 1 87  ? -12.481 8.892   -19.681 1.00 66.82 ? 86  ARG B NH2 1 
ATOM   765  N  N   . GLY A 1 88  ? -18.823 12.750  -19.739 1.00 48.41 ? 87  GLY B N   1 
ATOM   766  C  CA  . GLY A 1 88  ? -20.136 12.158  -19.442 1.00 46.44 ? 87  GLY B CA  1 
ATOM   767  C  C   . GLY A 1 88  ? -20.073 10.669  -19.120 1.00 45.47 ? 87  GLY B C   1 
ATOM   768  O  O   . GLY A 1 88  ? -21.098 10.035  -18.853 1.00 44.92 ? 87  GLY B O   1 
ATOM   769  N  N   . ASN A 1 89  ? -18.862 10.116  -19.159 1.00 44.18 ? 88  ASN B N   1 
ATOM   770  C  CA  . ASN A 1 89  ? -18.579 8.733   -18.808 1.00 43.53 ? 88  ASN B CA  1 
ATOM   771  C  C   . ASN A 1 89  ? -17.352 8.795   -17.901 1.00 42.96 ? 88  ASN B C   1 
ATOM   772  O  O   . ASN A 1 89  ? -16.360 9.463   -18.235 1.00 43.48 ? 88  ASN B O   1 
ATOM   773  C  CB  . ASN A 1 89  ? -18.280 7.887   -20.066 1.00 43.54 ? 88  ASN B CB  1 
ATOM   774  C  CG  . ASN A 1 89  ? -19.485 7.790   -21.017 1.00 44.15 ? 88  ASN B CG  1 
ATOM   775  O  OD1 . ASN A 1 89  ? -20.380 6.959   -20.821 1.00 44.69 ? 88  ASN B OD1 1 
ATOM   776  N  ND2 . ASN A 1 89  ? -19.524 8.658   -22.026 1.00 41.80 ? 88  ASN B ND2 1 
ATOM   777  N  N   . ILE A 1 90  ? -17.422 8.122   -16.757 1.00 41.25 ? 89  ILE B N   1 
ATOM   778  C  CA  . ILE A 1 90  ? -16.360 8.179   -15.779 1.00 39.97 ? 89  ILE B CA  1 
ATOM   779  C  C   . ILE A 1 90  ? -15.711 6.822   -15.666 1.00 39.38 ? 89  ILE B C   1 
ATOM   780  O  O   . ILE A 1 90  ? -16.395 5.808   -15.465 1.00 38.65 ? 89  ILE B O   1 
ATOM   781  C  CB  . ILE A 1 90  ? -16.897 8.651   -14.400 1.00 40.54 ? 89  ILE B CB  1 
ATOM   782  C  CG1 . ILE A 1 90  ? -17.218 10.148  -14.467 1.00 40.35 ? 89  ILE B CG1 1 
ATOM   783  C  CG2 . ILE A 1 90  ? -15.894 8.358   -13.292 1.00 39.06 ? 89  ILE B CG2 1 
ATOM   784  C  CD1 . ILE A 1 90  ? -18.455 10.537  -13.729 1.00 42.31 ? 89  ILE B CD1 1 
ATOM   785  N  N   . THR A 1 91  ? -14.388 6.797   -15.798 1.00 38.79 ? 90  THR B N   1 
ATOM   786  C  CA  . THR A 1 91  ? -13.679 5.521   -15.808 1.00 38.62 ? 90  THR B CA  1 
ATOM   787  C  C   . THR A 1 91  ? -13.471 4.984   -14.415 1.00 38.76 ? 90  THR B C   1 
ATOM   788  O  O   . THR A 1 91  ? -13.595 5.718   -13.419 1.00 38.22 ? 90  THR B O   1 
ATOM   789  C  CB  . THR A 1 91  ? -12.282 5.614   -16.483 1.00 38.60 ? 90  THR B CB  1 
ATOM   790  O  OG1 . THR A 1 91  ? -11.435 6.432   -15.683 1.00 38.04 ? 90  THR B OG1 1 
ATOM   791  C  CG2 . THR A 1 91  ? -12.377 6.181   -17.908 1.00 37.95 ? 90  THR B CG2 1 
ATOM   792  N  N   . TYR A 1 92  ? -13.119 3.704   -14.359 1.00 38.35 ? 91  TYR B N   1 
ATOM   793  C  CA  . TYR A 1 92  ? -12.713 3.065   -13.126 1.00 39.10 ? 91  TYR B CA  1 
ATOM   794  C  C   . TYR A 1 92  ? -11.622 3.843   -12.385 1.00 38.76 ? 91  TYR B C   1 
ATOM   795  O  O   . TYR A 1 92  ? -11.704 4.063   -11.157 1.00 38.46 ? 91  TYR B O   1 
ATOM   796  C  CB  . TYR A 1 92  ? -12.225 1.643   -13.394 1.00 39.48 ? 91  TYR B CB  1 
ATOM   797  C  CG  . TYR A 1 92  ? -11.556 1.056   -12.194 1.00 42.57 ? 91  TYR B CG  1 
ATOM   798  C  CD1 . TYR A 1 92  ? -12.311 0.587   -11.115 1.00 44.27 ? 91  TYR B CD1 1 
ATOM   799  C  CD2 . TYR A 1 92  ? -10.162 1.011   -12.103 1.00 44.75 ? 91  TYR B CD2 1 
ATOM   800  C  CE1 . TYR A 1 92  ? -11.693 0.074   -9.987  1.00 46.78 ? 91  TYR B CE1 1 
ATOM   801  C  CE2 . TYR A 1 92  ? -9.533  0.494   -10.974 1.00 46.77 ? 91  TYR B CE2 1 
ATOM   802  C  CZ  . TYR A 1 92  ? -10.301 0.027   -9.929  1.00 47.98 ? 91  TYR B CZ  1 
ATOM   803  O  OH  . TYR A 1 92  ? -9.687  -0.487  -8.814  1.00 50.30 ? 91  TYR B OH  1 
ATOM   804  N  N   . THR A 1 93  ? -10.593 4.230   -13.127 1.00 37.41 ? 92  THR B N   1 
ATOM   805  C  CA  . THR A 1 93  ? -9.480  4.983   -12.557 1.00 37.19 ? 92  THR B CA  1 
ATOM   806  C  C   . THR A 1 93  ? -9.935  6.338   -11.998 1.00 35.65 ? 92  THR B C   1 
ATOM   807  O  O   . THR A 1 93  ? -9.502  6.746   -10.933 1.00 34.89 ? 92  THR B O   1 
ATOM   808  C  CB  . THR A 1 93  ? -8.338  5.147   -13.608 1.00 37.00 ? 92  THR B CB  1 
ATOM   809  O  OG1 . THR A 1 93  ? -7.840  3.842   -13.905 1.00 40.00 ? 92  THR B OG1 1 
ATOM   810  C  CG2 . THR A 1 93  ? -7.193  5.986   -13.051 1.00 37.39 ? 92  THR B CG2 1 
ATOM   811  N  N   . GLU A 1 94  ? -10.783 7.031   -12.740 1.00 35.23 ? 93  GLU B N   1 
ATOM   812  C  CA  . GLU A 1 94  ? -11.309 8.332   -12.302 1.00 35.33 ? 93  GLU B CA  1 
ATOM   813  C  C   . GLU A 1 94  ? -12.215 8.254   -11.057 1.00 34.53 ? 93  GLU B C   1 
ATOM   814  O  O   . GLU A 1 94  ? -12.170 9.150   -10.190 1.00 34.21 ? 93  GLU B O   1 
ATOM   815  C  CB  . GLU A 1 94  ? -12.008 9.029   -13.455 1.00 36.14 ? 93  GLU B CB  1 
ATOM   816  C  CG  . GLU A 1 94  ? -11.029 9.323   -14.622 1.00 39.09 ? 93  GLU B CG  1 
ATOM   817  C  CD  . GLU A 1 94  ? -11.727 9.612   -15.946 1.00 45.45 ? 93  GLU B CD  1 
ATOM   818  O  OE1 . GLU A 1 94  ? -11.001 9.871   -16.934 1.00 48.15 ? 93  GLU B OE1 1 
ATOM   819  O  OE2 . GLU A 1 94  ? -12.983 9.598   -16.012 1.00 46.64 ? 93  GLU B OE2 1 
ATOM   820  N  N   . PHE A 1 95  ? -12.990 7.175   -10.972 1.00 33.28 ? 94  PHE B N   1 
ATOM   821  C  CA  . PHE A 1 95  ? -13.899 6.922   -9.860  1.00 33.66 ? 94  PHE B CA  1 
ATOM   822  C  C   . PHE A 1 95  ? -13.059 6.658   -8.634  1.00 33.94 ? 94  PHE B C   1 
ATOM   823  O  O   . PHE A 1 95  ? -13.290 7.194   -7.557  1.00 33.51 ? 94  PHE B O   1 
ATOM   824  C  CB  . PHE A 1 95  ? -14.787 5.702   -10.149 1.00 32.85 ? 94  PHE B CB  1 
ATOM   825  C  CG  . PHE A 1 95  ? -15.774 5.373   -9.040  1.00 31.99 ? 94  PHE B CG  1 
ATOM   826  C  CD1 . PHE A 1 95  ? -15.637 4.211   -8.292  1.00 31.76 ? 94  PHE B CD1 1 
ATOM   827  C  CD2 . PHE A 1 95  ? -16.849 6.226   -8.760  1.00 31.92 ? 94  PHE B CD2 1 
ATOM   828  C  CE1 . PHE A 1 95  ? -16.563 3.893   -7.282  1.00 34.72 ? 94  PHE B CE1 1 
ATOM   829  C  CE2 . PHE A 1 95  ? -17.780 5.922   -7.742  1.00 32.10 ? 94  PHE B CE2 1 
ATOM   830  C  CZ  . PHE A 1 95  ? -17.646 4.769   -7.014  1.00 30.55 ? 94  PHE B CZ  1 
ATOM   831  N  N   . MET A 1 96  ? -12.049 5.829   -8.820  1.00 34.01 ? 95  MET B N   1 
ATOM   832  C  CA  . MET A 1 96  ? -11.238 5.400   -7.728  1.00 35.04 ? 95  MET B CA  1 
ATOM   833  C  C   . MET A 1 96  ? -10.339 6.525   -7.176  1.00 34.30 ? 95  MET B C   1 
ATOM   834  O  O   . MET A 1 96  ? -10.072 6.589   -5.961  1.00 34.12 ? 95  MET B O   1 
ATOM   835  C  CB  . MET A 1 96  ? -10.503 4.131   -8.163  1.00 36.67 ? 95  MET B CB  1 
ATOM   836  C  CG  . MET A 1 96  ? -9.061  4.229   -8.194  1.00 42.23 ? 95  MET B CG  1 
ATOM   837  S  SD  . MET A 1 96  ? -8.683  3.472   -6.651  1.00 53.67 ? 95  MET B SD  1 
ATOM   838  C  CE  . MET A 1 96  ? -7.130  4.305   -6.381  1.00 50.67 ? 95  MET B CE  1 
ATOM   839  N  N   . ALA A 1 97  ? -9.918  7.433   -8.049  1.00 33.32 ? 96  ALA B N   1 
ATOM   840  C  CA  . ALA A 1 97  ? -9.193  8.623   -7.636  1.00 33.99 ? 96  ALA B CA  1 
ATOM   841  C  C   . ALA A 1 97  ? -9.986  9.471   -6.610  1.00 34.10 ? 96  ALA B C   1 
ATOM   842  O  O   . ALA A 1 97  ? -9.411  10.025  -5.697  1.00 34.27 ? 96  ALA B O   1 
ATOM   843  C  CB  . ALA A 1 97  ? -8.847  9.469   -8.846  1.00 33.79 ? 96  ALA B CB  1 
ATOM   844  N  N   . GLY A 1 98  ? -11.298 9.557   -6.782  1.00 34.12 ? 97  GLY B N   1 
ATOM   845  C  CA  . GLY A 1 98  ? -12.132 10.365  -5.896  1.00 34.87 ? 97  GLY B CA  1 
ATOM   846  C  C   . GLY A 1 98  ? -12.592 9.635   -4.650  1.00 35.15 ? 97  GLY B C   1 
ATOM   847  O  O   . GLY A 1 98  ? -13.026 10.287  -3.697  1.00 35.81 ? 97  GLY B O   1 
ATOM   848  N  N   . CYS A 1 99  ? -12.488 8.300   -4.655  1.00 34.99 ? 98  CYS B N   1 
ATOM   849  C  CA  . CYS A 1 99  ? -12.964 7.453   -3.556  1.00 35.70 ? 98  CYS B CA  1 
ATOM   850  C  C   . CYS A 1 99  ? -11.877 7.076   -2.571  1.00 36.25 ? 98  CYS B C   1 
ATOM   851  O  O   . CYS A 1 99  ? -12.180 6.722   -1.424  1.00 35.41 ? 98  CYS B O   1 
ATOM   852  C  CB  . CYS A 1 99  ? -13.595 6.154   -4.061  1.00 35.53 ? 98  CYS B CB  1 
ATOM   853  S  SG  . CYS A 1 99  ? -15.132 6.344   -4.936  1.00 37.65 ? 98  CYS B SG  1 
ATOM   854  N  N   . TYR A 1 100 ? -10.619 7.137   -3.010  1.00 37.14 ? 99  TYR B N   1 
ATOM   855  C  CA  . TYR A 1 100 ? -9.509  6.627   -2.201  1.00 38.18 ? 99  TYR B CA  1 
ATOM   856  C  C   . TYR A 1 100 ? -8.989  7.680   -1.243  1.00 39.01 ? 99  TYR B C   1 
ATOM   857  O  O   . TYR A 1 100 ? -8.826  8.834   -1.622  1.00 39.17 ? 99  TYR B O   1 
ATOM   858  C  CB  . TYR A 1 100 ? -8.370  6.125   -3.111  1.00 38.27 ? 99  TYR B CB  1 
ATOM   859  C  CG  . TYR A 1 100 ? -7.254  5.418   -2.380  1.00 37.68 ? 99  TYR B CG  1 
ATOM   860  C  CD1 . TYR A 1 100 ? -7.374  4.075   -2.001  1.00 39.47 ? 99  TYR B CD1 1 
ATOM   861  C  CD2 . TYR A 1 100 ? -6.074  6.085   -2.071  1.00 37.47 ? 99  TYR B CD2 1 
ATOM   862  C  CE1 . TYR A 1 100 ? -6.326  3.421   -1.310  1.00 40.49 ? 99  TYR B CE1 1 
ATOM   863  C  CE2 . TYR A 1 100 ? -5.031  5.445   -1.393  1.00 37.38 ? 99  TYR B CE2 1 
ATOM   864  C  CZ  . TYR A 1 100 ? -5.164  4.128   -1.021  1.00 39.95 ? 99  TYR B CZ  1 
ATOM   865  O  OH  . TYR A 1 100 ? -4.129  3.518   -0.351  1.00 44.45 ? 99  TYR B OH  1 
ATOM   866  N  N   A ARG A 1 101 ? -8.721  7.290   0.000   0.50 39.71 ? 100 ARG B N   1 
ATOM   867  N  N   B ARG A 1 101 ? -8.701  7.267   -0.011  0.50 39.75 ? 100 ARG B N   1 
ATOM   868  C  CA  A ARG A 1 101 ? -8.156  8.234   0.965   0.50 40.69 ? 100 ARG B CA  1 
ATOM   869  C  CA  B ARG A 1 101 ? -8.127  8.159   0.998   0.50 40.81 ? 100 ARG B CA  1 
ATOM   870  C  C   A ARG A 1 101 ? -6.651  8.335   0.777   0.50 41.16 ? 100 ARG B C   1 
ATOM   871  C  C   B ARG A 1 101 ? -6.627  8.320   0.773   0.50 41.21 ? 100 ARG B C   1 
ATOM   872  O  O   A ARG A 1 101 ? -5.910  7.420   1.126   0.50 40.87 ? 100 ARG B O   1 
ATOM   873  O  O   B ARG A 1 101 ? -5.857  7.425   1.108   0.50 40.95 ? 100 ARG B O   1 
ATOM   874  C  CB  A ARG A 1 101 ? -8.486  7.844   2.408   0.50 40.79 ? 100 ARG B CB  1 
ATOM   875  C  CB  B ARG A 1 101 ? -8.369  7.605   2.406   0.50 40.87 ? 100 ARG B CB  1 
ATOM   876  C  CG  A ARG A 1 101 ? -8.163  8.948   3.421   0.50 41.70 ? 100 ARG B CG  1 
ATOM   877  C  CG  B ARG A 1 101 ? -7.892  8.535   3.518   0.50 42.31 ? 100 ARG B CG  1 
ATOM   878  C  CD  A ARG A 1 101 ? -8.870  8.706   4.750   0.50 43.47 ? 100 ARG B CD  1 
ATOM   879  C  CD  B ARG A 1 101 ? -7.577  7.775   4.806   0.50 45.22 ? 100 ARG B CD  1 
ATOM   880  N  NE  A ARG A 1 101 ? -8.578  9.740   5.744   0.50 45.94 ? 100 ARG B NE  1 
ATOM   881  N  NE  B ARG A 1 101 ? -6.390  6.927   4.660   0.50 47.25 ? 100 ARG B NE  1 
ATOM   882  C  CZ  A ARG A 1 101 ? -7.694  9.609   6.732   0.50 46.92 ? 100 ARG B CZ  1 
ATOM   883  C  CZ  B ARG A 1 101 ? -6.411  5.598   4.686   0.50 47.19 ? 100 ARG B CZ  1 
ATOM   884  N  NH1 A ARG A 1 101 ? -7.502  10.602  7.589   0.50 47.48 ? 100 ARG B NH1 1 
ATOM   885  N  NH1 B ARG A 1 101 ? -5.286  4.927   4.531   0.50 48.42 ? 100 ARG B NH1 1 
ATOM   886  N  NH2 A ARG A 1 101 ? -6.999  8.489   6.868   0.50 47.73 ? 100 ARG B NH2 1 
ATOM   887  N  NH2 B ARG A 1 101 ? -7.552  4.945   4.876   0.50 47.15 ? 100 ARG B NH2 1 
ATOM   888  N  N   . TRP A 1 102 ? -6.218  9.467   0.233   1.00 41.85 ? 101 TRP B N   1 
ATOM   889  C  CA  . TRP A 1 102 ? -4.824  9.689   -0.135  1.00 43.54 ? 101 TRP B CA  1 
ATOM   890  C  C   . TRP A 1 102 ? -3.926  10.074  1.045   1.00 45.89 ? 101 TRP B C   1 
ATOM   891  O  O   . TRP A 1 102 ? -2.706  9.967   0.954   1.00 45.72 ? 101 TRP B O   1 
ATOM   892  C  CB  . TRP A 1 102 ? -4.736  10.691  -1.300  1.00 43.45 ? 101 TRP B CB  1 
ATOM   893  C  CG  . TRP A 1 102 ? -5.306  10.082  -2.561  1.00 41.50 ? 101 TRP B CG  1 
ATOM   894  C  CD1 . TRP A 1 102 ? -6.549  10.288  -3.085  1.00 40.05 ? 101 TRP B CD1 1 
ATOM   895  C  CD2 . TRP A 1 102 ? -4.677  9.105   -3.391  1.00 40.93 ? 101 TRP B CD2 1 
ATOM   896  N  NE1 . TRP A 1 102 ? -6.730  9.511   -4.209  1.00 40.20 ? 101 TRP B NE1 1 
ATOM   897  C  CE2 . TRP A 1 102 ? -5.590  8.776   -4.417  1.00 41.34 ? 101 TRP B CE2 1 
ATOM   898  C  CE3 . TRP A 1 102 ? -3.424  8.477   -3.374  1.00 41.91 ? 101 TRP B CE3 1 
ATOM   899  C  CZ2 . TRP A 1 102 ? -5.282  7.849   -5.423  1.00 42.38 ? 101 TRP B CZ2 1 
ATOM   900  C  CZ3 . TRP A 1 102 ? -3.122  7.558   -4.372  1.00 41.08 ? 101 TRP B CZ3 1 
ATOM   901  C  CH2 . TRP A 1 102 ? -4.041  7.262   -5.385  1.00 40.85 ? 101 TRP B CH2 1 
ATOM   902  N  N   . LYS A 1 103 ? -4.536  10.483  2.156   1.00 47.94 ? 102 LYS B N   1 
ATOM   903  C  CA  . LYS A 1 103 ? -3.797  10.883  3.362   1.00 50.70 ? 102 LYS B CA  1 
ATOM   904  C  C   . LYS A 1 103 ? -2.756  9.822   3.801   1.00 51.58 ? 102 LYS B C   1 
ATOM   905  O  O   . LYS A 1 103 ? -3.059  8.633   3.858   1.00 51.67 ? 102 LYS B O   1 
ATOM   906  C  CB  . LYS A 1 103 ? -4.791  11.227  4.492   1.00 50.71 ? 102 LYS B CB  1 
ATOM   907  C  CG  . LYS A 1 103 ? -4.178  11.620  5.832   1.00 53.15 ? 102 LYS B CG  1 
ATOM   908  C  CD  . LYS A 1 103 ? -3.724  13.078  5.874   1.00 55.60 ? 102 LYS B CD  1 
ATOM   909  C  CE  . LYS A 1 103 ? -3.175  13.428  7.254   1.00 56.95 ? 102 LYS B CE  1 
ATOM   910  N  NZ  . LYS A 1 103 ? -2.543  14.771  7.258   1.00 58.38 ? 102 LYS B NZ  1 
ATOM   911  N  N   . ASN A 1 104 ? -1.528  10.278  4.073   1.00 53.32 ? 103 ASN B N   1 
ATOM   912  C  CA  . ASN A 1 104 ? -0.391  9.418   4.481   1.00 54.68 ? 103 ASN B CA  1 
ATOM   913  C  C   . ASN A 1 104 ? 0.173   8.473   3.386   1.00 55.32 ? 103 ASN B C   1 
ATOM   914  O  O   . ASN A 1 104 ? 0.858   7.489   3.704   1.00 55.84 ? 103 ASN B O   1 
ATOM   915  C  CB  . ASN A 1 104 ? -0.737  8.633   5.768   1.00 55.05 ? 103 ASN B CB  1 
ATOM   916  N  N   . ILE A 1 105 ? -0.105  8.778   2.115   1.00 55.59 ? 104 ILE B N   1 
ATOM   917  C  CA  . ILE A 1 105 ? 0.314   7.934   0.984   1.00 55.73 ? 104 ILE B CA  1 
ATOM   918  C  C   . ILE A 1 105 ? 1.829   8.004   0.771   1.00 55.75 ? 104 ILE B C   1 
ATOM   919  O  O   . ILE A 1 105 ? 2.427   9.068   0.928   1.00 55.86 ? 104 ILE B O   1 
ATOM   920  C  CB  . ILE A 1 105 ? -0.448  8.309   -0.354  1.00 55.89 ? 104 ILE B CB  1 
ATOM   921  C  CG1 . ILE A 1 105 ? -0.363  7.182   -1.398  1.00 56.07 ? 104 ILE B CG1 1 
ATOM   922  C  CG2 . ILE A 1 105 ? 0.039   9.653   -0.946  1.00 55.06 ? 104 ILE B CG2 1 
ATOM   923  C  CD1 . ILE A 1 105 ? -1.335  6.032   -1.173  1.00 55.70 ? 104 ILE B CD1 1 
ATOM   924  N  N   . THR A 1 108 ? 5.583   6.581   2.400   1.00 59.10 ? 107 THR B N   1 
ATOM   925  C  CA  . THR A 1 108 ? 6.267   5.537   1.632   1.00 58.95 ? 107 THR B CA  1 
ATOM   926  C  C   . THR A 1 108 ? 6.237   4.186   2.367   1.00 58.40 ? 107 THR B C   1 
ATOM   927  O  O   . THR A 1 108 ? 6.232   4.147   3.604   1.00 58.65 ? 107 THR B O   1 
ATOM   928  C  CB  . THR A 1 108 ? 7.741   5.926   1.303   1.00 59.07 ? 107 THR B CB  1 
ATOM   929  O  OG1 . THR A 1 108 ? 8.620   5.436   2.318   1.00 59.08 ? 107 THR B OG1 1 
ATOM   930  C  CG2 . THR A 1 108 ? 7.906   7.455   1.191   1.00 60.66 ? 107 THR B CG2 1 
ATOM   931  N  N   . PHE A 1 109 ? 6.216   3.087   1.605   1.00 57.22 ? 108 PHE B N   1 
ATOM   932  C  CA  . PHE A 1 109 ? 6.226   1.728   2.177   1.00 55.67 ? 108 PHE B CA  1 
ATOM   933  C  C   . PHE A 1 109 ? 7.388   1.472   3.118   1.00 54.35 ? 108 PHE B C   1 
ATOM   934  O  O   . PHE A 1 109 ? 7.222   0.836   4.160   1.00 53.93 ? 108 PHE B O   1 
ATOM   935  C  CB  . PHE A 1 109 ? 6.273   0.689   1.069   1.00 55.85 ? 108 PHE B CB  1 
ATOM   936  C  CG  . PHE A 1 109 ? 4.985   0.531   0.341   1.00 56.39 ? 108 PHE B CG  1 
ATOM   937  C  CD1 . PHE A 1 109 ? 4.713   1.301   -0.789  1.00 56.90 ? 108 PHE B CD1 1 
ATOM   938  C  CD2 . PHE A 1 109 ? 4.039   -0.392  0.779   1.00 56.43 ? 108 PHE B CD2 1 
ATOM   939  C  CE1 . PHE A 1 109 ? 3.513   1.150   -1.482  1.00 57.55 ? 108 PHE B CE1 1 
ATOM   940  C  CE2 . PHE A 1 109 ? 2.844   -0.550  0.105   1.00 57.40 ? 108 PHE B CE2 1 
ATOM   941  C  CZ  . PHE A 1 109 ? 2.576   0.222   -1.034  1.00 57.79 ? 108 PHE B CZ  1 
ATOM   942  N  N   . LEU A 1 110 ? 8.562   1.958   2.735   1.00 52.72 ? 109 LEU B N   1 
ATOM   943  C  CA  . LEU A 1 110 ? 9.765   1.744   3.513   1.00 51.54 ? 109 LEU B CA  1 
ATOM   944  C  C   . LEU A 1 110 ? 9.760   2.586   4.781   1.00 51.54 ? 109 LEU B C   1 
ATOM   945  O  O   . LEU A 1 110 ? 10.227  2.135   5.829   1.00 51.39 ? 109 LEU B O   1 
ATOM   946  C  CB  . LEU A 1 110 ? 11.016  2.011   2.675   1.00 51.02 ? 109 LEU B CB  1 
ATOM   947  C  CG  . LEU A 1 110 ? 11.471  0.912   1.704   1.00 50.17 ? 109 LEU B CG  1 
ATOM   948  C  CD1 . LEU A 1 110 ? 12.663  1.384   0.893   1.00 49.23 ? 109 LEU B CD1 1 
ATOM   949  C  CD2 . LEU A 1 110 ? 11.814  -0.401  2.437   1.00 48.23 ? 109 LEU B CD2 1 
ATOM   950  N  N   . LYS A 1 111 ? 9.212   3.798   4.690   1.00 51.25 ? 110 LYS B N   1 
ATOM   951  C  CA  . LYS A 1 111 ? 9.156   4.690   5.841   1.00 51.01 ? 110 LYS B CA  1 
ATOM   952  C  C   . LYS A 1 111 ? 8.249   4.108   6.906   1.00 49.88 ? 110 LYS B C   1 
ATOM   953  O  O   . LYS A 1 111 ? 8.609   4.092   8.074   1.00 49.95 ? 110 LYS B O   1 
ATOM   954  C  CB  . LYS A 1 111 ? 8.694   6.103   5.449   1.00 51.37 ? 110 LYS B CB  1 
ATOM   955  C  CG  . LYS A 1 111 ? 9.590   7.235   5.979   1.00 53.44 ? 110 LYS B CG  1 
ATOM   956  C  CD  . LYS A 1 111 ? 9.818   7.155   7.482   1.00 56.76 ? 110 LYS B CD  1 
ATOM   957  C  CE  . LYS A 1 111 ? 10.684  8.302   7.986   1.00 59.52 ? 110 LYS B CE  1 
ATOM   958  N  NZ  . LYS A 1 111 ? 10.688  8.315   9.483   1.00 60.36 ? 110 LYS B NZ  1 
ATOM   959  N  N   . ALA A 1 112 ? 7.085   3.617   6.482   1.00 49.25 ? 111 ALA B N   1 
ATOM   960  C  CA  . ALA A 1 112 ? 6.106   3.012   7.384   1.00 48.76 ? 111 ALA B CA  1 
ATOM   961  C  C   . ALA A 1 112 ? 6.632   1.747   8.058   1.00 48.64 ? 111 ALA B C   1 
ATOM   962  O  O   . ALA A 1 112 ? 6.351   1.512   9.240   1.00 48.92 ? 111 ALA B O   1 
ATOM   963  C  CB  . ALA A 1 112 ? 4.802   2.724   6.647   1.00 48.65 ? 111 ALA B CB  1 
ATOM   964  N  N   . ALA A 1 113 ? 7.388   0.936   7.312   1.00 47.60 ? 112 ALA B N   1 
ATOM   965  C  CA  . ALA A 1 113 ? 8.015   -0.255  7.876   1.00 47.20 ? 112 ALA B CA  1 
ATOM   966  C  C   . ALA A 1 113 ? 9.055   0.125   8.931   1.00 46.86 ? 112 ALA B C   1 
ATOM   967  O  O   . ALA A 1 113 ? 9.071   -0.433  10.028  1.00 46.60 ? 112 ALA B O   1 
ATOM   968  C  CB  . ALA A 1 113 ? 8.645   -1.110  6.769   1.00 47.30 ? 112 ALA B CB  1 
ATOM   969  N  N   . PHE A 1 114 ? 9.920   1.076   8.581   1.00 46.54 ? 113 PHE B N   1 
ATOM   970  C  CA  . PHE A 1 114 ? 10.917  1.611   9.495   1.00 46.93 ? 113 PHE B CA  1 
ATOM   971  C  C   . PHE A 1 114 ? 10.273  2.111   10.795  1.00 46.95 ? 113 PHE B C   1 
ATOM   972  O  O   . PHE A 1 114 ? 10.758  1.812   11.881  1.00 46.63 ? 113 PHE B O   1 
ATOM   973  C  CB  . PHE A 1 114 ? 11.690  2.747   8.816   1.00 46.83 ? 113 PHE B CB  1 
ATOM   974  C  CG  . PHE A 1 114 ? 12.760  3.348   9.672   1.00 47.25 ? 113 PHE B CG  1 
ATOM   975  C  CD1 . PHE A 1 114 ? 14.066  2.872   9.605   1.00 47.06 ? 113 PHE B CD1 1 
ATOM   976  C  CD2 . PHE A 1 114 ? 12.468  4.399   10.542  1.00 48.48 ? 113 PHE B CD2 1 
ATOM   977  C  CE1 . PHE A 1 114 ? 15.063  3.414   10.399  1.00 47.87 ? 113 PHE B CE1 1 
ATOM   978  C  CE2 . PHE A 1 114 ? 13.471  4.965   11.345  1.00 48.63 ? 113 PHE B CE2 1 
ATOM   979  C  CZ  . PHE A 1 114 ? 14.767  4.469   11.273  1.00 48.81 ? 113 PHE B CZ  1 
ATOM   980  N  N   . ASN A 1 115 ? 9.186   2.871   10.671  1.00 47.74 ? 114 ASN B N   1 
ATOM   981  C  CA  . ASN A 1 115 ? 8.495   3.429   11.839  1.00 48.38 ? 114 ASN B CA  1 
ATOM   982  C  C   . ASN A 1 115 ? 7.932   2.358   12.740  1.00 48.35 ? 114 ASN B C   1 
ATOM   983  O  O   . ASN A 1 115 ? 8.006   2.483   13.956  1.00 49.08 ? 114 ASN B O   1 
ATOM   984  C  CB  . ASN A 1 115 ? 7.395   4.412   11.426  1.00 48.66 ? 114 ASN B CB  1 
ATOM   985  C  CG  . ASN A 1 115 ? 7.953   5.768   11.014  1.00 49.09 ? 114 ASN B CG  1 
ATOM   986  O  OD1 . ASN A 1 115 ? 9.058   6.141   11.409  1.00 52.24 ? 114 ASN B OD1 1 
ATOM   987  N  ND2 . ASN A 1 115 ? 7.202   6.499   10.215  1.00 47.74 ? 114 ASN B ND2 1 
ATOM   988  N  N   . LYS A 1 116 ? 7.388   1.293   12.153  1.00 48.20 ? 115 LYS B N   1 
ATOM   989  C  CA  . LYS A 1 116 ? 6.916   0.158   12.948  1.00 47.91 ? 115 LYS B CA  1 
ATOM   990  C  C   . LYS A 1 116 ? 8.040   -0.519  13.720  1.00 47.13 ? 115 LYS B C   1 
ATOM   991  O  O   . LYS A 1 116 ? 7.836   -0.955  14.847  1.00 46.79 ? 115 LYS B O   1 
ATOM   992  C  CB  . LYS A 1 116 ? 6.170   -0.856  12.088  1.00 48.34 ? 115 LYS B CB  1 
ATOM   993  C  CG  . LYS A 1 116 ? 4.765   -0.408  11.746  1.00 50.48 ? 115 LYS B CG  1 
ATOM   994  C  CD  . LYS A 1 116 ? 3.927   -1.533  11.178  1.00 53.43 ? 115 LYS B CD  1 
ATOM   995  C  CE  . LYS A 1 116 ? 2.465   -1.093  11.040  1.00 56.01 ? 115 LYS B CE  1 
ATOM   996  N  NZ  . LYS A 1 116 ? 2.327   0.186   10.264  1.00 57.73 ? 115 LYS B NZ  1 
ATOM   997  N  N   . ILE A 1 117 ? 9.226   -0.581  13.123  1.00 46.42 ? 116 ILE B N   1 
ATOM   998  C  CA  . ILE A 1 117 ? 10.365  -1.248  13.751  1.00 46.28 ? 116 ILE B CA  1 
ATOM   999  C  C   . ILE A 1 117 ? 10.999  -0.403  14.870  1.00 47.26 ? 116 ILE B C   1 
ATOM   1000 O  O   . ILE A 1 117 ? 11.422  -0.930  15.891  1.00 46.72 ? 116 ILE B O   1 
ATOM   1001 C  CB  . ILE A 1 117 ? 11.429  -1.681  12.706  1.00 45.80 ? 116 ILE B CB  1 
ATOM   1002 C  CG1 . ILE A 1 117 ? 10.837  -2.723  11.731  1.00 44.13 ? 116 ILE B CG1 1 
ATOM   1003 C  CG2 . ILE A 1 117 ? 12.656  -2.259  13.390  1.00 44.63 ? 116 ILE B CG2 1 
ATOM   1004 C  CD1 . ILE A 1 117 ? 11.650  -2.903  10.441  1.00 40.33 ? 116 ILE B CD1 1 
ATOM   1005 N  N   . ASP A 1 118 ? 11.068  0.906   14.650  1.00 48.42 ? 117 ASP B N   1 
ATOM   1006 C  CA  . ASP A 1 118 ? 11.574  1.853   15.632  1.00 50.13 ? 117 ASP B CA  1 
ATOM   1007 C  C   . ASP A 1 118 ? 10.504  2.029   16.727  1.00 51.43 ? 117 ASP B C   1 
ATOM   1008 O  O   . ASP A 1 118 ? 9.723   2.985   16.696  1.00 51.22 ? 117 ASP B O   1 
ATOM   1009 C  CB  . ASP A 1 118 ? 11.865  3.169   14.908  1.00 50.03 ? 117 ASP B CB  1 
ATOM   1010 C  CG  . ASP A 1 118 ? 12.309  4.280   15.837  1.00 50.28 ? 117 ASP B CG  1 
ATOM   1011 O  OD1 . ASP A 1 118 ? 12.139  5.451   15.430  1.00 50.14 ? 117 ASP B OD1 1 
ATOM   1012 O  OD2 . ASP A 1 118 ? 12.830  3.991   16.944  1.00 48.61 ? 117 ASP B OD2 1 
ATOM   1013 N  N   . LYS A 1 119 ? 10.459  1.089   17.671  1.00 52.87 ? 118 LYS B N   1 
ATOM   1014 C  CA  . LYS A 1 119 ? 9.374   1.035   18.667  1.00 54.82 ? 118 LYS B CA  1 
ATOM   1015 C  C   . LYS A 1 119 ? 9.226   2.361   19.415  1.00 56.00 ? 118 LYS B C   1 
ATOM   1016 O  O   . LYS A 1 119 ? 8.111   2.846   19.616  1.00 56.15 ? 118 LYS B O   1 
ATOM   1017 C  CB  . LYS A 1 119 ? 9.596   -0.098  19.685  1.00 54.57 ? 118 LYS B CB  1 
ATOM   1018 C  CG  . LYS A 1 119 ? 9.330   -1.513  19.184  1.00 53.62 ? 118 LYS B CG  1 
ATOM   1019 C  CD  . LYS A 1 119 ? 9.903   -2.562  20.179  1.00 51.21 ? 118 LYS B CD  1 
ATOM   1020 C  CE  . LYS A 1 119 ? 8.871   -3.063  21.231  1.00 48.90 ? 118 LYS B CE  1 
ATOM   1021 N  NZ  . LYS A 1 119 ? 9.337   -4.238  22.117  1.00 39.17 ? 118 LYS B NZ  1 
ATOM   1022 N  N   . ASP A 1 120 ? 10.364  2.944   19.793  1.00 57.61 ? 119 ASP B N   1 
ATOM   1023 C  CA  . ASP A 1 120 ? 10.396  4.138   20.642  1.00 59.10 ? 119 ASP B CA  1 
ATOM   1024 C  C   . ASP A 1 120 ? 10.470  5.462   19.873  1.00 59.87 ? 119 ASP B C   1 
ATOM   1025 O  O   . ASP A 1 120 ? 10.704  6.522   20.470  1.00 59.88 ? 119 ASP B O   1 
ATOM   1026 C  CB  . ASP A 1 120 ? 11.538  4.029   21.659  1.00 59.35 ? 119 ASP B CB  1 
ATOM   1027 C  CG  . ASP A 1 120 ? 11.349  2.867   22.624  1.00 60.86 ? 119 ASP B CG  1 
ATOM   1028 O  OD1 . ASP A 1 120 ? 10.235  2.727   23.184  1.00 62.34 ? 119 ASP B OD1 1 
ATOM   1029 O  OD2 . ASP A 1 120 ? 12.310  2.090   22.826  1.00 62.44 ? 119 ASP B OD2 1 
ATOM   1030 N  N   . GLU A 1 121 ? 10.265  5.389   18.556  1.00 60.48 ? 120 GLU B N   1 
ATOM   1031 C  CA  . GLU A 1 121 ? 10.127  6.567   17.691  1.00 61.11 ? 120 GLU B CA  1 
ATOM   1032 C  C   . GLU A 1 121 ? 11.253  7.582   17.851  1.00 61.22 ? 120 GLU B C   1 
ATOM   1033 O  O   . GLU A 1 121 ? 11.029  8.796   17.764  1.00 61.70 ? 120 GLU B O   1 
ATOM   1034 C  CB  . GLU A 1 121 ? 8.768   7.238   17.912  1.00 61.39 ? 120 GLU B CB  1 
ATOM   1035 C  CG  . GLU A 1 121 ? 7.587   6.298   17.750  1.00 63.14 ? 120 GLU B CG  1 
ATOM   1036 C  CD  . GLU A 1 121 ? 6.272   6.942   18.127  1.00 66.24 ? 120 GLU B CD  1 
ATOM   1037 O  OE1 . GLU A 1 121 ? 6.245   8.177   18.320  1.00 67.47 ? 120 GLU B OE1 1 
ATOM   1038 O  OE2 . GLU A 1 121 ? 5.260   6.215   18.232  1.00 67.05 ? 120 GLU B OE2 1 
ATOM   1039 N  N   . ASP A 1 122 ? 12.461  7.081   18.082  1.00 60.96 ? 121 ASP B N   1 
ATOM   1040 C  CA  . ASP A 1 122 ? 13.639  7.931   18.242  1.00 61.01 ? 121 ASP B CA  1 
ATOM   1041 C  C   . ASP A 1 122 ? 14.373  8.194   16.916  1.00 60.53 ? 121 ASP B C   1 
ATOM   1042 O  O   . ASP A 1 122 ? 15.372  8.910   16.895  1.00 60.43 ? 121 ASP B O   1 
ATOM   1043 C  CB  . ASP A 1 122 ? 14.594  7.306   19.264  1.00 61.12 ? 121 ASP B CB  1 
ATOM   1044 C  CG  . ASP A 1 122 ? 14.787  5.816   19.039  1.00 62.68 ? 121 ASP B CG  1 
ATOM   1045 O  OD1 . ASP A 1 122 ? 14.201  5.009   19.808  1.00 63.23 ? 121 ASP B OD1 1 
ATOM   1046 O  OD2 . ASP A 1 122 ? 15.500  5.447   18.077  1.00 63.14 ? 121 ASP B OD2 1 
ATOM   1047 N  N   . GLY A 1 123 ? 13.883  7.603   15.824  1.00 60.04 ? 122 GLY B N   1 
ATOM   1048 C  CA  . GLY A 1 123 ? 14.495  7.758   14.491  1.00 59.17 ? 122 GLY B CA  1 
ATOM   1049 C  C   . GLY A 1 123 ? 15.659  6.833   14.150  1.00 58.52 ? 122 GLY B C   1 
ATOM   1050 O  O   . GLY A 1 123 ? 16.292  6.982   13.101  1.00 58.41 ? 122 GLY B O   1 
ATOM   1051 N  N   . TYR A 1 124 ? 15.951  5.877   15.027  1.00 58.09 ? 123 TYR B N   1 
ATOM   1052 C  CA  . TYR A 1 124 ? 17.020  4.912   14.780  1.00 57.51 ? 123 TYR B CA  1 
ATOM   1053 C  C   . TYR A 1 124 ? 16.562  3.486   15.059  1.00 56.40 ? 123 TYR B C   1 
ATOM   1054 O  O   . TYR A 1 124 ? 15.865  3.236   16.050  1.00 56.11 ? 123 TYR B O   1 
ATOM   1055 C  CB  . TYR A 1 124 ? 18.254  5.247   15.626  1.00 58.42 ? 123 TYR B CB  1 
ATOM   1056 C  CG  . TYR A 1 124 ? 19.018  6.464   15.126  1.00 60.97 ? 123 TYR B CG  1 
ATOM   1057 C  CD1 . TYR A 1 124 ? 20.087  6.322   14.239  1.00 62.49 ? 123 TYR B CD1 1 
ATOM   1058 C  CD2 . TYR A 1 124 ? 18.664  7.755   15.536  1.00 63.22 ? 123 TYR B CD2 1 
ATOM   1059 C  CE1 . TYR A 1 124 ? 20.788  7.438   13.767  1.00 64.45 ? 123 TYR B CE1 1 
ATOM   1060 C  CE2 . TYR A 1 124 ? 19.357  8.880   15.068  1.00 65.04 ? 123 TYR B CE2 1 
ATOM   1061 C  CZ  . TYR A 1 124 ? 20.417  8.713   14.186  1.00 65.43 ? 123 TYR B CZ  1 
ATOM   1062 O  OH  . TYR A 1 124 ? 21.106  9.818   13.721  1.00 66.37 ? 123 TYR B OH  1 
ATOM   1063 N  N   . ILE A 1 125 ? 16.953  2.550   14.188  1.00 54.74 ? 124 ILE B N   1 
ATOM   1064 C  CA  . ILE A 1 125 ? 16.721  1.129   14.457  1.00 53.14 ? 124 ILE B CA  1 
ATOM   1065 C  C   . ILE A 1 125 ? 17.903  0.543   15.226  1.00 52.39 ? 124 ILE B C   1 
ATOM   1066 O  O   . ILE A 1 125 ? 18.983  0.362   14.672  1.00 52.16 ? 124 ILE B O   1 
ATOM   1067 C  CB  . ILE A 1 125 ? 16.407  0.301   13.170  1.00 52.99 ? 124 ILE B CB  1 
ATOM   1068 C  CG1 . ILE A 1 125 ? 15.000  0.627   12.654  1.00 52.35 ? 124 ILE B CG1 1 
ATOM   1069 C  CG2 . ILE A 1 125 ? 16.530  -1.206  13.448  1.00 52.15 ? 124 ILE B CG2 1 
ATOM   1070 C  CD1 . ILE A 1 125 ? 14.646  -0.049  11.325  1.00 51.78 ? 124 ILE B CD1 1 
ATOM   1071 N  N   . SER A 1 126 ? 17.680  0.255   16.508  1.00 51.57 ? 125 SER B N   1 
ATOM   1072 C  CA  . SER A 1 126 ? 18.708  -0.324  17.371  1.00 50.73 ? 125 SER B CA  1 
ATOM   1073 C  C   . SER A 1 126 ? 18.699  -1.838  17.294  1.00 50.20 ? 125 SER B C   1 
ATOM   1074 O  O   . SER A 1 126 ? 17.808  -2.452  16.692  1.00 50.10 ? 125 SER B O   1 
ATOM   1075 C  CB  . SER A 1 126 ? 18.511  0.118   18.830  1.00 51.00 ? 125 SER B CB  1 
ATOM   1076 O  OG  . SER A 1 126 ? 17.223  -0.241  19.322  1.00 51.63 ? 125 SER B OG  1 
ATOM   1077 N  N   . LYS A 1 127 ? 19.708  -2.436  17.908  1.00 49.27 ? 126 LYS B N   1 
ATOM   1078 C  CA  . LYS A 1 127 ? 19.782  -3.870  18.062  1.00 48.61 ? 126 LYS B CA  1 
ATOM   1079 C  C   . LYS A 1 127 ? 18.527  -4.402  18.781  1.00 47.57 ? 126 LYS B C   1 
ATOM   1080 O  O   . LYS A 1 127 ? 17.943  -5.419  18.369  1.00 47.17 ? 126 LYS B O   1 
ATOM   1081 C  CB  . LYS A 1 127 ? 21.054  -4.224  18.833  1.00 49.09 ? 126 LYS B CB  1 
ATOM   1082 C  CG  . LYS A 1 127 ? 21.603  -5.608  18.558  1.00 52.31 ? 126 LYS B CG  1 
ATOM   1083 C  CD  . LYS A 1 127 ? 21.140  -6.610  19.609  1.00 56.28 ? 126 LYS B CD  1 
ATOM   1084 C  CE  . LYS A 1 127 ? 21.680  -8.003  19.334  1.00 57.71 ? 126 LYS B CE  1 
ATOM   1085 N  NZ  . LYS A 1 127 ? 23.160  -8.082  19.480  1.00 59.19 ? 126 LYS B NZ  1 
ATOM   1086 N  N   . SER A 1 128 ? 18.095  -3.696  19.825  1.00 45.70 ? 127 SER B N   1 
ATOM   1087 C  CA  . SER A 1 128 ? 16.928  -4.123  20.590  1.00 44.31 ? 127 SER B CA  1 
ATOM   1088 C  C   . SER A 1 128 ? 15.621  -4.008  19.785  1.00 43.03 ? 127 SER B C   1 
ATOM   1089 O  O   . SER A 1 128 ? 14.680  -4.769  20.010  1.00 42.84 ? 127 SER B O   1 
ATOM   1090 C  CB  . SER A 1 128 ? 16.835  -3.384  21.941  1.00 44.36 ? 127 SER B CB  1 
ATOM   1091 O  OG  . SER A 1 128 ? 16.189  -2.130  21.812  1.00 44.68 ? 127 SER B OG  1 
ATOM   1092 N  N   . ASP A 1 129 ? 15.562  -3.069  18.847  1.00 41.77 ? 128 ASP B N   1 
ATOM   1093 C  CA  . ASP A 1 129 ? 14.406  -2.981  17.957  1.00 40.82 ? 128 ASP B CA  1 
ATOM   1094 C  C   . ASP A 1 129 ? 14.263  -4.224  17.057  1.00 39.61 ? 128 ASP B C   1 
ATOM   1095 O  O   . ASP A 1 129 ? 13.138  -4.657  16.749  1.00 39.11 ? 128 ASP B O   1 
ATOM   1096 C  CB  . ASP A 1 129 ? 14.488  -1.724  17.106  1.00 41.27 ? 128 ASP B CB  1 
ATOM   1097 C  CG  . ASP A 1 129 ? 14.203  -0.459  17.900  1.00 43.43 ? 128 ASP B CG  1 
ATOM   1098 O  OD1 . ASP A 1 129 ? 13.390  -0.501  18.853  1.00 46.24 ? 128 ASP B OD1 1 
ATOM   1099 O  OD2 . ASP A 1 129 ? 14.780  0.582   17.558  1.00 43.06 ? 128 ASP B OD2 1 
ATOM   1100 N  N   . ILE A 1 130 ? 15.403  -4.794  16.665  1.00 38.09 ? 129 ILE B N   1 
ATOM   1101 C  CA  . ILE A 1 130 ? 15.426  -6.013  15.849  1.00 37.43 ? 129 ILE B CA  1 
ATOM   1102 C  C   . ILE A 1 130 ? 15.159  -7.239  16.708  1.00 36.64 ? 129 ILE B C   1 
ATOM   1103 O  O   . ILE A 1 130 ? 14.441  -8.152  16.293  1.00 36.88 ? 129 ILE B O   1 
ATOM   1104 C  CB  . ILE A 1 130 ? 16.773  -6.177  15.069  1.00 37.18 ? 129 ILE B CB  1 
ATOM   1105 C  CG1 . ILE A 1 130 ? 16.989  -5.009  14.093  1.00 36.03 ? 129 ILE B CG1 1 
ATOM   1106 C  CG2 . ILE A 1 130 ? 16.818  -7.535  14.333  1.00 36.88 ? 129 ILE B CG2 1 
ATOM   1107 C  CD1 . ILE A 1 130 ? 15.941  -4.878  12.983  1.00 34.16 ? 129 ILE B CD1 1 
ATOM   1108 N  N   . VAL A 1 131 ? 15.722  -7.262  17.919  1.00 36.25 ? 130 VAL B N   1 
ATOM   1109 C  CA  . VAL A 1 131 ? 15.398  -8.320  18.881  1.00 35.15 ? 130 VAL B CA  1 
ATOM   1110 C  C   . VAL A 1 131 ? 13.876  -8.375  19.067  1.00 35.31 ? 130 VAL B C   1 
ATOM   1111 O  O   . VAL A 1 131 ? 13.263  -9.453  19.084  1.00 35.08 ? 130 VAL B O   1 
ATOM   1112 C  CB  . VAL A 1 131 ? 16.131  -8.109  20.236  1.00 36.23 ? 130 VAL B CB  1 
ATOM   1113 C  CG1 . VAL A 1 131 ? 15.660  -9.131  21.305  1.00 33.22 ? 130 VAL B CG1 1 
ATOM   1114 C  CG2 . VAL A 1 131 ? 17.651  -8.187  20.057  1.00 34.45 ? 130 VAL B CG2 1 
ATOM   1115 N  N   . SER A 1 132 ? 13.257  -7.206  19.152  1.00 34.99 ? 131 SER B N   1 
ATOM   1116 C  CA  . SER A 1 132 ? 11.823  -7.162  19.365  1.00 35.78 ? 131 SER B CA  1 
ATOM   1117 C  C   . SER A 1 132 ? 11.069  -7.631  18.123  1.00 35.35 ? 131 SER B C   1 
ATOM   1118 O  O   . SER A 1 132 ? 10.117  -8.421  18.210  1.00 34.38 ? 131 SER B O   1 
ATOM   1119 C  CB  . SER A 1 132 ? 11.383  -5.749  19.768  1.00 35.81 ? 131 SER B CB  1 
ATOM   1120 O  OG  . SER A 1 132 ? 9.975   -5.741  19.905  1.00 39.74 ? 131 SER B OG  1 
ATOM   1121 N  N   . LEU A 1 133 ? 11.516  -7.148  16.968  1.00 34.97 ? 132 LEU B N   1 
ATOM   1122 C  CA  . LEU A 1 133 ? 10.931  -7.546  15.692  1.00 35.77 ? 132 LEU B CA  1 
ATOM   1123 C  C   . LEU A 1 133 ? 10.890  -9.077  15.549  1.00 35.30 ? 132 LEU B C   1 
ATOM   1124 O  O   . LEU A 1 133 ? 9.930   -9.623  15.022  1.00 35.10 ? 132 LEU B O   1 
ATOM   1125 C  CB  . LEU A 1 133 ? 11.716  -6.909  14.518  1.00 35.56 ? 132 LEU B CB  1 
ATOM   1126 C  CG  . LEU A 1 133 ? 11.189  -7.199  13.110  1.00 36.56 ? 132 LEU B CG  1 
ATOM   1127 C  CD1 . LEU A 1 133 ? 9.795   -6.621  12.921  1.00 37.92 ? 132 LEU B CD1 1 
ATOM   1128 C  CD2 . LEU A 1 133 ? 12.127  -6.628  12.065  1.00 38.12 ? 132 LEU B CD2 1 
ATOM   1129 N  N   . VAL A 1 134 ? 11.908  -9.765  16.051  1.00 35.55 ? 133 VAL B N   1 
ATOM   1130 C  CA  . VAL A 1 134 ? 11.966  -11.209 15.878  1.00 36.43 ? 133 VAL B CA  1 
ATOM   1131 C  C   . VAL A 1 134 ? 11.510  -11.991 17.098  1.00 36.96 ? 133 VAL B C   1 
ATOM   1132 O  O   . VAL A 1 134 ? 11.804  -13.197 17.229  1.00 36.82 ? 133 VAL B O   1 
ATOM   1133 C  CB  . VAL A 1 134 ? 13.369  -11.671 15.387  1.00 36.71 ? 133 VAL B CB  1 
ATOM   1134 C  CG1 . VAL A 1 134 ? 13.727  -10.917 14.105  1.00 36.84 ? 133 VAL B CG1 1 
ATOM   1135 C  CG2 . VAL A 1 134 ? 14.438  -11.449 16.456  1.00 36.24 ? 133 VAL B CG2 1 
ATOM   1136 N  N   . HIS A 1 135 ? 10.769  -11.317 17.975  1.00 37.45 ? 134 HIS B N   1 
ATOM   1137 C  CA  . HIS A 1 135 ? 10.356  -11.905 19.265  1.00 38.38 ? 134 HIS B CA  1 
ATOM   1138 C  C   . HIS A 1 135 ? 9.496   -13.169 19.081  1.00 38.77 ? 134 HIS B C   1 
ATOM   1139 O  O   . HIS A 1 135 ? 9.478   -14.044 19.945  1.00 38.12 ? 134 HIS B O   1 
ATOM   1140 C  CB  . HIS A 1 135 ? 9.597   -10.862 20.113  1.00 38.52 ? 134 HIS B CB  1 
ATOM   1141 C  CG  . HIS A 1 135 ? 8.165   -10.719 19.717  1.00 39.31 ? 134 HIS B CG  1 
ATOM   1142 N  ND1 . HIS A 1 135 ? 7.774   -10.066 18.570  1.00 42.70 ? 134 HIS B ND1 1 
ATOM   1143 C  CD2 . HIS A 1 135 ? 7.035   -11.213 20.271  1.00 41.09 ? 134 HIS B CD2 1 
ATOM   1144 C  CE1 . HIS A 1 135 ? 6.461   -10.145 18.447  1.00 43.05 ? 134 HIS B CE1 1 
ATOM   1145 N  NE2 . HIS A 1 135 ? 5.989   -10.833 19.471  1.00 41.98 ? 134 HIS B NE2 1 
ATOM   1146 N  N   . ASP A 1 136 ? 8.788   -13.270 17.955  1.00 39.52 ? 135 ASP B N   1 
ATOM   1147 C  CA  . ASP A 1 136 ? 7.977   -14.460 17.690  1.00 41.18 ? 135 ASP B CA  1 
ATOM   1148 C  C   . ASP A 1 136 ? 8.604   -15.408 16.651  1.00 42.38 ? 135 ASP B C   1 
ATOM   1149 O  O   . ASP A 1 136 ? 7.903   -16.180 16.008  1.00 41.98 ? 135 ASP B O   1 
ATOM   1150 C  CB  . ASP A 1 136 ? 6.549   -14.070 17.271  1.00 40.82 ? 135 ASP B CB  1 
ATOM   1151 C  CG  . ASP A 1 136 ? 6.505   -13.219 15.985  1.00 42.40 ? 135 ASP B CG  1 
ATOM   1152 O  OD1 . ASP A 1 136 ? 5.380   -12.856 15.588  1.00 45.07 ? 135 ASP B OD1 1 
ATOM   1153 O  OD2 . ASP A 1 136 ? 7.557   -12.891 15.376  1.00 42.13 ? 135 ASP B OD2 1 
ATOM   1154 N  N   . LYS A 1 137 ? 9.919   -15.328 16.493  1.00 44.23 ? 136 LYS B N   1 
ATOM   1155 C  CA  . LYS A 1 137 ? 10.642  -16.117 15.497  1.00 46.09 ? 136 LYS B CA  1 
ATOM   1156 C  C   . LYS A 1 137 ? 11.783  -16.800 16.200  1.00 47.48 ? 136 LYS B C   1 
ATOM   1157 O  O   . LYS A 1 137 ? 12.367  -16.245 17.145  1.00 47.29 ? 136 LYS B O   1 
ATOM   1158 C  CB  . LYS A 1 137 ? 11.219  -15.218 14.384  1.00 46.09 ? 136 LYS B CB  1 
ATOM   1159 C  CG  . LYS A 1 137 ? 10.247  -14.248 13.730  1.00 46.27 ? 136 LYS B CG  1 
ATOM   1160 C  CD  . LYS A 1 137 ? 9.308   -14.956 12.767  1.00 48.47 ? 136 LYS B CD  1 
ATOM   1161 C  CE  . LYS A 1 137 ? 8.511   -13.958 11.914  1.00 48.26 ? 136 LYS B CE  1 
ATOM   1162 N  NZ  . LYS A 1 137 ? 7.364   -13.346 12.653  1.00 50.25 ? 136 LYS B NZ  1 
ATOM   1163 N  N   . VAL A 1 138 ? 12.114  -17.999 15.734  1.00 49.53 ? 137 VAL B N   1 
ATOM   1164 C  CA  . VAL A 1 138 ? 13.147  -18.825 16.369  1.00 51.59 ? 137 VAL B CA  1 
ATOM   1165 C  C   . VAL A 1 138 ? 14.576  -18.258 16.221  1.00 52.83 ? 137 VAL B C   1 
ATOM   1166 O  O   . VAL A 1 138 ? 15.505  -18.728 16.891  1.00 54.13 ? 137 VAL B O   1 
ATOM   1167 C  CB  . VAL A 1 138 ? 13.025  -20.327 15.938  1.00 51.78 ? 137 VAL B CB  1 
ATOM   1168 C  CG1 . VAL A 1 138 ? 12.955  -20.467 14.407  1.00 53.25 ? 137 VAL B CG1 1 
ATOM   1169 C  CG2 . VAL A 1 138 ? 14.152  -21.172 16.513  1.00 52.00 ? 137 VAL B CG2 1 
ATOM   1170 N  N   . LEU A 1 139 ? 14.736  -17.231 15.388  1.00 53.72 ? 138 LEU B N   1 
ATOM   1171 C  CA  . LEU A 1 139 ? 16.017  -16.523 15.192  1.00 54.63 ? 138 LEU B CA  1 
ATOM   1172 C  C   . LEU A 1 139 ? 16.683  -16.049 16.488  1.00 55.53 ? 138 LEU B C   1 
ATOM   1173 O  O   . LEU A 1 139 ? 16.001  -15.768 17.478  1.00 55.38 ? 138 LEU B O   1 
ATOM   1174 C  CB  . LEU A 1 139 ? 15.832  -15.304 14.277  1.00 54.41 ? 138 LEU B CB  1 
ATOM   1175 C  CG  . LEU A 1 139 ? 15.016  -15.423 12.991  1.00 54.62 ? 138 LEU B CG  1 
ATOM   1176 C  CD1 . LEU A 1 139 ? 14.785  -14.030 12.429  1.00 54.99 ? 138 LEU B CD1 1 
ATOM   1177 C  CD2 . LEU A 1 139 ? 15.721  -16.310 11.972  1.00 54.27 ? 138 LEU B CD2 1 
ATOM   1178 N  N   . ASP A 1 140 ? 18.011  -15.923 16.450  1.00 56.35 ? 139 ASP B N   1 
ATOM   1179 C  CA  . ASP A 1 140 ? 18.821  -15.611 17.631  1.00 57.19 ? 139 ASP B CA  1 
ATOM   1180 C  C   . ASP A 1 140 ? 19.771  -14.434 17.382  1.00 57.25 ? 139 ASP B C   1 
ATOM   1181 O  O   . ASP A 1 140 ? 19.626  -13.708 16.394  1.00 57.05 ? 139 ASP B O   1 
ATOM   1182 C  CB  . ASP A 1 140 ? 19.609  -16.858 18.081  1.00 57.76 ? 139 ASP B CB  1 
ATOM   1183 C  CG  . ASP A 1 140 ? 20.547  -17.414 16.981  1.00 59.26 ? 139 ASP B CG  1 
ATOM   1184 O  OD1 . ASP A 1 140 ? 21.105  -16.643 16.156  1.00 60.10 ? 139 ASP B OD1 1 
ATOM   1185 O  OD2 . ASP A 1 140 ? 20.734  -18.648 16.960  1.00 61.41 ? 139 ASP B OD2 1 
ATOM   1186 N  N   . ASN A 1 141 ? 20.755  -14.264 18.265  1.00 57.31 ? 140 ASN B N   1 
ATOM   1187 C  CA  . ASN A 1 141 ? 21.676  -13.123 18.185  1.00 57.53 ? 140 ASN B CA  1 
ATOM   1188 C  C   . ASN A 1 141 ? 22.673  -13.140 17.012  1.00 57.15 ? 140 ASN B C   1 
ATOM   1189 O  O   . ASN A 1 141 ? 23.099  -12.073 16.543  1.00 56.95 ? 140 ASN B O   1 
ATOM   1190 C  CB  . ASN A 1 141 ? 22.429  -12.942 19.505  1.00 57.93 ? 140 ASN B CB  1 
ATOM   1191 C  CG  . ASN A 1 141 ? 22.466  -11.496 19.940  1.00 59.88 ? 140 ASN B CG  1 
ATOM   1192 O  OD1 . ASN A 1 141 ? 23.505  -10.833 19.864  1.00 61.52 ? 140 ASN B OD1 1 
ATOM   1193 N  ND2 . ASN A 1 141 ? 21.311  -10.983 20.374  1.00 61.71 ? 140 ASN B ND2 1 
ATOM   1194 N  N   . ASN A 1 142 ? 23.044  -14.342 16.559  1.00 56.49 ? 141 ASN B N   1 
ATOM   1195 C  CA  . ASN A 1 142 ? 23.904  -14.516 15.380  1.00 56.32 ? 141 ASN B CA  1 
ATOM   1196 C  C   . ASN A 1 142 ? 23.266  -13.910 14.125  1.00 55.45 ? 141 ASN B C   1 
ATOM   1197 O  O   . ASN A 1 142 ? 23.887  -13.122 13.406  1.00 55.07 ? 141 ASN B O   1 
ATOM   1198 C  CB  . ASN A 1 142 ? 24.193  -16.006 15.156  1.00 56.78 ? 141 ASN B CB  1 
ATOM   1199 C  CG  . ASN A 1 142 ? 25.243  -16.249 14.069  1.00 58.94 ? 141 ASN B CG  1 
ATOM   1200 O  OD1 . ASN A 1 142 ? 26.283  -15.579 14.025  1.00 60.11 ? 141 ASN B OD1 1 
ATOM   1201 N  ND2 . ASN A 1 142 ? 24.972  -17.221 13.189  1.00 60.04 ? 141 ASN B ND2 1 
ATOM   1202 N  N   . ASP A 1 143 ? 22.007  -14.264 13.896  1.00 54.80 ? 142 ASP B N   1 
ATOM   1203 C  CA  . ASP A 1 143 ? 21.235  -13.748 12.776  1.00 54.20 ? 142 ASP B CA  1 
ATOM   1204 C  C   . ASP A 1 143 ? 21.165  -12.216 12.797  1.00 53.33 ? 142 ASP B C   1 
ATOM   1205 O  O   . ASP A 1 143 ? 21.352  -11.562 11.767  1.00 52.50 ? 142 ASP B O   1 
ATOM   1206 C  CB  . ASP A 1 143 ? 19.830  -14.361 12.798  1.00 54.58 ? 142 ASP B CB  1 
ATOM   1207 C  CG  . ASP A 1 143 ? 19.853  -15.895 12.817  1.00 56.80 ? 142 ASP B CG  1 
ATOM   1208 O  OD1 . ASP A 1 143 ? 20.442  -16.490 11.880  1.00 59.05 ? 142 ASP B OD1 1 
ATOM   1209 O  OD2 . ASP A 1 143 ? 19.279  -16.506 13.756  1.00 57.49 ? 142 ASP B OD2 1 
ATOM   1210 N  N   . ILE A 1 144 ? 20.915  -11.649 13.978  1.00 52.40 ? 143 ILE B N   1 
ATOM   1211 C  CA  . ILE A 1 144 ? 20.745  -10.204 14.116  1.00 51.59 ? 143 ILE B CA  1 
ATOM   1212 C  C   . ILE A 1 144 ? 22.025  -9.458  13.750  1.00 51.96 ? 143 ILE B C   1 
ATOM   1213 O  O   . ILE A 1 144 ? 21.979  -8.467  13.021  1.00 51.48 ? 143 ILE B O   1 
ATOM   1214 C  CB  . ILE A 1 144 ? 20.248  -9.801  15.536  1.00 51.25 ? 143 ILE B CB  1 
ATOM   1215 C  CG1 . ILE A 1 144 ? 18.864  -10.409 15.804  1.00 50.68 ? 143 ILE B CG1 1 
ATOM   1216 C  CG2 . ILE A 1 144 ? 20.200  -8.284  15.682  1.00 49.70 ? 143 ILE B CG2 1 
ATOM   1217 C  CD1 . ILE A 1 144 ? 18.458  -10.435 17.256  1.00 50.26 ? 143 ILE B CD1 1 
ATOM   1218 N  N   . ASP A 1 145 ? 23.157  -9.939  14.265  1.00 52.95 ? 144 ASP B N   1 
ATOM   1219 C  CA  . ASP A 1 145 ? 24.466  -9.322  13.996  1.00 53.71 ? 144 ASP B CA  1 
ATOM   1220 C  C   . ASP A 1 145 ? 24.791  -9.297  12.511  1.00 53.71 ? 144 ASP B C   1 
ATOM   1221 O  O   . ASP A 1 145 ? 25.242  -8.276  12.009  1.00 54.27 ? 144 ASP B O   1 
ATOM   1222 C  CB  . ASP A 1 145 ? 25.586  -10.029 14.767  1.00 54.22 ? 144 ASP B CB  1 
ATOM   1223 C  CG  . ASP A 1 145 ? 25.682  -9.572  16.208  1.00 54.97 ? 144 ASP B CG  1 
ATOM   1224 O  OD1 . ASP A 1 145 ? 25.426  -8.380  16.476  1.00 54.88 ? 144 ASP B OD1 1 
ATOM   1225 O  OD2 . ASP A 1 145 ? 26.008  -10.413 17.072  1.00 56.55 ? 144 ASP B OD2 1 
ATOM   1226 N  N   . ASN A 1 146 ? 24.555  -10.419 11.827  1.00 53.83 ? 145 ASN B N   1 
ATOM   1227 C  CA  . ASN A 1 146 ? 24.655  -10.502 10.363  1.00 54.01 ? 145 ASN B CA  1 
ATOM   1228 C  C   . ASN A 1 146 ? 23.875  -9.394  9.664   1.00 53.49 ? 145 ASN B C   1 
ATOM   1229 O  O   . ASN A 1 146 ? 24.393  -8.742  8.751   1.00 53.51 ? 145 ASN B O   1 
ATOM   1230 C  CB  . ASN A 1 146 ? 24.153  -11.857 9.858   1.00 54.15 ? 145 ASN B CB  1 
ATOM   1231 C  CG  . ASN A 1 146 ? 25.034  -13.014 10.302  1.00 56.86 ? 145 ASN B CG  1 
ATOM   1232 O  OD1 . ASN A 1 146 ? 26.147  -12.811 10.805  1.00 58.89 ? 145 ASN B OD1 1 
ATOM   1233 N  ND2 . ASN A 1 146 ? 24.542  -14.244 10.108  1.00 58.56 ? 145 ASN B ND2 1 
ATOM   1234 N  N   . PHE A 1 147 ? 22.637  -9.175  10.104  1.00 52.70 ? 146 PHE B N   1 
ATOM   1235 C  CA  . PHE A 1 147 ? 21.787  -8.162  9.493   1.00 51.98 ? 146 PHE B CA  1 
ATOM   1236 C  C   . PHE A 1 147 ? 22.380  -6.753  9.622   1.00 52.35 ? 146 PHE B C   1 
ATOM   1237 O  O   . PHE A 1 147 ? 22.340  -5.972  8.663   1.00 52.13 ? 146 PHE B O   1 
ATOM   1238 C  CB  . PHE A 1 147 ? 20.362  -8.232  10.050  1.00 51.26 ? 146 PHE B CB  1 
ATOM   1239 C  CG  . PHE A 1 147 ? 19.504  -7.056  9.681   1.00 49.58 ? 146 PHE B CG  1 
ATOM   1240 C  CD1 . PHE A 1 147 ? 19.260  -6.045  10.607  1.00 47.44 ? 146 PHE B CD1 1 
ATOM   1241 C  CD2 . PHE A 1 147 ? 18.947  -6.952  8.411   1.00 47.49 ? 146 PHE B CD2 1 
ATOM   1242 C  CE1 . PHE A 1 147 ? 18.472  -4.951  10.275  1.00 46.78 ? 146 PHE B CE1 1 
ATOM   1243 C  CE2 . PHE A 1 147 ? 18.159  -5.862  8.066   1.00 47.00 ? 146 PHE B CE2 1 
ATOM   1244 C  CZ  . PHE A 1 147 ? 17.919  -4.855  9.006   1.00 47.45 ? 146 PHE B CZ  1 
ATOM   1245 N  N   . PHE A 1 148 ? 22.936  -6.437  10.792  1.00 52.59 ? 147 PHE B N   1 
ATOM   1246 C  CA  . PHE A 1 148 ? 23.533  -5.113  11.024  1.00 53.15 ? 147 PHE B CA  1 
ATOM   1247 C  C   . PHE A 1 148 ? 24.802  -4.892  10.195  1.00 53.95 ? 147 PHE B C   1 
ATOM   1248 O  O   . PHE A 1 148 ? 25.050  -3.784  9.699   1.00 53.81 ? 147 PHE B O   1 
ATOM   1249 C  CB  . PHE A 1 148 ? 23.779  -4.863  12.518  1.00 52.70 ? 147 PHE B CB  1 
ATOM   1250 C  CG  . PHE A 1 148 ? 22.571  -4.311  13.241  1.00 51.62 ? 147 PHE B CG  1 
ATOM   1251 C  CD1 . PHE A 1 148 ? 22.379  -2.941  13.351  1.00 49.81 ? 147 PHE B CD1 1 
ATOM   1252 C  CD2 . PHE A 1 148 ? 21.616  -5.169  13.789  1.00 50.91 ? 147 PHE B CD2 1 
ATOM   1253 C  CE1 . PHE A 1 148 ? 21.260  -2.430  14.007  1.00 51.34 ? 147 PHE B CE1 1 
ATOM   1254 C  CE2 . PHE A 1 148 ? 20.495  -4.671  14.443  1.00 50.08 ? 147 PHE B CE2 1 
ATOM   1255 C  CZ  . PHE A 1 148 ? 20.311  -3.305  14.548  1.00 50.67 ? 147 PHE B CZ  1 
ATOM   1256 N  N   . LEU A 1 149 ? 25.584  -5.956  10.033  1.00 54.81 ? 148 LEU B N   1 
ATOM   1257 C  CA  . LEU A 1 149 ? 26.767  -5.923  9.189   1.00 55.76 ? 148 LEU B CA  1 
ATOM   1258 C  C   . LEU A 1 149 ? 26.383  -5.694  7.722   1.00 56.12 ? 148 LEU B C   1 
ATOM   1259 O  O   . LEU A 1 149 ? 26.992  -4.855  7.036   1.00 56.23 ? 148 LEU B O   1 
ATOM   1260 C  CB  . LEU A 1 149 ? 27.608  -7.197  9.381   1.00 56.09 ? 148 LEU B CB  1 
ATOM   1261 C  CG  . LEU A 1 149 ? 28.264  -7.319  10.773  1.00 57.44 ? 148 LEU B CG  1 
ATOM   1262 C  CD1 . LEU A 1 149 ? 28.777  -8.736  11.060  1.00 57.56 ? 148 LEU B CD1 1 
ATOM   1263 C  CD2 . LEU A 1 149 ? 29.375  -6.268  11.006  1.00 58.03 ? 148 LEU B CD2 1 
ATOM   1264 N  N   . SER A 1 150 ? 25.351  -6.406  7.262   1.00 56.33 ? 149 SER B N   1 
ATOM   1265 C  CA  . SER A 1 150 ? 24.836  -6.230  5.903   1.00 56.82 ? 149 SER B CA  1 
ATOM   1266 C  C   . SER A 1 150 ? 24.392  -4.791  5.633   1.00 57.63 ? 149 SER B C   1 
ATOM   1267 O  O   . SER A 1 150 ? 24.800  -4.189  4.637   1.00 57.54 ? 149 SER B O   1 
ATOM   1268 C  CB  . SER A 1 150 ? 23.711  -7.219  5.606   1.00 56.43 ? 149 SER B CB  1 
ATOM   1269 O  OG  . SER A 1 150 ? 24.177  -8.558  5.668   1.00 55.67 ? 149 SER B OG  1 
ATOM   1270 N  N   . VAL A 1 151 ? 23.570  -4.239  6.524   1.00 58.64 ? 150 VAL B N   1 
ATOM   1271 C  CA  . VAL A 1 151 ? 23.120  -2.851  6.412   1.00 59.96 ? 150 VAL B CA  1 
ATOM   1272 C  C   . VAL A 1 151 ? 24.295  -1.858  6.311   1.00 61.35 ? 150 VAL B C   1 
ATOM   1273 O  O   . VAL A 1 151 ? 24.277  -0.944  5.477   1.00 61.41 ? 150 VAL B O   1 
ATOM   1274 C  CB  . VAL A 1 151 ? 22.178  -2.461  7.584   1.00 59.75 ? 150 VAL B CB  1 
ATOM   1275 C  CG1 . VAL A 1 151 ? 21.932  -0.950  7.621   1.00 59.97 ? 150 VAL B CG1 1 
ATOM   1276 C  CG2 . VAL A 1 151 ? 20.854  -3.218  7.487   1.00 59.30 ? 150 VAL B CG2 1 
ATOM   1277 N  N   . HIS A 1 152 ? 25.311  -2.050  7.148   1.00 63.18 ? 151 HIS B N   1 
ATOM   1278 C  CA  . HIS A 1 152 ? 26.446  -1.130  7.221   1.00 65.16 ? 151 HIS B CA  1 
ATOM   1279 C  C   . HIS A 1 152 ? 27.569  -1.440  6.225   1.00 66.25 ? 151 HIS B C   1 
ATOM   1280 O  O   . HIS A 1 152 ? 28.534  -0.680  6.126   1.00 66.51 ? 151 HIS B O   1 
ATOM   1281 C  CB  . HIS A 1 152 ? 26.997  -1.065  8.648   1.00 65.34 ? 151 HIS B CB  1 
ATOM   1282 C  CG  . HIS A 1 152 ? 26.121  -0.312  9.600   1.00 66.91 ? 151 HIS B CG  1 
ATOM   1283 N  ND1 . HIS A 1 152 ? 25.780  -0.801  10.845  1.00 68.30 ? 151 HIS B ND1 1 
ATOM   1284 C  CD2 . HIS A 1 152 ? 25.507  0.892   9.488   1.00 67.90 ? 151 HIS B CD2 1 
ATOM   1285 C  CE1 . HIS A 1 152 ? 25.002  0.073   11.460  1.00 68.89 ? 151 HIS B CE1 1 
ATOM   1286 N  NE2 . HIS A 1 152 ? 24.819  1.108   10.657  1.00 68.77 ? 151 HIS B NE2 1 
ATOM   1287 N  N   . SER A 1 153 ? 27.444  -2.550  5.498   1.00 67.50 ? 152 SER B N   1 
ATOM   1288 C  CA  . SER A 1 153 ? 28.381  -2.882  4.421   1.00 68.68 ? 152 SER B CA  1 
ATOM   1289 C  C   . SER A 1 153 ? 27.954  -2.264  3.080   1.00 69.55 ? 152 SER B C   1 
ATOM   1290 O  O   . SER A 1 153 ? 28.358  -2.739  2.014   1.00 70.03 ? 152 SER B O   1 
ATOM   1291 C  CB  . SER A 1 153 ? 28.527  -4.403  4.282   1.00 68.51 ? 152 SER B CB  1 
ATOM   1292 N  N   . ILE A 1 154 ? 27.139  -1.209  3.140   1.00 70.28 ? 153 ILE B N   1 
ATOM   1293 C  CA  . ILE A 1 154 ? 26.615  -0.544  1.940   1.00 70.94 ? 153 ILE B CA  1 
ATOM   1294 C  C   . ILE A 1 154 ? 26.619  0.978   2.112   1.00 71.25 ? 153 ILE B C   1 
ATOM   1295 O  O   . ILE A 1 154 ? 27.581  1.657   1.736   1.00 71.63 ? 153 ILE B O   1 
ATOM   1296 C  CB  . ILE A 1 154 ? 25.190  -1.061  1.584   1.00 71.07 ? 153 ILE B CB  1 
ATOM   1297 C  CG1 . ILE A 1 154 ? 25.283  -2.383  0.817   1.00 71.54 ? 153 ILE B CG1 1 
ATOM   1298 C  CG2 . ILE A 1 154 ? 24.405  -0.033  0.759   1.00 71.43 ? 153 ILE B CG2 1 
ATOM   1299 C  CD1 . ILE A 1 154 ? 24.063  -3.266  0.952   1.00 72.41 ? 153 ILE B CD1 1 
ATOM   1300 N  N   . ILE A 1 164 ? 28.645  3.169   15.893  1.00 73.29 ? 163 ILE B N   1 
ATOM   1301 C  CA  . ILE A 1 164 ? 27.200  3.077   16.068  1.00 73.25 ? 163 ILE B CA  1 
ATOM   1302 C  C   . ILE A 1 164 ? 26.660  1.797   15.431  1.00 73.08 ? 163 ILE B C   1 
ATOM   1303 O  O   . ILE A 1 164 ? 26.846  1.562   14.229  1.00 73.40 ? 163 ILE B O   1 
ATOM   1304 C  CB  . ILE A 1 164 ? 26.472  4.311   15.466  1.00 73.17 ? 163 ILE B CB  1 
ATOM   1305 N  N   . ASN A 1 165 ? 26.021  0.961   16.247  1.00 72.59 ? 164 ASN B N   1 
ATOM   1306 C  CA  . ASN A 1 165 ? 25.287  -0.193  15.738  1.00 71.83 ? 164 ASN B CA  1 
ATOM   1307 C  C   . ASN A 1 165 ? 23.791  0.122   15.728  1.00 70.99 ? 164 ASN B C   1 
ATOM   1308 O  O   . ASN A 1 165 ? 22.972  -0.557  16.362  1.00 71.15 ? 164 ASN B O   1 
ATOM   1309 C  CB  . ASN A 1 165 ? 25.594  -1.449  16.549  1.00 72.20 ? 164 ASN B CB  1 
ATOM   1310 C  CG  . ASN A 1 165 ? 25.598  -2.700  15.690  1.00 73.24 ? 164 ASN B CG  1 
ATOM   1311 O  OD1 . ASN A 1 165 ? 26.326  -2.780  14.693  1.00 73.74 ? 164 ASN B OD1 1 
ATOM   1312 N  ND2 . ASN A 1 165 ? 24.784  -3.687  16.071  1.00 73.59 ? 164 ASN B ND2 1 
ATOM   1313 N  N   . LYS A 1 166 ? 23.471  1.195   15.008  1.00 69.57 ? 165 LYS B N   1 
ATOM   1314 C  CA  . LYS A 1 166 ? 22.130  1.724   14.869  1.00 68.08 ? 165 LYS B CA  1 
ATOM   1315 C  C   . LYS A 1 166 ? 21.908  1.979   13.387  1.00 66.80 ? 165 LYS B C   1 
ATOM   1316 O  O   . LYS A 1 166 ? 22.866  2.041   12.614  1.00 66.88 ? 165 LYS B O   1 
ATOM   1317 C  CB  . LYS A 1 166 ? 21.996  3.038   15.639  1.00 68.34 ? 165 LYS B CB  1 
ATOM   1318 C  CG  . LYS A 1 166 ? 22.539  2.998   17.070  1.00 69.34 ? 165 LYS B CG  1 
ATOM   1319 C  CD  . LYS A 1 166 ? 22.279  4.300   17.825  1.00 70.53 ? 165 LYS B CD  1 
ATOM   1320 C  CE  . LYS A 1 166 ? 20.871  4.351   18.403  1.00 71.60 ? 165 LYS B CE  1 
ATOM   1321 N  NZ  . LYS A 1 166 ? 20.663  3.303   19.445  1.00 72.35 ? 165 LYS B NZ  1 
ATOM   1322 N  N   . ILE A 1 167 ? 20.655  2.143   12.986  1.00 65.04 ? 166 ILE B N   1 
ATOM   1323 C  CA  . ILE A 1 167 ? 20.323  2.316   11.577  1.00 63.33 ? 166 ILE B CA  1 
ATOM   1324 C  C   . ILE A 1 167 ? 19.359  3.487   11.394  1.00 62.32 ? 166 ILE B C   1 
ATOM   1325 O  O   . ILE A 1 167 ? 18.252  3.485   11.942  1.00 62.29 ? 166 ILE B O   1 
ATOM   1326 C  CB  . ILE A 1 167 ? 19.716  1.005   10.980  1.00 63.41 ? 166 ILE B CB  1 
ATOM   1327 C  CG1 . ILE A 1 167 ? 20.713  -0.159  11.084  1.00 63.25 ? 166 ILE B CG1 1 
ATOM   1328 C  CG2 . ILE A 1 167 ? 19.270  1.212   9.542   1.00 63.14 ? 166 ILE B CG2 1 
ATOM   1329 C  CD1 . ILE A 1 167 ? 20.099  -1.546  10.837  1.00 63.01 ? 166 ILE B CD1 1 
ATOM   1330 N  N   . SER A 1 168 ? 19.790  4.487   10.630  1.00 60.88 ? 167 SER B N   1 
ATOM   1331 C  CA  . SER A 1 168 ? 18.938  5.615   10.256  1.00 59.79 ? 167 SER B CA  1 
ATOM   1332 C  C   . SER A 1 168 ? 17.980  5.170   9.158   1.00 59.12 ? 167 SER B C   1 
ATOM   1333 O  O   . SER A 1 168 ? 18.168  4.107   8.569   1.00 58.78 ? 167 SER B O   1 
ATOM   1334 C  CB  . SER A 1 168 ? 19.793  6.771   9.730   1.00 59.88 ? 167 SER B CB  1 
ATOM   1335 O  OG  . SER A 1 168 ? 20.259  6.491   8.415   1.00 59.73 ? 167 SER B OG  1 
ATOM   1336 N  N   . PHE A 1 169 ? 16.972  5.989   8.859   1.00 58.18 ? 168 PHE B N   1 
ATOM   1337 C  CA  . PHE A 1 169 ? 16.056  5.655   7.788   1.00 57.60 ? 168 PHE B CA  1 
ATOM   1338 C  C   . PHE A 1 169 ? 16.777  5.542   6.456   1.00 57.58 ? 168 PHE B C   1 
ATOM   1339 O  O   . PHE A 1 169 ? 16.434  4.690   5.637   1.00 57.49 ? 168 PHE B O   1 
ATOM   1340 C  CB  . PHE A 1 169 ? 14.885  6.633   7.664   1.00 57.26 ? 168 PHE B CB  1 
ATOM   1341 C  CG  . PHE A 1 169 ? 14.021  6.356   6.465   1.00 56.82 ? 168 PHE B CG  1 
ATOM   1342 C  CD1 . PHE A 1 169 ? 13.972  7.252   5.403   1.00 55.52 ? 168 PHE B CD1 1 
ATOM   1343 C  CD2 . PHE A 1 169 ? 13.320  5.153   6.363   1.00 55.67 ? 168 PHE B CD2 1 
ATOM   1344 C  CE1 . PHE A 1 169 ? 13.204  6.983   4.276   1.00 55.20 ? 168 PHE B CE1 1 
ATOM   1345 C  CE2 . PHE A 1 169 ? 12.556  4.866   5.238   1.00 55.49 ? 168 PHE B CE2 1 
ATOM   1346 C  CZ  . PHE A 1 169 ? 12.492  5.788   4.192   1.00 55.87 ? 168 PHE B CZ  1 
ATOM   1347 N  N   . GLN A 1 170 ? 17.770  6.405   6.250   1.00 57.44 ? 169 GLN B N   1 
ATOM   1348 C  CA  . GLN A 1 170 ? 18.513  6.447   4.994   1.00 57.25 ? 169 GLN B CA  1 
ATOM   1349 C  C   . GLN A 1 170 ? 19.324  5.167   4.785   1.00 56.46 ? 169 GLN B C   1 
ATOM   1350 O  O   . GLN A 1 170 ? 19.311  4.601   3.696   1.00 56.19 ? 169 GLN B O   1 
ATOM   1351 C  CB  . GLN A 1 170 ? 19.407  7.699   4.920   1.00 57.66 ? 169 GLN B CB  1 
ATOM   1352 C  CG  . GLN A 1 170 ? 19.761  8.138   3.494   1.00 58.90 ? 169 GLN B CG  1 
ATOM   1353 C  CD  . GLN A 1 170 ? 18.535  8.510   2.664   1.00 61.36 ? 169 GLN B CD  1 
ATOM   1354 O  OE1 . GLN A 1 170 ? 18.383  8.052   1.534   1.00 63.69 ? 169 GLN B OE1 1 
ATOM   1355 N  NE2 . GLN A 1 170 ? 17.649  9.330   3.229   1.00 62.14 ? 169 GLN B NE2 1 
ATOM   1356 N  N   . GLU A 1 171 ? 20.010  4.720   5.833   1.00 56.04 ? 170 GLU B N   1 
ATOM   1357 C  CA  . GLU A 1 171 ? 20.776  3.466   5.796   1.00 55.73 ? 170 GLU B CA  1 
ATOM   1358 C  C   . GLU A 1 171 ? 19.857  2.247   5.669   1.00 54.94 ? 170 GLU B C   1 
ATOM   1359 O  O   . GLU A 1 171 ? 20.205  1.263   5.013   1.00 54.35 ? 170 GLU B O   1 
ATOM   1360 C  CB  . GLU A 1 171 ? 21.624  3.317   7.051   1.00 56.08 ? 170 GLU B CB  1 
ATOM   1361 C  CG  . GLU A 1 171 ? 22.591  4.459   7.310   1.00 58.01 ? 170 GLU B CG  1 
ATOM   1362 C  CD  . GLU A 1 171 ? 23.261  4.343   8.669   1.00 60.66 ? 170 GLU B CD  1 
ATOM   1363 O  OE1 . GLU A 1 171 ? 24.445  4.728   8.792   1.00 61.70 ? 170 GLU B OE1 1 
ATOM   1364 O  OE2 . GLU A 1 171 ? 22.605  3.856   9.618   1.00 62.07 ? 170 GLU B OE2 1 
ATOM   1365 N  N   . PHE A 1 172 ? 18.688  2.333   6.306   1.00 54.09 ? 171 PHE B N   1 
ATOM   1366 C  CA  . PHE A 1 172 ? 17.658  1.306   6.203   1.00 53.38 ? 171 PHE B CA  1 
ATOM   1367 C  C   . PHE A 1 172 ? 17.180  1.225   4.760   1.00 53.38 ? 171 PHE B C   1 
ATOM   1368 O  O   . PHE A 1 172 ? 17.180  0.151   4.155   1.00 53.39 ? 171 PHE B O   1 
ATOM   1369 C  CB  . PHE A 1 172 ? 16.489  1.636   7.135   1.00 52.84 ? 171 PHE B CB  1 
ATOM   1370 C  CG  . PHE A 1 172 ? 15.298  0.741   6.963   1.00 51.46 ? 171 PHE B CG  1 
ATOM   1371 C  CD1 . PHE A 1 172 ? 14.180  1.182   6.274   1.00 50.44 ? 171 PHE B CD1 1 
ATOM   1372 C  CD2 . PHE A 1 172 ? 15.294  -0.553  7.495   1.00 51.22 ? 171 PHE B CD2 1 
ATOM   1373 C  CE1 . PHE A 1 172 ? 13.062  0.352   6.115   1.00 50.39 ? 171 PHE B CE1 1 
ATOM   1374 C  CE2 . PHE A 1 172 ? 14.188  -1.393  7.345   1.00 50.10 ? 171 PHE B CE2 1 
ATOM   1375 C  CZ  . PHE A 1 172 ? 13.072  -0.944  6.654   1.00 49.50 ? 171 PHE B CZ  1 
ATOM   1376 N  N   . LYS A 1 173 ? 16.796  2.380   4.217   1.00 53.21 ? 172 LYS B N   1 
ATOM   1377 C  CA  . LYS A 1 173 ? 16.297  2.500   2.853   1.00 53.23 ? 172 LYS B CA  1 
ATOM   1378 C  C   . LYS A 1 173 ? 17.328  2.023   1.843   1.00 52.77 ? 172 LYS B C   1 
ATOM   1379 O  O   . LYS A 1 173 ? 16.999  1.299   0.907   1.00 52.77 ? 172 LYS B O   1 
ATOM   1380 C  CB  . LYS A 1 173 ? 15.914  3.954   2.553   1.00 53.52 ? 172 LYS B CB  1 
ATOM   1381 C  CG  . LYS A 1 173 ? 15.245  4.163   1.196   1.00 54.81 ? 172 LYS B CG  1 
ATOM   1382 C  CD  . LYS A 1 173 ? 15.757  5.422   0.517   1.00 58.22 ? 172 LYS B CD  1 
ATOM   1383 C  CE  . LYS A 1 173 ? 14.961  6.670   0.889   1.00 60.63 ? 172 LYS B CE  1 
ATOM   1384 N  NZ  . LYS A 1 173 ? 13.971  7.044   -0.173  1.00 61.26 ? 172 LYS B NZ  1 
ATOM   1385 N  N   . ASP A 1 174 ? 18.574  2.438   2.041   1.00 52.69 ? 173 ASP B N   1 
ATOM   1386 C  CA  . ASP A 1 174 ? 19.661  2.069   1.140   1.00 52.45 ? 173 ASP B CA  1 
ATOM   1387 C  C   . ASP A 1 174 ? 19.891  0.567   1.149   1.00 51.72 ? 173 ASP B C   1 
ATOM   1388 O  O   . ASP A 1 174 ? 20.094  -0.027  0.089   1.00 51.70 ? 173 ASP B O   1 
ATOM   1389 C  CB  . ASP A 1 174 ? 20.958  2.802   1.504   1.00 52.87 ? 173 ASP B CB  1 
ATOM   1390 C  CG  . ASP A 1 174 ? 20.925  4.292   1.140   1.00 53.87 ? 173 ASP B CG  1 
ATOM   1391 O  OD1 . ASP A 1 174 ? 20.011  4.737   0.407   1.00 54.19 ? 173 ASP B OD1 1 
ATOM   1392 O  OD2 . ASP A 1 174 ? 21.827  5.024   1.606   1.00 54.99 ? 173 ASP B OD2 1 
ATOM   1393 N  N   . TYR A 1 175 ? 19.853  -0.057  2.330   1.00 50.51 ? 174 TYR B N   1 
ATOM   1394 C  CA  . TYR A 1 175 ? 20.008  -1.516  2.369   1.00 49.30 ? 174 TYR B CA  1 
ATOM   1395 C  C   . TYR A 1 175 ? 18.867  -2.234  1.647   1.00 48.51 ? 174 TYR B C   1 
ATOM   1396 O  O   . TYR A 1 175 ? 19.113  -3.097  0.804   1.00 47.78 ? 174 TYR B O   1 
ATOM   1397 C  CB  . TYR A 1 175 ? 20.188  -2.077  3.784   1.00 49.27 ? 174 TYR B CB  1 
ATOM   1398 C  CG  . TYR A 1 175 ? 20.210  -3.594  3.772   1.00 48.66 ? 174 TYR B CG  1 
ATOM   1399 C  CD1 . TYR A 1 175 ? 21.346  -4.290  3.364   1.00 47.95 ? 174 TYR B CD1 1 
ATOM   1400 C  CD2 . TYR A 1 175 ? 19.073  -4.333  4.127   1.00 48.03 ? 174 TYR B CD2 1 
ATOM   1401 C  CE1 . TYR A 1 175 ? 21.363  -5.689  3.327   1.00 47.34 ? 174 TYR B CE1 1 
ATOM   1402 C  CE2 . TYR A 1 175 ? 19.074  -5.726  4.096   1.00 46.92 ? 174 TYR B CE2 1 
ATOM   1403 C  CZ  . TYR A 1 175 ? 20.223  -6.397  3.699   1.00 47.99 ? 174 TYR B CZ  1 
ATOM   1404 O  OH  . TYR A 1 175 ? 20.224  -7.776  3.665   1.00 47.77 ? 174 TYR B OH  1 
ATOM   1405 N  N   . MET A 1 176 ? 17.626  -1.880  1.977   1.00 47.81 ? 175 MET B N   1 
ATOM   1406 C  CA  . MET A 1 176 ? 16.481  -2.592  1.411   1.00 46.74 ? 175 MET B CA  1 
ATOM   1407 C  C   . MET A 1 176 ? 16.470  -2.477  -0.111  1.00 46.78 ? 175 MET B C   1 
ATOM   1408 O  O   . MET A 1 176 ? 16.266  -3.475  -0.808  1.00 46.29 ? 175 MET B O   1 
ATOM   1409 C  CB  . MET A 1 176 ? 15.161  -2.107  2.013   1.00 46.49 ? 175 MET B CB  1 
ATOM   1410 C  CG  . MET A 1 176 ? 14.985  -2.441  3.501   1.00 44.59 ? 175 MET B CG  1 
ATOM   1411 S  SD  . MET A 1 176 ? 15.042  -4.214  3.890   1.00 41.71 ? 175 MET B SD  1 
ATOM   1412 C  CE  . MET A 1 176 ? 13.640  -4.805  2.952   1.00 41.48 ? 175 MET B CE  1 
ATOM   1413 N  N   . LEU A 1 177 ? 16.705  -1.266  -0.619  1.00 46.77 ? 176 LEU B N   1 
ATOM   1414 C  CA  . LEU A 1 177 ? 16.759  -1.024  -2.070  1.00 47.24 ? 176 LEU B CA  1 
ATOM   1415 C  C   . LEU A 1 177 ? 17.811  -1.873  -2.775  1.00 47.11 ? 176 LEU B C   1 
ATOM   1416 O  O   . LEU A 1 177 ? 17.567  -2.372  -3.858  1.00 47.58 ? 176 LEU B O   1 
ATOM   1417 C  CB  . LEU A 1 177 ? 16.979  0.455   -2.385  1.00 47.20 ? 176 LEU B CB  1 
ATOM   1418 C  CG  . LEU A 1 177 ? 15.775  1.377   -2.211  1.00 48.70 ? 176 LEU B CG  1 
ATOM   1419 C  CD1 . LEU A 1 177 ? 16.224  2.837   -2.288  1.00 50.67 ? 176 LEU B CD1 1 
ATOM   1420 C  CD2 . LEU A 1 177 ? 14.691  1.097   -3.238  1.00 49.92 ? 176 LEU B CD2 1 
ATOM   1421 N  N   . SER A 1 178 ? 18.967  -2.051  -2.147  1.00 47.32 ? 177 SER B N   1 
ATOM   1422 C  CA  . SER A 1 178 ? 20.026  -2.891  -2.706  1.00 47.84 ? 177 SER B CA  1 
ATOM   1423 C  C   . SER A 1 178 ? 19.676  -4.384  -2.784  1.00 47.74 ? 177 SER B C   1 
ATOM   1424 O  O   . SER A 1 178 ? 20.411  -5.151  -3.402  1.00 47.81 ? 177 SER B O   1 
ATOM   1425 C  CB  . SER A 1 178 ? 21.293  -2.736  -1.881  1.00 47.74 ? 177 SER B CB  1 
ATOM   1426 O  OG  . SER A 1 178 ? 21.195  -3.525  -0.707  1.00 49.89 ? 177 SER B OG  1 
ATOM   1427 N  N   . THR A 1 179 ? 18.586  -4.798  -2.131  1.00 47.44 ? 178 THR B N   1 
ATOM   1428 C  CA  . THR A 1 179 ? 18.207  -6.211  -2.085  1.00 46.66 ? 178 THR B CA  1 
ATOM   1429 C  C   . THR A 1 179 ? 17.090  -6.490  -3.061  1.00 47.27 ? 178 THR B C   1 
ATOM   1430 O  O   . THR A 1 179 ? 16.727  -7.645  -3.286  1.00 47.16 ? 178 THR B O   1 
ATOM   1431 C  CB  . THR A 1 179 ? 17.754  -6.684  -0.669  1.00 46.57 ? 178 THR B CB  1 
ATOM   1432 O  OG1 . THR A 1 179 ? 16.463  -6.142  -0.357  1.00 45.16 ? 178 THR B OG1 1 
ATOM   1433 C  CG2 . THR A 1 179 ? 18.766  -6.301  0.396   1.00 45.50 ? 178 THR B CG2 1 
ATOM   1434 N  N   . PHE A 1 180 ? 16.532  -5.427  -3.633  1.00 47.95 ? 179 PHE B N   1 
ATOM   1435 C  CA  . PHE A 1 180 ? 15.491  -5.569  -4.643  1.00 48.78 ? 179 PHE B CA  1 
ATOM   1436 C  C   . PHE A 1 180 ? 16.115  -5.850  -6.018  1.00 49.50 ? 179 PHE B C   1 
ATOM   1437 O  O   . PHE A 1 180 ? 15.420  -5.855  -7.030  1.00 49.94 ? 179 PHE B O   1 
ATOM   1438 C  CB  . PHE A 1 180 ? 14.608  -4.312  -4.717  1.00 48.76 ? 179 PHE B CB  1 
ATOM   1439 C  CG  . PHE A 1 180 ? 13.906  -3.960  -3.425  1.00 48.12 ? 179 PHE B CG  1 
ATOM   1440 C  CD1 . PHE A 1 180 ? 13.568  -4.941  -2.492  1.00 47.21 ? 179 PHE B CD1 1 
ATOM   1441 C  CD2 . PHE A 1 180 ? 13.552  -2.640  -3.161  1.00 47.18 ? 179 PHE B CD2 1 
ATOM   1442 C  CE1 . PHE A 1 180 ? 12.909  -4.598  -1.298  1.00 47.33 ? 179 PHE B CE1 1 
ATOM   1443 C  CE2 . PHE A 1 180 ? 12.880  -2.291  -1.971  1.00 47.24 ? 179 PHE B CE2 1 
ATOM   1444 C  CZ  . PHE A 1 180 ? 12.567  -3.271  -1.043  1.00 46.16 ? 179 PHE B CZ  1 
ATOM   1445 O  OXT . PHE A 1 180 ? 17.326  -6.081  -6.163  1.00 50.18 ? 179 PHE B OXT 1 
HETATM 1446 CA CA  . CA  B 2 .   ? 14.609  3.022   18.070  1.00 55.45 ? 180 CA  B CA  1 
HETATM 1447 S  S   . SO4 C 3 .   ? 22.694  -18.934 -4.654  1.00 45.83 ? 181 SO4 B S   1 
HETATM 1448 O  O1  . SO4 C 3 .   ? 22.553  -18.030 -5.783  1.00 48.44 ? 181 SO4 B O1  1 
HETATM 1449 O  O2  . SO4 C 3 .   ? 21.904  -18.491 -3.516  1.00 47.67 ? 181 SO4 B O2  1 
HETATM 1450 O  O3  . SO4 C 3 .   ? 22.172  -20.221 -5.094  1.00 46.90 ? 181 SO4 B O3  1 
HETATM 1451 O  O4  . SO4 C 3 .   ? 24.085  -18.993 -4.230  1.00 45.52 ? 181 SO4 B O4  1 
HETATM 1452 S  S   . SO4 D 3 .   ? -26.898 25.730  -1.908  0.80 74.86 ? 182 SO4 B S   1 
HETATM 1453 O  O1  . SO4 D 3 .   ? -25.650 25.175  -1.362  0.80 71.88 ? 182 SO4 B O1  1 
HETATM 1454 O  O2  . SO4 D 3 .   ? -27.083 25.296  -3.297  0.80 72.95 ? 182 SO4 B O2  1 
HETATM 1455 O  O3  . SO4 D 3 .   ? -28.043 25.254  -1.133  0.80 72.15 ? 182 SO4 B O3  1 
HETATM 1456 O  O4  . SO4 D 3 .   ? -26.836 27.198  -1.870  0.80 72.23 ? 182 SO4 B O4  1 
HETATM 1457 CA CA  . CA  E 2 .   ? -22.106 1.863   -16.821 1.00 34.59 ? 183 CA  B CA  1 
HETATM 1458 O  O   . HOH F 4 .   ? 12.983  2.261   19.520  1.00 55.59 ? 184 HOH B O   1 
HETATM 1459 O  O   . HOH F 4 .   ? -22.752 3.251   -17.891 1.00 27.76 ? 185 HOH B O   1 
HETATM 1460 O  O   . HOH F 4 .   ? -26.101 3.110   -10.615 1.00 33.12 ? 186 HOH B O   1 
HETATM 1461 O  O   . HOH F 4 .   ? -23.401 11.143  -18.114 1.00 33.49 ? 187 HOH B O   1 
HETATM 1462 O  O   . HOH F 4 .   ? -17.708 2.101   -21.084 1.00 51.61 ? 188 HOH B O   1 
HETATM 1463 O  O   . HOH F 4 .   ? 1.799   -11.621 -13.045 1.00 62.63 ? 189 HOH B O   1 
HETATM 1464 O  O   . HOH F 4 .   ? -15.427 16.777  -23.400 1.00 55.40 ? 190 HOH B O   1 
HETATM 1465 O  O   . HOH F 4 .   ? -24.840 16.246  0.774   1.00 34.10 ? 191 HOH B O   1 
HETATM 1466 O  O   . HOH F 4 .   ? 13.894  -11.924 19.854  1.00 31.95 ? 192 HOH B O   1 
HETATM 1467 O  O   . HOH F 4 .   ? -22.297 5.996   -22.310 1.00 37.87 ? 193 HOH B O   1 
HETATM 1468 O  O   . HOH F 4 .   ? -16.790 20.056  -8.538  1.00 36.83 ? 194 HOH B O   1 
HETATM 1469 O  O   . HOH F 4 .   ? -29.803 12.600  -0.958  1.00 32.78 ? 195 HOH B O   1 
HETATM 1470 O  O   . HOH F 4 .   ? -13.484 11.915  -17.255 1.00 49.12 ? 196 HOH B O   1 
HETATM 1471 O  O   . HOH F 4 .   ? 19.953  -1.902  21.436  1.00 54.79 ? 197 HOH B O   1 
HETATM 1472 O  O   . HOH F 4 .   ? -11.427 17.290  -10.710 1.00 39.38 ? 198 HOH B O   1 
HETATM 1473 O  O   . HOH F 4 .   ? 16.105  2.437   19.242  1.00 55.45 ? 199 HOH B O   1 
HETATM 1474 O  O   . HOH F 4 .   ? 14.943  -14.770 -9.828  1.00 48.52 ? 200 HOH B O   1 
HETATM 1475 O  O   . HOH F 4 .   ? -22.605 17.527  -12.804 1.00 49.25 ? 201 HOH B O   1 
HETATM 1476 O  O   . HOH F 4 .   ? -26.907 0.940   -8.492  1.00 57.66 ? 202 HOH B O   1 
HETATM 1477 O  O   . HOH F 4 .   ? 3.142   -11.617 7.290   1.00 41.67 ? 203 HOH B O   1 
HETATM 1478 O  O   . HOH F 4 .   ? 2.852   -3.204  8.178   1.00 44.42 ? 204 HOH B O   1 
HETATM 1479 O  O   . HOH F 4 .   ? -25.801 10.197  -17.282 1.00 39.63 ? 205 HOH B O   1 
HETATM 1480 O  O   . HOH F 4 .   ? -26.637 2.179   -16.737 1.00 48.04 ? 206 HOH B O   1 
HETATM 1481 O  O   . HOH F 4 .   ? -11.440 11.477  -11.102 1.00 40.55 ? 207 HOH B O   1 
HETATM 1482 O  O   . HOH F 4 .   ? 18.538  -17.263 2.578   1.00 51.36 ? 208 HOH B O   1 
HETATM 1483 O  O   . HOH F 4 .   ? 15.030  -16.587 3.438   1.00 49.80 ? 209 HOH B O   1 
HETATM 1484 O  O   . HOH F 4 .   ? -20.642 5.241   -18.963 1.00 52.57 ? 210 HOH B O   1 
HETATM 1485 O  O   . HOH F 4 .   ? -21.892 21.974  -1.986  1.00 43.10 ? 211 HOH B O   1 
HETATM 1486 O  O   . HOH F 4 .   ? 19.509  -6.957  -5.193  1.00 63.40 ? 212 HOH B O   1 
HETATM 1487 O  O   . HOH F 4 .   ? 16.834  -9.883  -4.885  1.00 55.65 ? 213 HOH B O   1 
HETATM 1488 O  O   . HOH F 4 .   ? 9.067   4.880   24.107  1.00 60.15 ? 214 HOH B O   1 
HETATM 1489 O  O   . HOH F 4 .   ? 19.122  -10.133 2.568   1.00 48.42 ? 215 HOH B O   1 
HETATM 1490 O  O   . HOH F 4 .   ? 18.522  -18.482 14.913  1.00 64.97 ? 216 HOH B O   1 
HETATM 1491 O  O   . HOH F 4 .   ? 10.771  -3.387  16.533  1.00 44.70 ? 217 HOH B O   1 
HETATM 1492 O  O   . HOH F 4 .   ? -13.693 -1.144  -15.912 1.00 57.71 ? 218 HOH B O   1 
HETATM 1493 O  O   . HOH F 4 .   ? -11.458 -7.338  -6.167  1.00 69.74 ? 219 HOH B O   1 
HETATM 1494 O  O   . HOH F 4 .   ? 13.344  -10.466 -3.397  1.00 45.59 ? 220 HOH B O   1 
HETATM 1495 O  O   . HOH F 4 .   ? -31.374 4.012   -17.195 1.00 68.12 ? 221 HOH B O   1 
HETATM 1496 O  O   . HOH F 4 .   ? 21.592  -16.261 0.048   1.00 39.85 ? 222 HOH B O   1 
HETATM 1497 O  O   . HOH F 4 .   ? 22.651  -10.650 5.710   1.00 51.84 ? 223 HOH B O   1 
HETATM 1498 O  O   . HOH F 4 .   ? 17.763  -12.417 -4.479  1.00 45.77 ? 224 HOH B O   1 
HETATM 1499 O  O   . HOH F 4 .   ? 6.841   -9.171  9.447   1.00 40.48 ? 225 HOH B O   1 
HETATM 1500 O  O   . HOH F 4 .   ? -9.684  3.040   -15.778 1.00 51.25 ? 226 HOH B O   1 
HETATM 1501 O  O   . HOH F 4 .   ? 20.399  -12.162 9.294   1.00 49.54 ? 227 HOH B O   1 
HETATM 1502 O  O   . HOH F 4 .   ? -19.483 17.362  -21.885 1.00 63.01 ? 228 HOH B O   1 
HETATM 1503 O  O   . HOH F 4 .   ? -21.569 1.476   -23.180 1.00 44.78 ? 229 HOH B O   1 
HETATM 1504 O  O   . HOH F 4 .   ? 17.775  -13.369 9.319   1.00 57.09 ? 230 HOH B O   1 
HETATM 1505 O  O   . HOH F 4 .   ? 6.763   -10.997 -19.028 1.00 68.33 ? 231 HOH B O   1 
HETATM 1506 O  O   . HOH F 4 .   ? -26.112 15.563  -12.477 1.00 46.56 ? 232 HOH B O   1 
HETATM 1507 O  O   . HOH F 4 .   ? -15.185 -3.049  -15.117 1.00 52.32 ? 233 HOH B O   1 
HETATM 1508 O  O   . HOH F 4 .   ? -28.096 2.820   -12.205 1.00 39.74 ? 234 HOH B O   1 
HETATM 1509 O  O   . HOH F 4 .   ? -9.224  4.606   1.000   1.00 53.47 ? 235 HOH B O   1 
HETATM 1510 O  O   . HOH F 4 .   ? -18.907 1.259   -23.148 1.00 51.94 ? 236 HOH B O   1 
HETATM 1511 O  O   . HOH F 4 .   ? -26.050 20.016  2.139   1.00 58.77 ? 237 HOH B O   1 
HETATM 1512 O  O   . HOH F 4 .   ? -20.823 21.156  -10.262 1.00 42.81 ? 238 HOH B O   1 
HETATM 1513 O  O   . HOH F 4 .   ? -23.758 13.596  -18.761 1.00 39.75 ? 239 HOH B O   1 
HETATM 1514 O  O   . HOH F 4 .   ? -26.962 12.539  -16.229 1.00 47.69 ? 240 HOH B O   1 
HETATM 1515 O  O   . HOH F 4 .   ? -28.627 24.576  1.136   1.00 84.87 ? 241 HOH B O   1 
# 
